data_2HJ1
# 
_entry.id   2HJ1 
# 
_audit_conform.dict_name       mmcif_pdbx.dic 
_audit_conform.dict_version    5.387 
_audit_conform.dict_location   http://mmcif.pdb.org/dictionaries/ascii/mmcif_pdbx.dic 
# 
loop_
_database_2.database_id 
_database_2.database_code 
_database_2.pdbx_database_accession 
_database_2.pdbx_DOI 
PDB   2HJ1         pdb_00002hj1 10.2210/pdb2hj1/pdb 
RCSB  RCSB038397   ?            ?                   
WWPDB D_1000038397 ?            ?                   
# 
loop_
_pdbx_audit_revision_history.ordinal 
_pdbx_audit_revision_history.data_content_type 
_pdbx_audit_revision_history.major_revision 
_pdbx_audit_revision_history.minor_revision 
_pdbx_audit_revision_history.revision_date 
1 'Structure model' 1 0 2006-08-29 
2 'Structure model' 1 1 2008-05-01 
3 'Structure model' 1 2 2011-07-13 
4 'Structure model' 1 3 2017-10-18 
5 'Structure model' 1 4 2021-02-03 
6 'Structure model' 1 5 2024-02-14 
# 
_pdbx_audit_revision_details.ordinal             1 
_pdbx_audit_revision_details.revision_ordinal    1 
_pdbx_audit_revision_details.data_content_type   'Structure model' 
_pdbx_audit_revision_details.provider            repository 
_pdbx_audit_revision_details.type                'Initial release' 
_pdbx_audit_revision_details.description         ? 
_pdbx_audit_revision_details.details             ? 
# 
loop_
_pdbx_audit_revision_group.ordinal 
_pdbx_audit_revision_group.revision_ordinal 
_pdbx_audit_revision_group.data_content_type 
_pdbx_audit_revision_group.group 
1 2 'Structure model' 'Version format compliance' 
2 3 'Structure model' 'Source and taxonomy'       
3 3 'Structure model' 'Version format compliance' 
4 4 'Structure model' 'Refinement description'    
5 5 'Structure model' 'Database references'       
6 5 'Structure model' 'Derived calculations'      
7 5 'Structure model' 'Structure summary'         
8 6 'Structure model' 'Data collection'           
9 6 'Structure model' 'Database references'       
# 
loop_
_pdbx_audit_revision_category.ordinal 
_pdbx_audit_revision_category.revision_ordinal 
_pdbx_audit_revision_category.data_content_type 
_pdbx_audit_revision_category.category 
1 4 'Structure model' software           
2 5 'Structure model' audit_author       
3 5 'Structure model' struct_ref_seq_dif 
4 5 'Structure model' struct_site        
5 6 'Structure model' chem_comp_atom     
6 6 'Structure model' chem_comp_bond     
7 6 'Structure model' database_2         
# 
loop_
_pdbx_audit_revision_item.ordinal 
_pdbx_audit_revision_item.revision_ordinal 
_pdbx_audit_revision_item.data_content_type 
_pdbx_audit_revision_item.item 
1  4 'Structure model' '_software.classification'            
2  4 'Structure model' '_software.contact_author'            
3  4 'Structure model' '_software.contact_author_email'      
4  4 'Structure model' '_software.date'                      
5  4 'Structure model' '_software.language'                  
6  4 'Structure model' '_software.location'                  
7  4 'Structure model' '_software.name'                      
8  4 'Structure model' '_software.type'                      
9  4 'Structure model' '_software.version'                   
10 5 'Structure model' '_audit_author.identifier_ORCID'      
11 5 'Structure model' '_struct_ref_seq_dif.details'         
12 5 'Structure model' '_struct_site.pdbx_auth_asym_id'      
13 5 'Structure model' '_struct_site.pdbx_auth_comp_id'      
14 5 'Structure model' '_struct_site.pdbx_auth_seq_id'       
15 6 'Structure model' '_database_2.pdbx_DOI'                
16 6 'Structure model' '_database_2.pdbx_database_accession' 
# 
_pdbx_database_status.entry_id                        2HJ1 
_pdbx_database_status.deposit_site                    RCSB 
_pdbx_database_status.process_site                    RCSB 
_pdbx_database_status.recvd_initial_deposition_date   2006-06-29 
_pdbx_database_status.status_code                     REL 
_pdbx_database_status.status_code_sf                  REL 
_pdbx_database_status.status_code_mr                  ? 
_pdbx_database_status.SG_entry                        Y 
_pdbx_database_status.pdb_format_compatible           Y 
_pdbx_database_status.status_code_cs                  ? 
_pdbx_database_status.methods_development_category    ? 
_pdbx_database_status.status_code_nmr_data            ? 
# 
_pdbx_database_related.db_name        TargetDB 
_pdbx_database_related.db_id          NYSGXRC-2736c 
_pdbx_database_related.details        . 
_pdbx_database_related.content_type   unspecified 
# 
loop_
_audit_author.name 
_audit_author.pdbx_ordinal 
_audit_author.identifier_ORCID 
'Ramagopal, U.A.'                                                1 ?                   
'Patskovsky, Y.V.'                                               2 ?                   
'Toro, R.'                                                       3 ?                   
'Almo, S.C.'                                                     4 ?                   
'Burley, S.K.'                                                   5 0000-0002-2487-9713 
'New York SGX Research Center for Structural Genomics (NYSGXRC)' 6 ?                   
# 
_citation.id                        primary 
_citation.title                     
'Crystal structure of a 3D domain-swapped dimer of hypothetical protein from Haemophilus influenzae (CASP Target)' 
_citation.journal_abbrev            'To be Published' 
_citation.journal_volume            ? 
_citation.page_first                ? 
_citation.page_last                 ? 
_citation.year                      ? 
_citation.journal_id_ASTM           ? 
_citation.country                   ? 
_citation.journal_id_ISSN           ? 
_citation.journal_id_CSD            0353 
_citation.book_publisher            ? 
_citation.pdbx_database_id_PubMed   ? 
_citation.pdbx_database_id_DOI      ? 
# 
loop_
_citation_author.citation_id 
_citation_author.name 
_citation_author.ordinal 
_citation_author.identifier_ORCID 
primary 'Ramagopal, U.A.'  1 ? 
primary 'Patskovsky, Y.V.' 2 ? 
primary 'Toro, R.'         3 ? 
primary 'Almo, S.C.'       4 ? 
# 
loop_
_entity.id 
_entity.type 
_entity.src_method 
_entity.pdbx_description 
_entity.formula_weight 
_entity.pdbx_number_of_molecules 
_entity.pdbx_ec 
_entity.pdbx_mutation 
_entity.pdbx_fragment 
_entity.details 
1 polymer     man 'Hypothetical protein' 11227.758 2  ? ? ? ? 
2 non-polymer syn 'SULFATE ION'          96.063    4  ? ? ? ? 
3 water       nat water                  18.015    75 ? ? ? ? 
# 
_entity_poly.entity_id                      1 
_entity_poly.type                           'polypeptide(L)' 
_entity_poly.nstd_linkage                   no 
_entity_poly.nstd_monomer                   no 
_entity_poly.pdbx_seq_one_letter_code       
;MAHHHHHHSLNQINIEIAYAFPERYYLKSFQVDEGITVQTAITQSGILSQFPEIDLSTNKIGIFSRPIKLTDVLKEGDRI
EIYRPLLADPKEIRREG
;
_entity_poly.pdbx_seq_one_letter_code_can   
;MAHHHHHHSLNQINIEIAYAFPERYYLKSFQVDEGITVQTAITQSGILSQFPEIDLSTNKIGIFSRPIKLTDVLKEGDRI
EIYRPLLADPKEIRREG
;
_entity_poly.pdbx_strand_id                 A,B 
_entity_poly.pdbx_target_identifier         NYSGXRC-2736c 
# 
loop_
_pdbx_entity_nonpoly.entity_id 
_pdbx_entity_nonpoly.name 
_pdbx_entity_nonpoly.comp_id 
2 'SULFATE ION' SO4 
3 water         HOH 
# 
loop_
_entity_poly_seq.entity_id 
_entity_poly_seq.num 
_entity_poly_seq.mon_id 
_entity_poly_seq.hetero 
1 1  MET n 
1 2  ALA n 
1 3  HIS n 
1 4  HIS n 
1 5  HIS n 
1 6  HIS n 
1 7  HIS n 
1 8  HIS n 
1 9  SER n 
1 10 LEU n 
1 11 ASN n 
1 12 GLN n 
1 13 ILE n 
1 14 ASN n 
1 15 ILE n 
1 16 GLU n 
1 17 ILE n 
1 18 ALA n 
1 19 TYR n 
1 20 ALA n 
1 21 PHE n 
1 22 PRO n 
1 23 GLU n 
1 24 ARG n 
1 25 TYR n 
1 26 TYR n 
1 27 LEU n 
1 28 LYS n 
1 29 SER n 
1 30 PHE n 
1 31 GLN n 
1 32 VAL n 
1 33 ASP n 
1 34 GLU n 
1 35 GLY n 
1 36 ILE n 
1 37 THR n 
1 38 VAL n 
1 39 GLN n 
1 40 THR n 
1 41 ALA n 
1 42 ILE n 
1 43 THR n 
1 44 GLN n 
1 45 SER n 
1 46 GLY n 
1 47 ILE n 
1 48 LEU n 
1 49 SER n 
1 50 GLN n 
1 51 PHE n 
1 52 PRO n 
1 53 GLU n 
1 54 ILE n 
1 55 ASP n 
1 56 LEU n 
1 57 SER n 
1 58 THR n 
1 59 ASN n 
1 60 LYS n 
1 61 ILE n 
1 62 GLY n 
1 63 ILE n 
1 64 PHE n 
1 65 SER n 
1 66 ARG n 
1 67 PRO n 
1 68 ILE n 
1 69 LYS n 
1 70 LEU n 
1 71 THR n 
1 72 ASP n 
1 73 VAL n 
1 74 LEU n 
1 75 LYS n 
1 76 GLU n 
1 77 GLY n 
1 78 ASP n 
1 79 ARG n 
1 80 ILE n 
1 81 GLU n 
1 82 ILE n 
1 83 TYR n 
1 84 ARG n 
1 85 PRO n 
1 86 LEU n 
1 87 LEU n 
1 88 ALA n 
1 89 ASP n 
1 90 PRO n 
1 91 LYS n 
1 92 GLU n 
1 93 ILE n 
1 94 ARG n 
1 95 ARG n 
1 96 GLU n 
1 97 GLY n 
# 
_entity_src_gen.entity_id                          1 
_entity_src_gen.pdbx_src_id                        1 
_entity_src_gen.pdbx_alt_source_flag               sample 
_entity_src_gen.pdbx_seq_type                      ? 
_entity_src_gen.pdbx_beg_seq_num                   ? 
_entity_src_gen.pdbx_end_seq_num                   ? 
_entity_src_gen.gene_src_common_name               ? 
_entity_src_gen.gene_src_genus                     Haemophilus 
_entity_src_gen.pdbx_gene_src_gene                 ? 
_entity_src_gen.gene_src_species                   'Haemophilus influenzae' 
_entity_src_gen.gene_src_strain                    86-028NP 
_entity_src_gen.gene_src_tissue                    ? 
_entity_src_gen.gene_src_tissue_fraction           ? 
_entity_src_gen.gene_src_details                   ? 
_entity_src_gen.pdbx_gene_src_fragment             ? 
_entity_src_gen.pdbx_gene_src_scientific_name      'Haemophilus influenzae' 
_entity_src_gen.pdbx_gene_src_ncbi_taxonomy_id     281310 
_entity_src_gen.pdbx_gene_src_variant              ? 
_entity_src_gen.pdbx_gene_src_cell_line            ? 
_entity_src_gen.pdbx_gene_src_atcc                 ? 
_entity_src_gen.pdbx_gene_src_organ                ? 
_entity_src_gen.pdbx_gene_src_organelle            ? 
_entity_src_gen.pdbx_gene_src_cell                 ? 
_entity_src_gen.pdbx_gene_src_cellular_location    ? 
_entity_src_gen.host_org_common_name               ? 
_entity_src_gen.pdbx_host_org_scientific_name      'Escherichia coli' 
_entity_src_gen.pdbx_host_org_ncbi_taxonomy_id     562 
_entity_src_gen.host_org_genus                     Escherichia 
_entity_src_gen.pdbx_host_org_gene                 ? 
_entity_src_gen.pdbx_host_org_organ                ? 
_entity_src_gen.host_org_species                   ? 
_entity_src_gen.pdbx_host_org_tissue               ? 
_entity_src_gen.pdbx_host_org_tissue_fraction      ? 
_entity_src_gen.pdbx_host_org_strain               ? 
_entity_src_gen.pdbx_host_org_variant              ? 
_entity_src_gen.pdbx_host_org_cell_line            ? 
_entity_src_gen.pdbx_host_org_atcc                 ? 
_entity_src_gen.pdbx_host_org_culture_collection   ? 
_entity_src_gen.pdbx_host_org_cell                 ? 
_entity_src_gen.pdbx_host_org_organelle            ? 
_entity_src_gen.pdbx_host_org_cellular_location    ? 
_entity_src_gen.pdbx_host_org_vector_type          ? 
_entity_src_gen.pdbx_host_org_vector               ? 
_entity_src_gen.host_org_details                   ? 
_entity_src_gen.expression_system_id               ? 
_entity_src_gen.plasmid_name                       ? 
_entity_src_gen.plasmid_details                    ? 
_entity_src_gen.pdbx_description                   ? 
# 
loop_
_chem_comp.id 
_chem_comp.type 
_chem_comp.mon_nstd_flag 
_chem_comp.name 
_chem_comp.pdbx_synonyms 
_chem_comp.formula 
_chem_comp.formula_weight 
ALA 'L-peptide linking' y ALANINE         ? 'C3 H7 N O2'     89.093  
ARG 'L-peptide linking' y ARGININE        ? 'C6 H15 N4 O2 1' 175.209 
ASN 'L-peptide linking' y ASPARAGINE      ? 'C4 H8 N2 O3'    132.118 
ASP 'L-peptide linking' y 'ASPARTIC ACID' ? 'C4 H7 N O4'     133.103 
GLN 'L-peptide linking' y GLUTAMINE       ? 'C5 H10 N2 O3'   146.144 
GLU 'L-peptide linking' y 'GLUTAMIC ACID' ? 'C5 H9 N O4'     147.129 
GLY 'peptide linking'   y GLYCINE         ? 'C2 H5 N O2'     75.067  
HIS 'L-peptide linking' y HISTIDINE       ? 'C6 H10 N3 O2 1' 156.162 
HOH non-polymer         . WATER           ? 'H2 O'           18.015  
ILE 'L-peptide linking' y ISOLEUCINE      ? 'C6 H13 N O2'    131.173 
LEU 'L-peptide linking' y LEUCINE         ? 'C6 H13 N O2'    131.173 
LYS 'L-peptide linking' y LYSINE          ? 'C6 H15 N2 O2 1' 147.195 
MET 'L-peptide linking' y METHIONINE      ? 'C5 H11 N O2 S'  149.211 
PHE 'L-peptide linking' y PHENYLALANINE   ? 'C9 H11 N O2'    165.189 
PRO 'L-peptide linking' y PROLINE         ? 'C5 H9 N O2'     115.130 
SER 'L-peptide linking' y SERINE          ? 'C3 H7 N O3'     105.093 
SO4 non-polymer         . 'SULFATE ION'   ? 'O4 S -2'        96.063  
THR 'L-peptide linking' y THREONINE       ? 'C4 H9 N O3'     119.119 
TYR 'L-peptide linking' y TYROSINE        ? 'C9 H11 N O3'    181.189 
VAL 'L-peptide linking' y VALINE          ? 'C5 H11 N O2'    117.146 
# 
loop_
_pdbx_poly_seq_scheme.asym_id 
_pdbx_poly_seq_scheme.entity_id 
_pdbx_poly_seq_scheme.seq_id 
_pdbx_poly_seq_scheme.mon_id 
_pdbx_poly_seq_scheme.ndb_seq_num 
_pdbx_poly_seq_scheme.pdb_seq_num 
_pdbx_poly_seq_scheme.auth_seq_num 
_pdbx_poly_seq_scheme.pdb_mon_id 
_pdbx_poly_seq_scheme.auth_mon_id 
_pdbx_poly_seq_scheme.pdb_strand_id 
_pdbx_poly_seq_scheme.pdb_ins_code 
_pdbx_poly_seq_scheme.hetero 
A 1 1  MET 1  1  ?  ?   ?   A . n 
A 1 2  ALA 2  2  ?  ?   ?   A . n 
A 1 3  HIS 3  3  ?  ?   ?   A . n 
A 1 4  HIS 4  4  ?  ?   ?   A . n 
A 1 5  HIS 5  5  ?  ?   ?   A . n 
A 1 6  HIS 6  6  ?  ?   ?   A . n 
A 1 7  HIS 7  7  ?  ?   ?   A . n 
A 1 8  HIS 8  8  ?  ?   ?   A . n 
A 1 9  SER 9  9  ?  ?   ?   A . n 
A 1 10 LEU 10 10 ?  ?   ?   A . n 
A 1 11 ASN 11 11 11 ASN ASN A . n 
A 1 12 GLN 12 12 12 GLN GLN A . n 
A 1 13 ILE 13 13 13 ILE ILE A . n 
A 1 14 ASN 14 14 14 ASN ASN A . n 
A 1 15 ILE 15 15 15 ILE ILE A . n 
A 1 16 GLU 16 16 16 GLU GLU A . n 
A 1 17 ILE 17 17 17 ILE ILE A . n 
A 1 18 ALA 18 18 18 ALA ALA A . n 
A 1 19 TYR 19 19 19 TYR TYR A . n 
A 1 20 ALA 20 20 20 ALA ALA A . n 
A 1 21 PHE 21 21 21 PHE PHE A . n 
A 1 22 PRO 22 22 22 PRO PRO A . n 
A 1 23 GLU 23 23 23 GLU GLU A . n 
A 1 24 ARG 24 24 24 ARG ARG A . n 
A 1 25 TYR 25 25 25 TYR TYR A . n 
A 1 26 TYR 26 26 26 TYR TYR A . n 
A 1 27 LEU 27 27 27 LEU LEU A . n 
A 1 28 LYS 28 28 28 LYS LYS A . n 
A 1 29 SER 29 29 29 SER SER A . n 
A 1 30 PHE 30 30 30 PHE PHE A . n 
A 1 31 GLN 31 31 31 GLN GLN A . n 
A 1 32 VAL 32 32 32 VAL VAL A . n 
A 1 33 ASP 33 33 33 ASP ASP A . n 
A 1 34 GLU 34 34 34 GLU GLU A . n 
A 1 35 GLY 35 35 35 GLY GLY A . n 
A 1 36 ILE 36 36 36 ILE ILE A . n 
A 1 37 THR 37 37 37 THR THR A . n 
A 1 38 VAL 38 38 38 VAL VAL A . n 
A 1 39 GLN 39 39 39 GLN GLN A . n 
A 1 40 THR 40 40 40 THR THR A . n 
A 1 41 ALA 41 41 41 ALA ALA A . n 
A 1 42 ILE 42 42 42 ILE ILE A . n 
A 1 43 THR 43 43 43 THR THR A . n 
A 1 44 GLN 44 44 44 GLN GLN A . n 
A 1 45 SER 45 45 45 SER SER A . n 
A 1 46 GLY 46 46 46 GLY GLY A . n 
A 1 47 ILE 47 47 47 ILE ILE A . n 
A 1 48 LEU 48 48 48 LEU LEU A . n 
A 1 49 SER 49 49 49 SER SER A . n 
A 1 50 GLN 50 50 50 GLN GLN A . n 
A 1 51 PHE 51 51 51 PHE PHE A . n 
A 1 52 PRO 52 52 52 PRO PRO A . n 
A 1 53 GLU 53 53 53 GLU GLU A . n 
A 1 54 ILE 54 54 54 ILE ILE A . n 
A 1 55 ASP 55 55 55 ASP ASP A . n 
A 1 56 LEU 56 56 56 LEU LEU A . n 
A 1 57 SER 57 57 57 SER SER A . n 
A 1 58 THR 58 58 58 THR THR A . n 
A 1 59 ASN 59 59 59 ASN ASN A . n 
A 1 60 LYS 60 60 60 LYS LYS A . n 
A 1 61 ILE 61 61 61 ILE ILE A . n 
A 1 62 GLY 62 62 62 GLY GLY A . n 
A 1 63 ILE 63 63 63 ILE ILE A . n 
A 1 64 PHE 64 64 64 PHE PHE A . n 
A 1 65 SER 65 65 65 SER SER A . n 
A 1 66 ARG 66 66 66 ARG ARG A . n 
A 1 67 PRO 67 67 67 PRO PRO A . n 
A 1 68 ILE 68 68 68 ILE ILE A . n 
A 1 69 LYS 69 69 69 LYS LYS A . n 
A 1 70 LEU 70 70 70 LEU LEU A . n 
A 1 71 THR 71 71 71 THR THR A . n 
A 1 72 ASP 72 72 72 ASP ASP A . n 
A 1 73 VAL 73 73 73 VAL VAL A . n 
A 1 74 LEU 74 74 74 LEU LEU A . n 
A 1 75 LYS 75 75 75 LYS LYS A . n 
A 1 76 GLU 76 76 76 GLU GLU A . n 
A 1 77 GLY 77 77 77 GLY GLY A . n 
A 1 78 ASP 78 78 78 ASP ASP A . n 
A 1 79 ARG 79 79 79 ARG ARG A . n 
A 1 80 ILE 80 80 80 ILE ILE A . n 
A 1 81 GLU 81 81 81 GLU GLU A . n 
A 1 82 ILE 82 82 82 ILE ILE A . n 
A 1 83 TYR 83 83 83 TYR TYR A . n 
A 1 84 ARG 84 84 84 ARG ARG A . n 
A 1 85 PRO 85 85 85 PRO PRO A . n 
A 1 86 LEU 86 86 86 LEU LEU A . n 
A 1 87 LEU 87 87 87 LEU LEU A . n 
A 1 88 ALA 88 88 ?  ?   ?   A . n 
A 1 89 ASP 89 89 ?  ?   ?   A . n 
A 1 90 PRO 90 90 ?  ?   ?   A . n 
A 1 91 LYS 91 91 ?  ?   ?   A . n 
A 1 92 GLU 92 92 ?  ?   ?   A . n 
A 1 93 ILE 93 93 ?  ?   ?   A . n 
A 1 94 ARG 94 94 ?  ?   ?   A . n 
A 1 95 ARG 95 95 ?  ?   ?   A . n 
A 1 96 GLU 96 96 ?  ?   ?   A . n 
A 1 97 GLY 97 97 ?  ?   ?   A . n 
B 1 1  MET 1  1  ?  ?   ?   B . n 
B 1 2  ALA 2  2  ?  ?   ?   B . n 
B 1 3  HIS 3  3  ?  ?   ?   B . n 
B 1 4  HIS 4  4  ?  ?   ?   B . n 
B 1 5  HIS 5  5  ?  ?   ?   B . n 
B 1 6  HIS 6  6  ?  ?   ?   B . n 
B 1 7  HIS 7  7  ?  ?   ?   B . n 
B 1 8  HIS 8  8  ?  ?   ?   B . n 
B 1 9  SER 9  9  ?  ?   ?   B . n 
B 1 10 LEU 10 10 10 LEU LEU B . n 
B 1 11 ASN 11 11 11 ASN ASN B . n 
B 1 12 GLN 12 12 12 GLN GLN B . n 
B 1 13 ILE 13 13 13 ILE ILE B . n 
B 1 14 ASN 14 14 14 ASN ASN B . n 
B 1 15 ILE 15 15 15 ILE ILE B . n 
B 1 16 GLU 16 16 16 GLU GLU B . n 
B 1 17 ILE 17 17 17 ILE ILE B . n 
B 1 18 ALA 18 18 18 ALA ALA B . n 
B 1 19 TYR 19 19 19 TYR TYR B . n 
B 1 20 ALA 20 20 20 ALA ALA B . n 
B 1 21 PHE 21 21 21 PHE PHE B . n 
B 1 22 PRO 22 22 22 PRO PRO B . n 
B 1 23 GLU 23 23 23 GLU GLU B . n 
B 1 24 ARG 24 24 24 ARG ARG B . n 
B 1 25 TYR 25 25 25 TYR TYR B . n 
B 1 26 TYR 26 26 26 TYR TYR B . n 
B 1 27 LEU 27 27 27 LEU LEU B . n 
B 1 28 LYS 28 28 28 LYS LYS B . n 
B 1 29 SER 29 29 29 SER SER B . n 
B 1 30 PHE 30 30 30 PHE PHE B . n 
B 1 31 GLN 31 31 31 GLN GLN B . n 
B 1 32 VAL 32 32 32 VAL VAL B . n 
B 1 33 ASP 33 33 33 ASP ASP B . n 
B 1 34 GLU 34 34 34 GLU GLU B . n 
B 1 35 GLY 35 35 35 GLY GLY B . n 
B 1 36 ILE 36 36 36 ILE ILE B . n 
B 1 37 THR 37 37 37 THR THR B . n 
B 1 38 VAL 38 38 38 VAL VAL B . n 
B 1 39 GLN 39 39 39 GLN GLN B . n 
B 1 40 THR 40 40 40 THR THR B . n 
B 1 41 ALA 41 41 41 ALA ALA B . n 
B 1 42 ILE 42 42 42 ILE ILE B . n 
B 1 43 THR 43 43 43 THR THR B . n 
B 1 44 GLN 44 44 44 GLN GLN B . n 
B 1 45 SER 45 45 45 SER SER B . n 
B 1 46 GLY 46 46 46 GLY GLY B . n 
B 1 47 ILE 47 47 47 ILE ILE B . n 
B 1 48 LEU 48 48 48 LEU LEU B . n 
B 1 49 SER 49 49 49 SER SER B . n 
B 1 50 GLN 50 50 50 GLN GLN B . n 
B 1 51 PHE 51 51 51 PHE PHE B . n 
B 1 52 PRO 52 52 52 PRO PRO B . n 
B 1 53 GLU 53 53 53 GLU GLU B . n 
B 1 54 ILE 54 54 54 ILE ILE B . n 
B 1 55 ASP 55 55 55 ASP ASP B . n 
B 1 56 LEU 56 56 56 LEU LEU B . n 
B 1 57 SER 57 57 57 SER SER B . n 
B 1 58 THR 58 58 58 THR THR B . n 
B 1 59 ASN 59 59 59 ASN ASN B . n 
B 1 60 LYS 60 60 60 LYS LYS B . n 
B 1 61 ILE 61 61 61 ILE ILE B . n 
B 1 62 GLY 62 62 62 GLY GLY B . n 
B 1 63 ILE 63 63 63 ILE ILE B . n 
B 1 64 PHE 64 64 64 PHE PHE B . n 
B 1 65 SER 65 65 65 SER SER B . n 
B 1 66 ARG 66 66 66 ARG ARG B . n 
B 1 67 PRO 67 67 67 PRO PRO B . n 
B 1 68 ILE 68 68 68 ILE ILE B . n 
B 1 69 LYS 69 69 69 LYS LYS B . n 
B 1 70 LEU 70 70 70 LEU LEU B . n 
B 1 71 THR 71 71 71 THR THR B . n 
B 1 72 ASP 72 72 72 ASP ASP B . n 
B 1 73 VAL 73 73 73 VAL VAL B . n 
B 1 74 LEU 74 74 74 LEU LEU B . n 
B 1 75 LYS 75 75 75 LYS LYS B . n 
B 1 76 GLU 76 76 76 GLU GLU B . n 
B 1 77 GLY 77 77 77 GLY GLY B . n 
B 1 78 ASP 78 78 78 ASP ASP B . n 
B 1 79 ARG 79 79 79 ARG ARG B . n 
B 1 80 ILE 80 80 80 ILE ILE B . n 
B 1 81 GLU 81 81 81 GLU GLU B . n 
B 1 82 ILE 82 82 82 ILE ILE B . n 
B 1 83 TYR 83 83 83 TYR TYR B . n 
B 1 84 ARG 84 84 84 ARG ARG B . n 
B 1 85 PRO 85 85 85 PRO PRO B . n 
B 1 86 LEU 86 86 86 LEU LEU B . n 
B 1 87 LEU 87 87 87 LEU LEU B . n 
B 1 88 ALA 88 88 88 ALA ALA B . n 
B 1 89 ASP 89 89 89 ASP ASP B . n 
B 1 90 PRO 90 90 ?  ?   ?   B . n 
B 1 91 LYS 91 91 ?  ?   ?   B . n 
B 1 92 GLU 92 92 ?  ?   ?   B . n 
B 1 93 ILE 93 93 ?  ?   ?   B . n 
B 1 94 ARG 94 94 ?  ?   ?   B . n 
B 1 95 ARG 95 95 ?  ?   ?   B . n 
B 1 96 GLU 96 96 ?  ?   ?   B . n 
B 1 97 GLY 97 97 ?  ?   ?   B . n 
# 
loop_
_pdbx_nonpoly_scheme.asym_id 
_pdbx_nonpoly_scheme.entity_id 
_pdbx_nonpoly_scheme.mon_id 
_pdbx_nonpoly_scheme.ndb_seq_num 
_pdbx_nonpoly_scheme.pdb_seq_num 
_pdbx_nonpoly_scheme.auth_seq_num 
_pdbx_nonpoly_scheme.pdb_mon_id 
_pdbx_nonpoly_scheme.auth_mon_id 
_pdbx_nonpoly_scheme.pdb_strand_id 
_pdbx_nonpoly_scheme.pdb_ins_code 
C 2 SO4 1  202 202 SO4 SO4 A . 
D 2 SO4 1  201 201 SO4 SO4 B . 
E 2 SO4 1  203 203 SO4 SO4 B . 
F 2 SO4 1  204 204 SO4 SO4 B . 
G 3 HOH 1  203 4   HOH HOH A . 
G 3 HOH 2  204 6   HOH HOH A . 
G 3 HOH 3  205 9   HOH HOH A . 
G 3 HOH 4  206 10  HOH HOH A . 
G 3 HOH 5  207 14  HOH HOH A . 
G 3 HOH 6  208 17  HOH HOH A . 
G 3 HOH 7  209 18  HOH HOH A . 
G 3 HOH 8  210 19  HOH HOH A . 
G 3 HOH 9  211 29  HOH HOH A . 
G 3 HOH 10 212 31  HOH HOH A . 
G 3 HOH 11 213 33  HOH HOH A . 
G 3 HOH 12 214 35  HOH HOH A . 
G 3 HOH 13 215 38  HOH HOH A . 
G 3 HOH 14 216 41  HOH HOH A . 
G 3 HOH 15 217 46  HOH HOH A . 
G 3 HOH 16 218 47  HOH HOH A . 
G 3 HOH 17 219 49  HOH HOH A . 
G 3 HOH 18 220 51  HOH HOH A . 
G 3 HOH 19 221 52  HOH HOH A . 
G 3 HOH 20 222 59  HOH HOH A . 
G 3 HOH 21 223 60  HOH HOH A . 
G 3 HOH 22 224 64  HOH HOH A . 
G 3 HOH 23 225 66  HOH HOH A . 
G 3 HOH 24 226 67  HOH HOH A . 
G 3 HOH 25 227 69  HOH HOH A . 
G 3 HOH 26 228 70  HOH HOH A . 
G 3 HOH 27 229 71  HOH HOH A . 
G 3 HOH 28 230 75  HOH HOH A . 
G 3 HOH 29 231 76  HOH HOH A . 
G 3 HOH 30 232 80  HOH HOH A . 
G 3 HOH 31 233 81  HOH HOH A . 
G 3 HOH 32 234 84  HOH HOH A . 
G 3 HOH 33 235 88  HOH HOH A . 
G 3 HOH 34 236 101 HOH HOH A . 
H 3 HOH 1  205 2   HOH HOH B . 
H 3 HOH 2  206 3   HOH HOH B . 
H 3 HOH 3  207 5   HOH HOH B . 
H 3 HOH 4  208 7   HOH HOH B . 
H 3 HOH 5  209 8   HOH HOH B . 
H 3 HOH 6  210 11  HOH HOH B . 
H 3 HOH 7  211 12  HOH HOH B . 
H 3 HOH 8  212 13  HOH HOH B . 
H 3 HOH 9  213 15  HOH HOH B . 
H 3 HOH 10 214 16  HOH HOH B . 
H 3 HOH 11 215 20  HOH HOH B . 
H 3 HOH 12 216 21  HOH HOH B . 
H 3 HOH 13 217 22  HOH HOH B . 
H 3 HOH 14 218 23  HOH HOH B . 
H 3 HOH 15 219 25  HOH HOH B . 
H 3 HOH 16 220 26  HOH HOH B . 
H 3 HOH 17 221 27  HOH HOH B . 
H 3 HOH 18 222 28  HOH HOH B . 
H 3 HOH 19 223 30  HOH HOH B . 
H 3 HOH 20 224 32  HOH HOH B . 
H 3 HOH 21 225 34  HOH HOH B . 
H 3 HOH 22 226 36  HOH HOH B . 
H 3 HOH 23 227 37  HOH HOH B . 
H 3 HOH 24 228 39  HOH HOH B . 
H 3 HOH 25 229 42  HOH HOH B . 
H 3 HOH 26 230 43  HOH HOH B . 
H 3 HOH 27 231 44  HOH HOH B . 
H 3 HOH 28 232 45  HOH HOH B . 
H 3 HOH 29 233 53  HOH HOH B . 
H 3 HOH 30 234 55  HOH HOH B . 
H 3 HOH 31 235 57  HOH HOH B . 
H 3 HOH 32 236 61  HOH HOH B . 
H 3 HOH 33 237 62  HOH HOH B . 
H 3 HOH 34 238 63  HOH HOH B . 
H 3 HOH 35 239 68  HOH HOH B . 
H 3 HOH 36 240 73  HOH HOH B . 
H 3 HOH 37 241 79  HOH HOH B . 
H 3 HOH 38 242 87  HOH HOH B . 
H 3 HOH 39 243 91  HOH HOH B . 
H 3 HOH 40 244 94  HOH HOH B . 
H 3 HOH 41 245 65  HOH HOH B . 
# 
loop_
_software.name 
_software.version 
_software.date 
_software.type 
_software.contact_author 
_software.contact_author_email 
_software.classification 
_software.location 
_software.language 
_software.citation_id 
_software.pdbx_ordinal 
DENZO       .     ?                package 'Zbyszek Otwinowski' zbyszek@mix.swmed.edu    'data reduction'  
http://www.lnls.br/infra/linhasluz/denzo-hkl.htm ?          ? 1 
SCALEPACK   .     ?                package 'Zbyszek Otwinowski' zbyszek@mix.swmed.edu    'data scaling'    
http://www.lnls.br/infra/linhasluz/denzo-hkl.htm ?          ? 2 
REFMAC      .     ?                program 'Murshudov, G.N.'    ccp4@dl.ac.uk            refinement        
http://www.ccp4.ac.uk/main.html                  Fortran_77 ? 3 
PDB_EXTRACT 2.000 'April. 3, 2006' package PDB                  sw-help@rcsb.rutgers.edu 'data extraction' 
http://pdb.rutgers.edu/software/                 C++        ? 4 
HKL-2000    .     ?                ?       ?                    ?                        'data reduction'  ? ?          ? 5 
SHELXD      .     ?                ?       ?                    ?                        phasing           ? ?          ? 6 
SHELXE      .     ?                ?       ?                    ?                        'model building'  ? ?          ? 7 
DM          .     ?                ?       ?                    ?                        phasing           ? ?          ? 8 
# 
_cell.length_a           74.381 
_cell.length_b           74.381 
_cell.length_c           117.027 
_cell.angle_alpha        90.000 
_cell.angle_beta         90.000 
_cell.angle_gamma        90.000 
_cell.entry_id           2HJ1 
_cell.pdbx_unique_axis   ? 
_cell.Z_PDB              16 
_cell.length_a_esd       ? 
_cell.length_b_esd       ? 
_cell.length_c_esd       ? 
_cell.angle_alpha_esd    ? 
_cell.angle_beta_esd     ? 
_cell.angle_gamma_esd    ? 
# 
_symmetry.space_group_name_H-M             'P 43 21 2' 
_symmetry.entry_id                         2HJ1 
_symmetry.Int_Tables_number                96 
_symmetry.pdbx_full_space_group_name_H-M   ? 
_symmetry.cell_setting                     ? 
_symmetry.space_group_name_Hall            ? 
# 
_exptl.crystals_number   1 
_exptl.entry_id          2HJ1 
_exptl.method            'X-RAY DIFFRACTION' 
# 
_exptl_crystal.id                    1 
_exptl_crystal.density_meas          ? 
_exptl_crystal.density_Matthews      3.60 
_exptl_crystal.density_percent_sol   65.86 
_exptl_crystal.description           ? 
_exptl_crystal.F_000                 ? 
_exptl_crystal.preparation           ? 
# 
_exptl_crystal_grow.crystal_id      1 
_exptl_crystal_grow.method          'VAPOR DIFFUSION, SITTING DROP' 
_exptl_crystal_grow.pH              6.5 
_exptl_crystal_grow.temp            298 
_exptl_crystal_grow.pdbx_details    
'2.0 M Ammonium Sulfate, 0.1 M Bis-Tris, pH 6.5, VAPOR DIFFUSION, SITTING DROP, temperature 298K' 
_exptl_crystal_grow.temp_details    ? 
_exptl_crystal_grow.pdbx_pH_range   . 
# 
loop_
_diffrn.id 
_diffrn.ambient_temp 
_diffrn.ambient_temp_details 
_diffrn.crystal_id 
1   100 ? 1 
2   100 ? 1 
1,2 ?   ? 1 
# 
loop_
_diffrn_detector.diffrn_id 
_diffrn_detector.detector 
_diffrn_detector.type 
_diffrn_detector.pdbx_collection_date 
_diffrn_detector.details 
1 CCD 'ADSC QUANTUM 315' 2006-04-15 ? 
2 CCD 'ADSC QUANTUM 4'   2006-06-16 ? 
# 
loop_
_diffrn_radiation.diffrn_id 
_diffrn_radiation.pdbx_diffrn_protocol 
_diffrn_radiation.monochromator 
_diffrn_radiation.wavelength_id 
_diffrn_radiation.pdbx_monochromatic_or_laue_m_l 
_diffrn_radiation.pdbx_scattering_type 
1 'SINGLE WAVELENGTH' ? 1 M x-ray 
2 'SINGLE WAVELENGTH' ? 1 M x-ray 
# 
loop_
_diffrn_radiation_wavelength.id 
_diffrn_radiation_wavelength.wavelength 
_diffrn_radiation_wavelength.wt 
1 0.98  1.0 
2 1.743 1.0 
# 
loop_
_diffrn_source.diffrn_id 
_diffrn_source.source 
_diffrn_source.type 
_diffrn_source.pdbx_wavelength_list 
_diffrn_source.pdbx_wavelength 
_diffrn_source.pdbx_synchrotron_site 
_diffrn_source.pdbx_synchrotron_beamline 
1 SYNCHROTRON 'NSLS BEAMLINE X4A'  0.98  ? NSLS X4A  
2 SYNCHROTRON 'NSLS BEAMLINE X29A' 1.743 ? NSLS X29A 
# 
_reflns.entry_id                     2HJ1 
_reflns.d_resolution_high            2.100 
_reflns.d_resolution_low             50.000 
_reflns.number_obs                   19260 
_reflns.pdbx_Rmerge_I_obs            0.065 
_reflns.pdbx_netI_over_sigmaI        16.200 
_reflns.pdbx_chi_squared             0.961 
_reflns.pdbx_redundancy              9.000 
_reflns.percent_possible_obs         97.300 
_reflns.observed_criterion_sigma_F   0 
_reflns.observed_criterion_sigma_I   0 
_reflns.number_all                   ? 
_reflns.pdbx_Rsym_value              0.069 
_reflns.B_iso_Wilson_estimate        45.016 
_reflns.R_free_details               ? 
_reflns.limit_h_max                  ? 
_reflns.limit_h_min                  ? 
_reflns.limit_k_max                  ? 
_reflns.limit_k_min                  ? 
_reflns.limit_l_max                  ? 
_reflns.limit_l_min                  ? 
_reflns.observed_criterion_F_max     ? 
_reflns.observed_criterion_F_min     ? 
_reflns.pdbx_scaling_rejects         ? 
_reflns.pdbx_ordinal                 1 
_reflns.pdbx_diffrn_id               1,2 
# 
_reflns_shell.d_res_high             2.10 
_reflns_shell.d_res_low              2.18 
_reflns_shell.number_measured_obs    ? 
_reflns_shell.number_measured_all    ? 
_reflns_shell.number_unique_obs      ? 
_reflns_shell.Rmerge_I_obs           0.427 
_reflns_shell.meanI_over_sigI_obs    4.1 
_reflns_shell.pdbx_Rsym_value        0.385 
_reflns_shell.pdbx_chi_squared       0.743 
_reflns_shell.pdbx_redundancy        7.40 
_reflns_shell.percent_possible_obs   ? 
_reflns_shell.number_unique_all      1872 
_reflns_shell.percent_possible_all   98.00 
_reflns_shell.pdbx_ordinal           1 
_reflns_shell.pdbx_diffrn_id         1,2 
# 
_refine.entry_id                                 2HJ1 
_refine.ls_d_res_high                            2.100 
_refine.ls_d_res_low                             25.31 
_refine.pdbx_ls_sigma_F                          0.00 
_refine.ls_percent_reflns_obs                    97.450 
_refine.ls_number_reflns_obs                     19244 
_refine.pdbx_ls_cross_valid_method               THROUGHOUT 
_refine.pdbx_R_Free_selection_details            RANDOM 
_refine.details                                  'HYDROGENS HAVE BEEN ADDED IN THE RIDING POSITIONS' 
_refine.ls_R_factor_all                          0.216 
_refine.ls_R_factor_R_work                       0.215 
_refine.ls_R_factor_R_free                       0.231 
_refine.ls_percent_reflns_R_free                 5.100 
_refine.ls_number_reflns_R_free                  987 
_refine.B_iso_mean                               46.317 
_refine.aniso_B[1][1]                            0.270 
_refine.aniso_B[2][2]                            0.270 
_refine.aniso_B[3][3]                            -0.540 
_refine.aniso_B[1][2]                            0.000 
_refine.aniso_B[1][3]                            0.000 
_refine.aniso_B[2][3]                            0.000 
_refine.correlation_coeff_Fo_to_Fc               0.950 
_refine.correlation_coeff_Fo_to_Fc_free          0.943 
_refine.pdbx_overall_ESU_R                       0.156 
_refine.pdbx_overall_ESU_R_Free                  0.139 
_refine.overall_SU_ML                            0.097 
_refine.overall_SU_B                             3.632 
_refine.solvent_model_details                    MASK 
_refine.pdbx_solvent_vdw_probe_radii             1.200 
_refine.pdbx_solvent_ion_probe_radii             0.800 
_refine.pdbx_solvent_shrinkage_radii             0.800 
_refine.pdbx_stereochemistry_target_values       'MAXIMUM LIKELIHOOD' 
_refine.pdbx_ls_sigma_I                          0 
_refine.ls_number_reflns_all                     23224 
_refine.ls_R_factor_obs                          0.216 
_refine.ls_redundancy_reflns_obs                 ? 
_refine.pdbx_data_cutoff_high_absF               ? 
_refine.pdbx_data_cutoff_low_absF                ? 
_refine.ls_number_parameters                     ? 
_refine.ls_number_restraints                     ? 
_refine.ls_R_factor_R_free_error                 ? 
_refine.ls_R_factor_R_free_error_details         ? 
_refine.pdbx_method_to_determine_struct          SAD 
_refine.pdbx_starting_model                      ? 
_refine.pdbx_stereochem_target_val_spec_case     ? 
_refine.solvent_model_param_bsol                 ? 
_refine.solvent_model_param_ksol                 ? 
_refine.occupancy_max                            ? 
_refine.occupancy_min                            ? 
_refine.pdbx_isotropic_thermal_model             ? 
_refine.B_iso_min                                ? 
_refine.B_iso_max                                ? 
_refine.overall_SU_R_Cruickshank_DPI             ? 
_refine.overall_SU_R_free                        ? 
_refine.pdbx_data_cutoff_high_rms_absF           ? 
_refine.ls_wR_factor_R_free                      ? 
_refine.ls_wR_factor_R_work                      ? 
_refine.overall_FOM_free_R_set                   ? 
_refine.overall_FOM_work_R_set                   ? 
_refine.pdbx_refine_id                           'X-RAY DIFFRACTION' 
_refine.pdbx_diffrn_id                           1 
_refine.pdbx_TLS_residual_ADP_flag               ? 
_refine.pdbx_overall_phase_error                 ? 
_refine.pdbx_overall_SU_R_free_Cruickshank_DPI   ? 
_refine.pdbx_overall_SU_R_Blow_DPI               ? 
_refine.pdbx_overall_SU_R_free_Blow_DPI          ? 
# 
_refine_hist.pdbx_refine_id                   'X-RAY DIFFRACTION' 
_refine_hist.cycle_id                         LAST 
_refine_hist.pdbx_number_atoms_protein        1269 
_refine_hist.pdbx_number_atoms_nucleic_acid   0 
_refine_hist.pdbx_number_atoms_ligand         20 
_refine_hist.number_atoms_solvent             75 
_refine_hist.number_atoms_total               1364 
_refine_hist.d_res_high                       2.100 
_refine_hist.d_res_low                        25.31 
# 
loop_
_refine_ls_restr.type 
_refine_ls_restr.number 
_refine_ls_restr.dev_ideal 
_refine_ls_restr.dev_ideal_target 
_refine_ls_restr.weight 
_refine_ls_restr.pdbx_refine_id 
_refine_ls_restr.pdbx_restraint_function 
r_bond_refined_d         1369 0.018  0.022  ? 'X-RAY DIFFRACTION' ? 
r_angle_refined_deg      1864 1.799  1.993  ? 'X-RAY DIFFRACTION' ? 
r_dihedral_angle_1_deg   167  13.882 5.000  ? 'X-RAY DIFFRACTION' ? 
r_dihedral_angle_2_deg   65   40.054 24.308 ? 'X-RAY DIFFRACTION' ? 
r_dihedral_angle_3_deg   249  16.777 15.000 ? 'X-RAY DIFFRACTION' ? 
r_dihedral_angle_4_deg   10   23.380 15.000 ? 'X-RAY DIFFRACTION' ? 
r_chiral_restr           211  0.142  0.200  ? 'X-RAY DIFFRACTION' ? 
r_gen_planes_refined     1025 0.007  0.020  ? 'X-RAY DIFFRACTION' ? 
r_nbd_refined            557  0.217  0.200  ? 'X-RAY DIFFRACTION' ? 
r_nbtor_refined          932  0.315  0.200  ? 'X-RAY DIFFRACTION' ? 
r_xyhbond_nbd_refined    74   0.147  0.200  ? 'X-RAY DIFFRACTION' ? 
r_symmetry_vdw_refined   71   0.218  0.200  ? 'X-RAY DIFFRACTION' ? 
r_symmetry_hbond_refined 13   0.254  0.200  ? 'X-RAY DIFFRACTION' ? 
r_mcbond_it              849  1.322  1.500  ? 'X-RAY DIFFRACTION' ? 
r_mcangle_it             1345 2.227  2.000  ? 'X-RAY DIFFRACTION' ? 
r_scbond_it              588  2.924  3.000  ? 'X-RAY DIFFRACTION' ? 
r_scangle_it             518  4.528  4.500  ? 'X-RAY DIFFRACTION' ? 
# 
_refine_ls_shell.d_res_high                       2.103 
_refine_ls_shell.d_res_low                        2.158 
_refine_ls_shell.pdbx_total_number_of_bins_used   20 
_refine_ls_shell.percent_reflns_obs               96.950 
_refine_ls_shell.number_reflns_R_work             1307 
_refine_ls_shell.R_factor_all                     ? 
_refine_ls_shell.R_factor_R_work                  0.24 
_refine_ls_shell.R_factor_R_free                  0.29 
_refine_ls_shell.percent_reflns_R_free            ? 
_refine_ls_shell.number_reflns_R_free             59 
_refine_ls_shell.R_factor_R_free_error            ? 
_refine_ls_shell.number_reflns_all                ? 
_refine_ls_shell.number_reflns_obs                1366 
_refine_ls_shell.redundancy_reflns_obs            ? 
_refine_ls_shell.pdbx_refine_id                   'X-RAY DIFFRACTION' 
# 
_struct.entry_id                  2HJ1 
_struct.title                     'Crystal structure of a 3D domain-swapped dimer of protein HI0395 from Haemophilus influenzae' 
_struct.pdbx_model_details        ? 
_struct.pdbx_CASP_flag            ? 
_struct.pdbx_model_type_details   ? 
# 
_struct_keywords.entry_id        2HJ1 
_struct_keywords.text            
;structural genomics, PSI, Protein Structure Initiative, New York SGX Research Center for Structural Genomics, NYSGXRC, UNKNOWN FUNCTION
;
_struct_keywords.pdbx_keywords   'STRUCTURAL GENOMICS, UNKNOWN FUNCTION' 
# 
loop_
_struct_asym.id 
_struct_asym.pdbx_blank_PDB_chainid_flag 
_struct_asym.pdbx_modified 
_struct_asym.entity_id 
_struct_asym.details 
A N N 1 ? 
B N N 1 ? 
C N N 2 ? 
D N N 2 ? 
E N N 2 ? 
F N N 2 ? 
G N N 3 ? 
H N N 3 ? 
# 
_struct_ref.id                         1 
_struct_ref.db_name                    UNP 
_struct_ref.db_code                    Q4QNE7_HAEI8 
_struct_ref.pdbx_db_accession          Q4QNE7 
_struct_ref.entity_id                  1 
_struct_ref.pdbx_seq_one_letter_code   
;NQINIEIAYAFPERYYLKSFQVDEGITVQTAITQSGILSQFPEIDLSTNKIGIFSRPIKLTDVLKEGDRIEIYRPLLADP
KEIRR
;
_struct_ref.pdbx_align_begin           2 
_struct_ref.pdbx_db_isoform            ? 
# 
loop_
_struct_ref_seq.align_id 
_struct_ref_seq.ref_id 
_struct_ref_seq.pdbx_PDB_id_code 
_struct_ref_seq.pdbx_strand_id 
_struct_ref_seq.seq_align_beg 
_struct_ref_seq.pdbx_seq_align_beg_ins_code 
_struct_ref_seq.seq_align_end 
_struct_ref_seq.pdbx_seq_align_end_ins_code 
_struct_ref_seq.pdbx_db_accession 
_struct_ref_seq.db_align_beg 
_struct_ref_seq.pdbx_db_align_beg_ins_code 
_struct_ref_seq.db_align_end 
_struct_ref_seq.pdbx_db_align_end_ins_code 
_struct_ref_seq.pdbx_auth_seq_align_beg 
_struct_ref_seq.pdbx_auth_seq_align_end 
1 1 2HJ1 A 11 ? 95 ? Q4QNE7 2 ? 86 ? 11 95 
2 1 2HJ1 B 11 ? 95 ? Q4QNE7 2 ? 86 ? 11 95 
# 
loop_
_struct_ref_seq_dif.align_id 
_struct_ref_seq_dif.pdbx_pdb_id_code 
_struct_ref_seq_dif.mon_id 
_struct_ref_seq_dif.pdbx_pdb_strand_id 
_struct_ref_seq_dif.seq_num 
_struct_ref_seq_dif.pdbx_pdb_ins_code 
_struct_ref_seq_dif.pdbx_seq_db_name 
_struct_ref_seq_dif.pdbx_seq_db_accession_code 
_struct_ref_seq_dif.db_mon_id 
_struct_ref_seq_dif.pdbx_seq_db_seq_num 
_struct_ref_seq_dif.details 
_struct_ref_seq_dif.pdbx_auth_seq_num 
_struct_ref_seq_dif.pdbx_ordinal 
1 2HJ1 MET A 1  ? UNP Q4QNE7 ? ? 'initiating methionine' 1  1  
1 2HJ1 ALA A 2  ? UNP Q4QNE7 ? ? 'cloning artifact'      2  2  
1 2HJ1 HIS A 3  ? UNP Q4QNE7 ? ? 'expression tag'        3  3  
1 2HJ1 HIS A 4  ? UNP Q4QNE7 ? ? 'expression tag'        4  4  
1 2HJ1 HIS A 5  ? UNP Q4QNE7 ? ? 'expression tag'        5  5  
1 2HJ1 HIS A 6  ? UNP Q4QNE7 ? ? 'expression tag'        6  6  
1 2HJ1 HIS A 7  ? UNP Q4QNE7 ? ? 'expression tag'        7  7  
1 2HJ1 HIS A 8  ? UNP Q4QNE7 ? ? 'expression tag'        8  8  
1 2HJ1 SER A 9  ? UNP Q4QNE7 ? ? 'cloning artifact'      9  9  
1 2HJ1 LEU A 10 ? UNP Q4QNE7 ? ? 'cloning artifact'      10 10 
1 2HJ1 GLU A 96 ? UNP Q4QNE7 ? ? 'cloning artifact'      96 11 
1 2HJ1 GLY A 97 ? UNP Q4QNE7 ? ? 'cloning artifact'      97 12 
2 2HJ1 MET B 1  ? UNP Q4QNE7 ? ? 'initiating methionine' 1  13 
2 2HJ1 ALA B 2  ? UNP Q4QNE7 ? ? 'cloning artifact'      2  14 
2 2HJ1 HIS B 3  ? UNP Q4QNE7 ? ? 'expression tag'        3  15 
2 2HJ1 HIS B 4  ? UNP Q4QNE7 ? ? 'expression tag'        4  16 
2 2HJ1 HIS B 5  ? UNP Q4QNE7 ? ? 'expression tag'        5  17 
2 2HJ1 HIS B 6  ? UNP Q4QNE7 ? ? 'expression tag'        6  18 
2 2HJ1 HIS B 7  ? UNP Q4QNE7 ? ? 'expression tag'        7  19 
2 2HJ1 HIS B 8  ? UNP Q4QNE7 ? ? 'expression tag'        8  20 
2 2HJ1 SER B 9  ? UNP Q4QNE7 ? ? 'cloning artifact'      9  21 
2 2HJ1 LEU B 10 ? UNP Q4QNE7 ? ? 'cloning artifact'      10 22 
2 2HJ1 GLU B 96 ? UNP Q4QNE7 ? ? 'cloning artifact'      96 23 
2 2HJ1 GLY B 97 ? UNP Q4QNE7 ? ? 'cloning artifact'      97 24 
# 
loop_
_pdbx_struct_assembly.id 
_pdbx_struct_assembly.details 
_pdbx_struct_assembly.method_details 
_pdbx_struct_assembly.oligomeric_details 
_pdbx_struct_assembly.oligomeric_count 
1 author_and_software_defined_assembly PISA dimeric    2 
2 software_defined_assembly            PISA tetrameric 4 
# 
loop_
_pdbx_struct_assembly_prop.biol_id 
_pdbx_struct_assembly_prop.type 
_pdbx_struct_assembly_prop.value 
_pdbx_struct_assembly_prop.details 
1 'ABSA (A^2)' 6110  ? 
1 MORE         -85   ? 
1 'SSA (A^2)'  9770  ? 
2 'ABSA (A^2)' 17410 ? 
2 MORE         -216  ? 
2 'SSA (A^2)'  14350 ? 
# 
loop_
_pdbx_struct_assembly_gen.assembly_id 
_pdbx_struct_assembly_gen.oper_expression 
_pdbx_struct_assembly_gen.asym_id_list 
1 1   A,B,C,D,E,F,G,H 
2 1,2 A,B,C,D,E,F,G,H 
# 
loop_
_pdbx_struct_oper_list.id 
_pdbx_struct_oper_list.type 
_pdbx_struct_oper_list.name 
_pdbx_struct_oper_list.symmetry_operation 
_pdbx_struct_oper_list.matrix[1][1] 
_pdbx_struct_oper_list.matrix[1][2] 
_pdbx_struct_oper_list.matrix[1][3] 
_pdbx_struct_oper_list.vector[1] 
_pdbx_struct_oper_list.matrix[2][1] 
_pdbx_struct_oper_list.matrix[2][2] 
_pdbx_struct_oper_list.matrix[2][3] 
_pdbx_struct_oper_list.vector[2] 
_pdbx_struct_oper_list.matrix[3][1] 
_pdbx_struct_oper_list.matrix[3][2] 
_pdbx_struct_oper_list.matrix[3][3] 
_pdbx_struct_oper_list.vector[3] 
1 'identity operation'         1_555 x,y,z  1.0000000000  0.0000000000  0.0000000000  0.0000000000 0.0000000000  1.0000000000  0.0000000000 0.0000000000  0.0000000000  0.0000000000 1.0000000000  0.0000000000   
2 'crystal symmetry operation' 7_555 y,x,-z -0.0781321309 -0.8175618217 -0.5705155895 0.7043252056 -0.8175618217 -0.2749423701 0.5059637940 13.8858885065 -0.5705155895 0.5059637940 -0.6469254991 -18.7607100037 
# 
_struct_biol.id   1 
# 
loop_
_struct_conf.conf_type_id 
_struct_conf.id 
_struct_conf.pdbx_PDB_helix_id 
_struct_conf.beg_label_comp_id 
_struct_conf.beg_label_asym_id 
_struct_conf.beg_label_seq_id 
_struct_conf.pdbx_beg_PDB_ins_code 
_struct_conf.end_label_comp_id 
_struct_conf.end_label_asym_id 
_struct_conf.end_label_seq_id 
_struct_conf.pdbx_end_PDB_ins_code 
_struct_conf.beg_auth_comp_id 
_struct_conf.beg_auth_asym_id 
_struct_conf.beg_auth_seq_id 
_struct_conf.end_auth_comp_id 
_struct_conf.end_auth_asym_id 
_struct_conf.end_auth_seq_id 
_struct_conf.pdbx_PDB_helix_class 
_struct_conf.details 
_struct_conf.pdbx_PDB_helix_length 
HELX_P HELX_P1 1 THR A 37 ? GLY A 46 ? THR A 37 GLY A 46 1 ? 10 
HELX_P HELX_P2 2 GLY A 46 ? PHE A 51 ? GLY A 46 PHE A 51 1 ? 6  
HELX_P HELX_P3 3 THR B 37 ? GLY B 46 ? THR B 37 GLY B 46 1 ? 10 
HELX_P HELX_P4 4 GLY B 46 ? PHE B 51 ? GLY B 46 PHE B 51 1 ? 6  
# 
_struct_conf_type.id          HELX_P 
_struct_conf_type.criteria    ? 
_struct_conf_type.reference   ? 
# 
loop_
_struct_mon_prot_cis.pdbx_id 
_struct_mon_prot_cis.label_comp_id 
_struct_mon_prot_cis.label_seq_id 
_struct_mon_prot_cis.label_asym_id 
_struct_mon_prot_cis.label_alt_id 
_struct_mon_prot_cis.pdbx_PDB_ins_code 
_struct_mon_prot_cis.auth_comp_id 
_struct_mon_prot_cis.auth_seq_id 
_struct_mon_prot_cis.auth_asym_id 
_struct_mon_prot_cis.pdbx_label_comp_id_2 
_struct_mon_prot_cis.pdbx_label_seq_id_2 
_struct_mon_prot_cis.pdbx_label_asym_id_2 
_struct_mon_prot_cis.pdbx_PDB_ins_code_2 
_struct_mon_prot_cis.pdbx_auth_comp_id_2 
_struct_mon_prot_cis.pdbx_auth_seq_id_2 
_struct_mon_prot_cis.pdbx_auth_asym_id_2 
_struct_mon_prot_cis.pdbx_PDB_model_num 
_struct_mon_prot_cis.pdbx_omega_angle 
1 ARG 66 A . ? ARG 66 A PRO 67 A ? PRO 67 A 1 -5.90 
2 ARG 66 A . ? ARG 66 A PRO 67 A ? PRO 67 A 1 -7.12 
3 LEU 86 A . ? LEU 86 A LEU 87 A ? LEU 87 A 1 5.10  
4 ARG 66 B . ? ARG 66 B PRO 67 B ? PRO 67 B 1 -5.58 
# 
_struct_sheet.id               A 
_struct_sheet.type             ? 
_struct_sheet.number_strands   8 
_struct_sheet.details          ? 
# 
loop_
_struct_sheet_order.sheet_id 
_struct_sheet_order.range_id_1 
_struct_sheet_order.range_id_2 
_struct_sheet_order.offset 
_struct_sheet_order.sense 
A 1 2 ? anti-parallel 
A 2 3 ? parallel      
A 3 4 ? anti-parallel 
A 4 5 ? anti-parallel 
A 5 6 ? anti-parallel 
A 6 7 ? parallel      
A 7 8 ? anti-parallel 
# 
loop_
_struct_sheet_range.sheet_id 
_struct_sheet_range.id 
_struct_sheet_range.beg_label_comp_id 
_struct_sheet_range.beg_label_asym_id 
_struct_sheet_range.beg_label_seq_id 
_struct_sheet_range.pdbx_beg_PDB_ins_code 
_struct_sheet_range.end_label_comp_id 
_struct_sheet_range.end_label_asym_id 
_struct_sheet_range.end_label_seq_id 
_struct_sheet_range.pdbx_end_PDB_ins_code 
_struct_sheet_range.beg_auth_comp_id 
_struct_sheet_range.beg_auth_asym_id 
_struct_sheet_range.beg_auth_seq_id 
_struct_sheet_range.end_auth_comp_id 
_struct_sheet_range.end_auth_asym_id 
_struct_sheet_range.end_auth_seq_id 
A 1 ARG A 24 ? ASP A 33 ? ARG A 24 ASP A 33 
A 2 GLN A 12 ? PHE A 21 ? GLN A 12 PHE A 21 
A 3 ARG B 79 ? TYR B 83 ? ARG B 79 TYR B 83 
A 4 LYS A 60 ? SER A 65 ? LYS A 60 SER A 65 
A 5 ILE B 61 ? SER B 65 ? ILE B 61 SER B 65 
A 6 ARG A 79 ? ILE A 82 ? ARG A 79 ILE A 82 
A 7 GLN B 12 ? TYR B 19 ? GLN B 12 TYR B 19 
A 8 TYR B 26 ? ASP B 33 ? TYR B 26 ASP B 33 
# 
loop_
_pdbx_struct_sheet_hbond.sheet_id 
_pdbx_struct_sheet_hbond.range_id_1 
_pdbx_struct_sheet_hbond.range_id_2 
_pdbx_struct_sheet_hbond.range_1_label_atom_id 
_pdbx_struct_sheet_hbond.range_1_label_comp_id 
_pdbx_struct_sheet_hbond.range_1_label_asym_id 
_pdbx_struct_sheet_hbond.range_1_label_seq_id 
_pdbx_struct_sheet_hbond.range_1_PDB_ins_code 
_pdbx_struct_sheet_hbond.range_1_auth_atom_id 
_pdbx_struct_sheet_hbond.range_1_auth_comp_id 
_pdbx_struct_sheet_hbond.range_1_auth_asym_id 
_pdbx_struct_sheet_hbond.range_1_auth_seq_id 
_pdbx_struct_sheet_hbond.range_2_label_atom_id 
_pdbx_struct_sheet_hbond.range_2_label_comp_id 
_pdbx_struct_sheet_hbond.range_2_label_asym_id 
_pdbx_struct_sheet_hbond.range_2_label_seq_id 
_pdbx_struct_sheet_hbond.range_2_PDB_ins_code 
_pdbx_struct_sheet_hbond.range_2_auth_atom_id 
_pdbx_struct_sheet_hbond.range_2_auth_comp_id 
_pdbx_struct_sheet_hbond.range_2_auth_asym_id 
_pdbx_struct_sheet_hbond.range_2_auth_seq_id 
A 1 2 O TYR A 26 ? O TYR A 26 N TYR A 19 ? N TYR A 19 
A 2 3 N ALA A 18 ? N ALA A 18 O ILE B 80 ? O ILE B 80 
A 3 4 O ARG B 79 ? O ARG B 79 N PHE A 64 ? N PHE A 64 
A 4 5 N SER A 65 ? N SER A 65 O ILE B 63 ? O ILE B 63 
A 5 6 O GLY B 62 ? O GLY B 62 N GLU A 81 ? N GLU A 81 
A 6 7 N ILE A 80 ? N ILE A 80 O GLU B 16 ? O GLU B 16 
A 7 8 N ILE B 13 ? N ILE B 13 O VAL B 32 ? O VAL B 32 
# 
loop_
_struct_site.id 
_struct_site.pdbx_evidence_code 
_struct_site.pdbx_auth_asym_id 
_struct_site.pdbx_auth_comp_id 
_struct_site.pdbx_auth_seq_id 
_struct_site.pdbx_auth_ins_code 
_struct_site.pdbx_num_residues 
_struct_site.details 
AC1 Software B SO4 201 ? 7 'BINDING SITE FOR RESIDUE SO4 B 201' 
AC2 Software A SO4 202 ? 4 'BINDING SITE FOR RESIDUE SO4 A 202' 
AC3 Software B SO4 203 ? 6 'BINDING SITE FOR RESIDUE SO4 B 203' 
AC4 Software B SO4 204 ? 5 'BINDING SITE FOR RESIDUE SO4 B 204' 
# 
loop_
_struct_site_gen.id 
_struct_site_gen.site_id 
_struct_site_gen.pdbx_num_res 
_struct_site_gen.label_comp_id 
_struct_site_gen.label_asym_id 
_struct_site_gen.label_seq_id 
_struct_site_gen.pdbx_auth_ins_code 
_struct_site_gen.auth_comp_id 
_struct_site_gen.auth_asym_id 
_struct_site_gen.auth_seq_id 
_struct_site_gen.label_atom_id 
_struct_site_gen.label_alt_id 
_struct_site_gen.symmetry 
_struct_site_gen.details 
1  AC1 7 LYS A 60 ? LYS A 60  . ? 1_555 ? 
2  AC1 7 LYS B 28 ? LYS B 28  . ? 7_555 ? 
3  AC1 7 SER B 29 ? SER B 29  . ? 7_555 ? 
4  AC1 7 ARG B 66 ? ARG B 66  . ? 1_555 ? 
5  AC1 7 TYR B 83 ? TYR B 83  . ? 1_555 ? 
6  AC1 7 SO4 E .  ? SO4 B 203 . ? 1_555 ? 
7  AC1 7 HOH H .  ? HOH B 238 . ? 7_555 ? 
8  AC2 4 ARG A 66 ? ARG A 66  . ? 1_555 ? 
9  AC2 4 PRO A 67 ? PRO A 67  . ? 1_555 ? 
10 AC2 4 HOH G .  ? HOH A 236 . ? 1_555 ? 
11 AC2 4 LYS B 60 ? LYS B 60  . ? 1_555 ? 
12 AC3 6 GLY A 77 ? GLY A 77  . ? 1_555 ? 
13 AC3 6 ARG A 79 ? ARG A 79  . ? 1_555 ? 
14 AC3 6 GLU B 16 ? GLU B 16  . ? 1_555 ? 
15 AC3 6 PHE B 64 ? PHE B 64  . ? 1_555 ? 
16 AC3 6 ARG B 66 ? ARG B 66  . ? 1_555 ? 
17 AC3 6 SO4 D .  ? SO4 B 201 . ? 1_555 ? 
18 AC4 5 TYR A 25 ? TYR A 25  . ? 7_555 ? 
19 AC4 5 LEU A 27 ? LEU A 27  . ? 7_555 ? 
20 AC4 5 PHE B 21 ? PHE B 21  . ? 1_555 ? 
21 AC4 5 GLN B 50 ? GLN B 50  . ? 1_555 ? 
22 AC4 5 ARG B 79 ? ARG B 79  . ? 7_555 ? 
# 
loop_
_pdbx_validate_torsion.id 
_pdbx_validate_torsion.PDB_model_num 
_pdbx_validate_torsion.auth_comp_id 
_pdbx_validate_torsion.auth_asym_id 
_pdbx_validate_torsion.auth_seq_id 
_pdbx_validate_torsion.PDB_ins_code 
_pdbx_validate_torsion.label_alt_id 
_pdbx_validate_torsion.phi 
_pdbx_validate_torsion.psi 
1 1 ARG B 24 ? A -164.94 90.01   
2 1 ARG B 66 ? ? -171.15 135.60  
3 1 ALA B 88 ? ? -150.59 -128.92 
# 
loop_
_pdbx_validate_peptide_omega.id 
_pdbx_validate_peptide_omega.PDB_model_num 
_pdbx_validate_peptide_omega.auth_comp_id_1 
_pdbx_validate_peptide_omega.auth_asym_id_1 
_pdbx_validate_peptide_omega.auth_seq_id_1 
_pdbx_validate_peptide_omega.PDB_ins_code_1 
_pdbx_validate_peptide_omega.label_alt_id_1 
_pdbx_validate_peptide_omega.auth_comp_id_2 
_pdbx_validate_peptide_omega.auth_asym_id_2 
_pdbx_validate_peptide_omega.auth_seq_id_2 
_pdbx_validate_peptide_omega.PDB_ins_code_2 
_pdbx_validate_peptide_omega.label_alt_id_2 
_pdbx_validate_peptide_omega.omega 
1 1 PRO A 67 ? ? ILE A 68 ? ? 132.80 
2 1 GLU B 23 ? ? ARG B 24 ? A 149.59 
3 1 LEU B 87 ? ? ALA B 88 ? ? 77.42  
# 
_pdbx_SG_project.id                    1 
_pdbx_SG_project.project_name          'PSI, Protein Structure Initiative' 
_pdbx_SG_project.full_name_of_center   'New York SGX Research Center for Structural Genomics' 
_pdbx_SG_project.initial_of_center     NYSGXRC 
# 
_diffrn_reflns.diffrn_id                   1 
_diffrn_reflns.pdbx_d_res_high             2.580 
_diffrn_reflns.pdbx_d_res_low              50.000 
_diffrn_reflns.pdbx_number_obs             19736 
_diffrn_reflns.pdbx_Rmerge_I_obs           0.071 
_diffrn_reflns.pdbx_Rsym_value             ? 
_diffrn_reflns.pdbx_chi_squared            1.19 
_diffrn_reflns.av_sigmaI_over_netI         14.00 
_diffrn_reflns.pdbx_redundancy             7.70 
_diffrn_reflns.pdbx_percent_possible_obs   100.00 
_diffrn_reflns.number                      152169 
_diffrn_reflns.pdbx_observed_criterion     ? 
_diffrn_reflns.limit_h_max                 ? 
_diffrn_reflns.limit_h_min                 ? 
_diffrn_reflns.limit_k_max                 ? 
_diffrn_reflns.limit_k_min                 ? 
_diffrn_reflns.limit_l_max                 ? 
_diffrn_reflns.limit_l_min                 ? 
# 
loop_
_pdbx_diffrn_reflns_shell.diffrn_id 
_pdbx_diffrn_reflns_shell.d_res_high 
_pdbx_diffrn_reflns_shell.d_res_low 
_pdbx_diffrn_reflns_shell.number_obs 
_pdbx_diffrn_reflns_shell.rejects 
_pdbx_diffrn_reflns_shell.Rmerge_I_obs 
_pdbx_diffrn_reflns_shell.Rsym_value 
_pdbx_diffrn_reflns_shell.chi_squared 
_pdbx_diffrn_reflns_shell.redundancy 
_pdbx_diffrn_reflns_shell.percent_possible_obs 
1 5.56 50.00 ? ? 0.043 ? 1.090 8.10 99.70  
1 4.41 5.56  ? ? 0.040 ? 0.976 8.40 100.00 
1 3.85 4.41  ? ? 0.048 ? 1.196 8.30 99.90  
1 3.50 3.85  ? ? 0.070 ? 1.207 8.10 100.00 
1 3.25 3.50  ? ? 0.118 ? 1.285 8.00 100.00 
1 3.06 3.25  ? ? 0.187 ? 1.314 7.80 100.00 
1 2.91 3.06  ? ? 0.355 ? 1.299 7.70 100.00 
1 2.78 2.91  ? ? 0.535 ? 1.255 7.70 100.00 
1 2.67 2.78  ? ? 0.830 ? 1.160 7.40 100.00 
1 2.58 2.67  ? ? ?     ? 1.073 5.60 99.90  
# 
loop_
_pdbx_unobs_or_zero_occ_residues.id 
_pdbx_unobs_or_zero_occ_residues.PDB_model_num 
_pdbx_unobs_or_zero_occ_residues.polymer_flag 
_pdbx_unobs_or_zero_occ_residues.occupancy_flag 
_pdbx_unobs_or_zero_occ_residues.auth_asym_id 
_pdbx_unobs_or_zero_occ_residues.auth_comp_id 
_pdbx_unobs_or_zero_occ_residues.auth_seq_id 
_pdbx_unobs_or_zero_occ_residues.PDB_ins_code 
_pdbx_unobs_or_zero_occ_residues.label_asym_id 
_pdbx_unobs_or_zero_occ_residues.label_comp_id 
_pdbx_unobs_or_zero_occ_residues.label_seq_id 
1  1 Y 1 A MET 1  ? A MET 1  
2  1 Y 1 A ALA 2  ? A ALA 2  
3  1 Y 1 A HIS 3  ? A HIS 3  
4  1 Y 1 A HIS 4  ? A HIS 4  
5  1 Y 1 A HIS 5  ? A HIS 5  
6  1 Y 1 A HIS 6  ? A HIS 6  
7  1 Y 1 A HIS 7  ? A HIS 7  
8  1 Y 1 A HIS 8  ? A HIS 8  
9  1 Y 1 A SER 9  ? A SER 9  
10 1 Y 1 A LEU 10 ? A LEU 10 
11 1 Y 1 A ALA 88 ? A ALA 88 
12 1 Y 1 A ASP 89 ? A ASP 89 
13 1 Y 1 A PRO 90 ? A PRO 90 
14 1 Y 1 A LYS 91 ? A LYS 91 
15 1 Y 1 A GLU 92 ? A GLU 92 
16 1 Y 1 A ILE 93 ? A ILE 93 
17 1 Y 1 A ARG 94 ? A ARG 94 
18 1 Y 1 A ARG 95 ? A ARG 95 
19 1 Y 1 A GLU 96 ? A GLU 96 
20 1 Y 1 A GLY 97 ? A GLY 97 
21 1 Y 1 B MET 1  ? B MET 1  
22 1 Y 1 B ALA 2  ? B ALA 2  
23 1 Y 1 B HIS 3  ? B HIS 3  
24 1 Y 1 B HIS 4  ? B HIS 4  
25 1 Y 1 B HIS 5  ? B HIS 5  
26 1 Y 1 B HIS 6  ? B HIS 6  
27 1 Y 1 B HIS 7  ? B HIS 7  
28 1 Y 1 B HIS 8  ? B HIS 8  
29 1 Y 1 B SER 9  ? B SER 9  
30 1 Y 1 B PRO 90 ? B PRO 90 
31 1 Y 1 B LYS 91 ? B LYS 91 
32 1 Y 1 B GLU 92 ? B GLU 92 
33 1 Y 1 B ILE 93 ? B ILE 93 
34 1 Y 1 B ARG 94 ? B ARG 94 
35 1 Y 1 B ARG 95 ? B ARG 95 
36 1 Y 1 B GLU 96 ? B GLU 96 
37 1 Y 1 B GLY 97 ? B GLY 97 
# 
loop_
_chem_comp_atom.comp_id 
_chem_comp_atom.atom_id 
_chem_comp_atom.type_symbol 
_chem_comp_atom.pdbx_aromatic_flag 
_chem_comp_atom.pdbx_stereo_config 
_chem_comp_atom.pdbx_ordinal 
ALA N    N N N 1   
ALA CA   C N S 2   
ALA C    C N N 3   
ALA O    O N N 4   
ALA CB   C N N 5   
ALA OXT  O N N 6   
ALA H    H N N 7   
ALA H2   H N N 8   
ALA HA   H N N 9   
ALA HB1  H N N 10  
ALA HB2  H N N 11  
ALA HB3  H N N 12  
ALA HXT  H N N 13  
ARG N    N N N 14  
ARG CA   C N S 15  
ARG C    C N N 16  
ARG O    O N N 17  
ARG CB   C N N 18  
ARG CG   C N N 19  
ARG CD   C N N 20  
ARG NE   N N N 21  
ARG CZ   C N N 22  
ARG NH1  N N N 23  
ARG NH2  N N N 24  
ARG OXT  O N N 25  
ARG H    H N N 26  
ARG H2   H N N 27  
ARG HA   H N N 28  
ARG HB2  H N N 29  
ARG HB3  H N N 30  
ARG HG2  H N N 31  
ARG HG3  H N N 32  
ARG HD2  H N N 33  
ARG HD3  H N N 34  
ARG HE   H N N 35  
ARG HH11 H N N 36  
ARG HH12 H N N 37  
ARG HH21 H N N 38  
ARG HH22 H N N 39  
ARG HXT  H N N 40  
ASN N    N N N 41  
ASN CA   C N S 42  
ASN C    C N N 43  
ASN O    O N N 44  
ASN CB   C N N 45  
ASN CG   C N N 46  
ASN OD1  O N N 47  
ASN ND2  N N N 48  
ASN OXT  O N N 49  
ASN H    H N N 50  
ASN H2   H N N 51  
ASN HA   H N N 52  
ASN HB2  H N N 53  
ASN HB3  H N N 54  
ASN HD21 H N N 55  
ASN HD22 H N N 56  
ASN HXT  H N N 57  
ASP N    N N N 58  
ASP CA   C N S 59  
ASP C    C N N 60  
ASP O    O N N 61  
ASP CB   C N N 62  
ASP CG   C N N 63  
ASP OD1  O N N 64  
ASP OD2  O N N 65  
ASP OXT  O N N 66  
ASP H    H N N 67  
ASP H2   H N N 68  
ASP HA   H N N 69  
ASP HB2  H N N 70  
ASP HB3  H N N 71  
ASP HD2  H N N 72  
ASP HXT  H N N 73  
GLN N    N N N 74  
GLN CA   C N S 75  
GLN C    C N N 76  
GLN O    O N N 77  
GLN CB   C N N 78  
GLN CG   C N N 79  
GLN CD   C N N 80  
GLN OE1  O N N 81  
GLN NE2  N N N 82  
GLN OXT  O N N 83  
GLN H    H N N 84  
GLN H2   H N N 85  
GLN HA   H N N 86  
GLN HB2  H N N 87  
GLN HB3  H N N 88  
GLN HG2  H N N 89  
GLN HG3  H N N 90  
GLN HE21 H N N 91  
GLN HE22 H N N 92  
GLN HXT  H N N 93  
GLU N    N N N 94  
GLU CA   C N S 95  
GLU C    C N N 96  
GLU O    O N N 97  
GLU CB   C N N 98  
GLU CG   C N N 99  
GLU CD   C N N 100 
GLU OE1  O N N 101 
GLU OE2  O N N 102 
GLU OXT  O N N 103 
GLU H    H N N 104 
GLU H2   H N N 105 
GLU HA   H N N 106 
GLU HB2  H N N 107 
GLU HB3  H N N 108 
GLU HG2  H N N 109 
GLU HG3  H N N 110 
GLU HE2  H N N 111 
GLU HXT  H N N 112 
GLY N    N N N 113 
GLY CA   C N N 114 
GLY C    C N N 115 
GLY O    O N N 116 
GLY OXT  O N N 117 
GLY H    H N N 118 
GLY H2   H N N 119 
GLY HA2  H N N 120 
GLY HA3  H N N 121 
GLY HXT  H N N 122 
HIS N    N N N 123 
HIS CA   C N S 124 
HIS C    C N N 125 
HIS O    O N N 126 
HIS CB   C N N 127 
HIS CG   C Y N 128 
HIS ND1  N Y N 129 
HIS CD2  C Y N 130 
HIS CE1  C Y N 131 
HIS NE2  N Y N 132 
HIS OXT  O N N 133 
HIS H    H N N 134 
HIS H2   H N N 135 
HIS HA   H N N 136 
HIS HB2  H N N 137 
HIS HB3  H N N 138 
HIS HD1  H N N 139 
HIS HD2  H N N 140 
HIS HE1  H N N 141 
HIS HE2  H N N 142 
HIS HXT  H N N 143 
HOH O    O N N 144 
HOH H1   H N N 145 
HOH H2   H N N 146 
ILE N    N N N 147 
ILE CA   C N S 148 
ILE C    C N N 149 
ILE O    O N N 150 
ILE CB   C N S 151 
ILE CG1  C N N 152 
ILE CG2  C N N 153 
ILE CD1  C N N 154 
ILE OXT  O N N 155 
ILE H    H N N 156 
ILE H2   H N N 157 
ILE HA   H N N 158 
ILE HB   H N N 159 
ILE HG12 H N N 160 
ILE HG13 H N N 161 
ILE HG21 H N N 162 
ILE HG22 H N N 163 
ILE HG23 H N N 164 
ILE HD11 H N N 165 
ILE HD12 H N N 166 
ILE HD13 H N N 167 
ILE HXT  H N N 168 
LEU N    N N N 169 
LEU CA   C N S 170 
LEU C    C N N 171 
LEU O    O N N 172 
LEU CB   C N N 173 
LEU CG   C N N 174 
LEU CD1  C N N 175 
LEU CD2  C N N 176 
LEU OXT  O N N 177 
LEU H    H N N 178 
LEU H2   H N N 179 
LEU HA   H N N 180 
LEU HB2  H N N 181 
LEU HB3  H N N 182 
LEU HG   H N N 183 
LEU HD11 H N N 184 
LEU HD12 H N N 185 
LEU HD13 H N N 186 
LEU HD21 H N N 187 
LEU HD22 H N N 188 
LEU HD23 H N N 189 
LEU HXT  H N N 190 
LYS N    N N N 191 
LYS CA   C N S 192 
LYS C    C N N 193 
LYS O    O N N 194 
LYS CB   C N N 195 
LYS CG   C N N 196 
LYS CD   C N N 197 
LYS CE   C N N 198 
LYS NZ   N N N 199 
LYS OXT  O N N 200 
LYS H    H N N 201 
LYS H2   H N N 202 
LYS HA   H N N 203 
LYS HB2  H N N 204 
LYS HB3  H N N 205 
LYS HG2  H N N 206 
LYS HG3  H N N 207 
LYS HD2  H N N 208 
LYS HD3  H N N 209 
LYS HE2  H N N 210 
LYS HE3  H N N 211 
LYS HZ1  H N N 212 
LYS HZ2  H N N 213 
LYS HZ3  H N N 214 
LYS HXT  H N N 215 
MET N    N N N 216 
MET CA   C N S 217 
MET C    C N N 218 
MET O    O N N 219 
MET CB   C N N 220 
MET CG   C N N 221 
MET SD   S N N 222 
MET CE   C N N 223 
MET OXT  O N N 224 
MET H    H N N 225 
MET H2   H N N 226 
MET HA   H N N 227 
MET HB2  H N N 228 
MET HB3  H N N 229 
MET HG2  H N N 230 
MET HG3  H N N 231 
MET HE1  H N N 232 
MET HE2  H N N 233 
MET HE3  H N N 234 
MET HXT  H N N 235 
PHE N    N N N 236 
PHE CA   C N S 237 
PHE C    C N N 238 
PHE O    O N N 239 
PHE CB   C N N 240 
PHE CG   C Y N 241 
PHE CD1  C Y N 242 
PHE CD2  C Y N 243 
PHE CE1  C Y N 244 
PHE CE2  C Y N 245 
PHE CZ   C Y N 246 
PHE OXT  O N N 247 
PHE H    H N N 248 
PHE H2   H N N 249 
PHE HA   H N N 250 
PHE HB2  H N N 251 
PHE HB3  H N N 252 
PHE HD1  H N N 253 
PHE HD2  H N N 254 
PHE HE1  H N N 255 
PHE HE2  H N N 256 
PHE HZ   H N N 257 
PHE HXT  H N N 258 
PRO N    N N N 259 
PRO CA   C N S 260 
PRO C    C N N 261 
PRO O    O N N 262 
PRO CB   C N N 263 
PRO CG   C N N 264 
PRO CD   C N N 265 
PRO OXT  O N N 266 
PRO H    H N N 267 
PRO HA   H N N 268 
PRO HB2  H N N 269 
PRO HB3  H N N 270 
PRO HG2  H N N 271 
PRO HG3  H N N 272 
PRO HD2  H N N 273 
PRO HD3  H N N 274 
PRO HXT  H N N 275 
SER N    N N N 276 
SER CA   C N S 277 
SER C    C N N 278 
SER O    O N N 279 
SER CB   C N N 280 
SER OG   O N N 281 
SER OXT  O N N 282 
SER H    H N N 283 
SER H2   H N N 284 
SER HA   H N N 285 
SER HB2  H N N 286 
SER HB3  H N N 287 
SER HG   H N N 288 
SER HXT  H N N 289 
SO4 S    S N N 290 
SO4 O1   O N N 291 
SO4 O2   O N N 292 
SO4 O3   O N N 293 
SO4 O4   O N N 294 
THR N    N N N 295 
THR CA   C N S 296 
THR C    C N N 297 
THR O    O N N 298 
THR CB   C N R 299 
THR OG1  O N N 300 
THR CG2  C N N 301 
THR OXT  O N N 302 
THR H    H N N 303 
THR H2   H N N 304 
THR HA   H N N 305 
THR HB   H N N 306 
THR HG1  H N N 307 
THR HG21 H N N 308 
THR HG22 H N N 309 
THR HG23 H N N 310 
THR HXT  H N N 311 
TYR N    N N N 312 
TYR CA   C N S 313 
TYR C    C N N 314 
TYR O    O N N 315 
TYR CB   C N N 316 
TYR CG   C Y N 317 
TYR CD1  C Y N 318 
TYR CD2  C Y N 319 
TYR CE1  C Y N 320 
TYR CE2  C Y N 321 
TYR CZ   C Y N 322 
TYR OH   O N N 323 
TYR OXT  O N N 324 
TYR H    H N N 325 
TYR H2   H N N 326 
TYR HA   H N N 327 
TYR HB2  H N N 328 
TYR HB3  H N N 329 
TYR HD1  H N N 330 
TYR HD2  H N N 331 
TYR HE1  H N N 332 
TYR HE2  H N N 333 
TYR HH   H N N 334 
TYR HXT  H N N 335 
VAL N    N N N 336 
VAL CA   C N S 337 
VAL C    C N N 338 
VAL O    O N N 339 
VAL CB   C N N 340 
VAL CG1  C N N 341 
VAL CG2  C N N 342 
VAL OXT  O N N 343 
VAL H    H N N 344 
VAL H2   H N N 345 
VAL HA   H N N 346 
VAL HB   H N N 347 
VAL HG11 H N N 348 
VAL HG12 H N N 349 
VAL HG13 H N N 350 
VAL HG21 H N N 351 
VAL HG22 H N N 352 
VAL HG23 H N N 353 
VAL HXT  H N N 354 
# 
loop_
_chem_comp_bond.comp_id 
_chem_comp_bond.atom_id_1 
_chem_comp_bond.atom_id_2 
_chem_comp_bond.value_order 
_chem_comp_bond.pdbx_aromatic_flag 
_chem_comp_bond.pdbx_stereo_config 
_chem_comp_bond.pdbx_ordinal 
ALA N   CA   sing N N 1   
ALA N   H    sing N N 2   
ALA N   H2   sing N N 3   
ALA CA  C    sing N N 4   
ALA CA  CB   sing N N 5   
ALA CA  HA   sing N N 6   
ALA C   O    doub N N 7   
ALA C   OXT  sing N N 8   
ALA CB  HB1  sing N N 9   
ALA CB  HB2  sing N N 10  
ALA CB  HB3  sing N N 11  
ALA OXT HXT  sing N N 12  
ARG N   CA   sing N N 13  
ARG N   H    sing N N 14  
ARG N   H2   sing N N 15  
ARG CA  C    sing N N 16  
ARG CA  CB   sing N N 17  
ARG CA  HA   sing N N 18  
ARG C   O    doub N N 19  
ARG C   OXT  sing N N 20  
ARG CB  CG   sing N N 21  
ARG CB  HB2  sing N N 22  
ARG CB  HB3  sing N N 23  
ARG CG  CD   sing N N 24  
ARG CG  HG2  sing N N 25  
ARG CG  HG3  sing N N 26  
ARG CD  NE   sing N N 27  
ARG CD  HD2  sing N N 28  
ARG CD  HD3  sing N N 29  
ARG NE  CZ   sing N N 30  
ARG NE  HE   sing N N 31  
ARG CZ  NH1  sing N N 32  
ARG CZ  NH2  doub N N 33  
ARG NH1 HH11 sing N N 34  
ARG NH1 HH12 sing N N 35  
ARG NH2 HH21 sing N N 36  
ARG NH2 HH22 sing N N 37  
ARG OXT HXT  sing N N 38  
ASN N   CA   sing N N 39  
ASN N   H    sing N N 40  
ASN N   H2   sing N N 41  
ASN CA  C    sing N N 42  
ASN CA  CB   sing N N 43  
ASN CA  HA   sing N N 44  
ASN C   O    doub N N 45  
ASN C   OXT  sing N N 46  
ASN CB  CG   sing N N 47  
ASN CB  HB2  sing N N 48  
ASN CB  HB3  sing N N 49  
ASN CG  OD1  doub N N 50  
ASN CG  ND2  sing N N 51  
ASN ND2 HD21 sing N N 52  
ASN ND2 HD22 sing N N 53  
ASN OXT HXT  sing N N 54  
ASP N   CA   sing N N 55  
ASP N   H    sing N N 56  
ASP N   H2   sing N N 57  
ASP CA  C    sing N N 58  
ASP CA  CB   sing N N 59  
ASP CA  HA   sing N N 60  
ASP C   O    doub N N 61  
ASP C   OXT  sing N N 62  
ASP CB  CG   sing N N 63  
ASP CB  HB2  sing N N 64  
ASP CB  HB3  sing N N 65  
ASP CG  OD1  doub N N 66  
ASP CG  OD2  sing N N 67  
ASP OD2 HD2  sing N N 68  
ASP OXT HXT  sing N N 69  
GLN N   CA   sing N N 70  
GLN N   H    sing N N 71  
GLN N   H2   sing N N 72  
GLN CA  C    sing N N 73  
GLN CA  CB   sing N N 74  
GLN CA  HA   sing N N 75  
GLN C   O    doub N N 76  
GLN C   OXT  sing N N 77  
GLN CB  CG   sing N N 78  
GLN CB  HB2  sing N N 79  
GLN CB  HB3  sing N N 80  
GLN CG  CD   sing N N 81  
GLN CG  HG2  sing N N 82  
GLN CG  HG3  sing N N 83  
GLN CD  OE1  doub N N 84  
GLN CD  NE2  sing N N 85  
GLN NE2 HE21 sing N N 86  
GLN NE2 HE22 sing N N 87  
GLN OXT HXT  sing N N 88  
GLU N   CA   sing N N 89  
GLU N   H    sing N N 90  
GLU N   H2   sing N N 91  
GLU CA  C    sing N N 92  
GLU CA  CB   sing N N 93  
GLU CA  HA   sing N N 94  
GLU C   O    doub N N 95  
GLU C   OXT  sing N N 96  
GLU CB  CG   sing N N 97  
GLU CB  HB2  sing N N 98  
GLU CB  HB3  sing N N 99  
GLU CG  CD   sing N N 100 
GLU CG  HG2  sing N N 101 
GLU CG  HG3  sing N N 102 
GLU CD  OE1  doub N N 103 
GLU CD  OE2  sing N N 104 
GLU OE2 HE2  sing N N 105 
GLU OXT HXT  sing N N 106 
GLY N   CA   sing N N 107 
GLY N   H    sing N N 108 
GLY N   H2   sing N N 109 
GLY CA  C    sing N N 110 
GLY CA  HA2  sing N N 111 
GLY CA  HA3  sing N N 112 
GLY C   O    doub N N 113 
GLY C   OXT  sing N N 114 
GLY OXT HXT  sing N N 115 
HIS N   CA   sing N N 116 
HIS N   H    sing N N 117 
HIS N   H2   sing N N 118 
HIS CA  C    sing N N 119 
HIS CA  CB   sing N N 120 
HIS CA  HA   sing N N 121 
HIS C   O    doub N N 122 
HIS C   OXT  sing N N 123 
HIS CB  CG   sing N N 124 
HIS CB  HB2  sing N N 125 
HIS CB  HB3  sing N N 126 
HIS CG  ND1  sing Y N 127 
HIS CG  CD2  doub Y N 128 
HIS ND1 CE1  doub Y N 129 
HIS ND1 HD1  sing N N 130 
HIS CD2 NE2  sing Y N 131 
HIS CD2 HD2  sing N N 132 
HIS CE1 NE2  sing Y N 133 
HIS CE1 HE1  sing N N 134 
HIS NE2 HE2  sing N N 135 
HIS OXT HXT  sing N N 136 
HOH O   H1   sing N N 137 
HOH O   H2   sing N N 138 
ILE N   CA   sing N N 139 
ILE N   H    sing N N 140 
ILE N   H2   sing N N 141 
ILE CA  C    sing N N 142 
ILE CA  CB   sing N N 143 
ILE CA  HA   sing N N 144 
ILE C   O    doub N N 145 
ILE C   OXT  sing N N 146 
ILE CB  CG1  sing N N 147 
ILE CB  CG2  sing N N 148 
ILE CB  HB   sing N N 149 
ILE CG1 CD1  sing N N 150 
ILE CG1 HG12 sing N N 151 
ILE CG1 HG13 sing N N 152 
ILE CG2 HG21 sing N N 153 
ILE CG2 HG22 sing N N 154 
ILE CG2 HG23 sing N N 155 
ILE CD1 HD11 sing N N 156 
ILE CD1 HD12 sing N N 157 
ILE CD1 HD13 sing N N 158 
ILE OXT HXT  sing N N 159 
LEU N   CA   sing N N 160 
LEU N   H    sing N N 161 
LEU N   H2   sing N N 162 
LEU CA  C    sing N N 163 
LEU CA  CB   sing N N 164 
LEU CA  HA   sing N N 165 
LEU C   O    doub N N 166 
LEU C   OXT  sing N N 167 
LEU CB  CG   sing N N 168 
LEU CB  HB2  sing N N 169 
LEU CB  HB3  sing N N 170 
LEU CG  CD1  sing N N 171 
LEU CG  CD2  sing N N 172 
LEU CG  HG   sing N N 173 
LEU CD1 HD11 sing N N 174 
LEU CD1 HD12 sing N N 175 
LEU CD1 HD13 sing N N 176 
LEU CD2 HD21 sing N N 177 
LEU CD2 HD22 sing N N 178 
LEU CD2 HD23 sing N N 179 
LEU OXT HXT  sing N N 180 
LYS N   CA   sing N N 181 
LYS N   H    sing N N 182 
LYS N   H2   sing N N 183 
LYS CA  C    sing N N 184 
LYS CA  CB   sing N N 185 
LYS CA  HA   sing N N 186 
LYS C   O    doub N N 187 
LYS C   OXT  sing N N 188 
LYS CB  CG   sing N N 189 
LYS CB  HB2  sing N N 190 
LYS CB  HB3  sing N N 191 
LYS CG  CD   sing N N 192 
LYS CG  HG2  sing N N 193 
LYS CG  HG3  sing N N 194 
LYS CD  CE   sing N N 195 
LYS CD  HD2  sing N N 196 
LYS CD  HD3  sing N N 197 
LYS CE  NZ   sing N N 198 
LYS CE  HE2  sing N N 199 
LYS CE  HE3  sing N N 200 
LYS NZ  HZ1  sing N N 201 
LYS NZ  HZ2  sing N N 202 
LYS NZ  HZ3  sing N N 203 
LYS OXT HXT  sing N N 204 
MET N   CA   sing N N 205 
MET N   H    sing N N 206 
MET N   H2   sing N N 207 
MET CA  C    sing N N 208 
MET CA  CB   sing N N 209 
MET CA  HA   sing N N 210 
MET C   O    doub N N 211 
MET C   OXT  sing N N 212 
MET CB  CG   sing N N 213 
MET CB  HB2  sing N N 214 
MET CB  HB3  sing N N 215 
MET CG  SD   sing N N 216 
MET CG  HG2  sing N N 217 
MET CG  HG3  sing N N 218 
MET SD  CE   sing N N 219 
MET CE  HE1  sing N N 220 
MET CE  HE2  sing N N 221 
MET CE  HE3  sing N N 222 
MET OXT HXT  sing N N 223 
PHE N   CA   sing N N 224 
PHE N   H    sing N N 225 
PHE N   H2   sing N N 226 
PHE CA  C    sing N N 227 
PHE CA  CB   sing N N 228 
PHE CA  HA   sing N N 229 
PHE C   O    doub N N 230 
PHE C   OXT  sing N N 231 
PHE CB  CG   sing N N 232 
PHE CB  HB2  sing N N 233 
PHE CB  HB3  sing N N 234 
PHE CG  CD1  doub Y N 235 
PHE CG  CD2  sing Y N 236 
PHE CD1 CE1  sing Y N 237 
PHE CD1 HD1  sing N N 238 
PHE CD2 CE2  doub Y N 239 
PHE CD2 HD2  sing N N 240 
PHE CE1 CZ   doub Y N 241 
PHE CE1 HE1  sing N N 242 
PHE CE2 CZ   sing Y N 243 
PHE CE2 HE2  sing N N 244 
PHE CZ  HZ   sing N N 245 
PHE OXT HXT  sing N N 246 
PRO N   CA   sing N N 247 
PRO N   CD   sing N N 248 
PRO N   H    sing N N 249 
PRO CA  C    sing N N 250 
PRO CA  CB   sing N N 251 
PRO CA  HA   sing N N 252 
PRO C   O    doub N N 253 
PRO C   OXT  sing N N 254 
PRO CB  CG   sing N N 255 
PRO CB  HB2  sing N N 256 
PRO CB  HB3  sing N N 257 
PRO CG  CD   sing N N 258 
PRO CG  HG2  sing N N 259 
PRO CG  HG3  sing N N 260 
PRO CD  HD2  sing N N 261 
PRO CD  HD3  sing N N 262 
PRO OXT HXT  sing N N 263 
SER N   CA   sing N N 264 
SER N   H    sing N N 265 
SER N   H2   sing N N 266 
SER CA  C    sing N N 267 
SER CA  CB   sing N N 268 
SER CA  HA   sing N N 269 
SER C   O    doub N N 270 
SER C   OXT  sing N N 271 
SER CB  OG   sing N N 272 
SER CB  HB2  sing N N 273 
SER CB  HB3  sing N N 274 
SER OG  HG   sing N N 275 
SER OXT HXT  sing N N 276 
SO4 S   O1   doub N N 277 
SO4 S   O2   doub N N 278 
SO4 S   O3   sing N N 279 
SO4 S   O4   sing N N 280 
THR N   CA   sing N N 281 
THR N   H    sing N N 282 
THR N   H2   sing N N 283 
THR CA  C    sing N N 284 
THR CA  CB   sing N N 285 
THR CA  HA   sing N N 286 
THR C   O    doub N N 287 
THR C   OXT  sing N N 288 
THR CB  OG1  sing N N 289 
THR CB  CG2  sing N N 290 
THR CB  HB   sing N N 291 
THR OG1 HG1  sing N N 292 
THR CG2 HG21 sing N N 293 
THR CG2 HG22 sing N N 294 
THR CG2 HG23 sing N N 295 
THR OXT HXT  sing N N 296 
TYR N   CA   sing N N 297 
TYR N   H    sing N N 298 
TYR N   H2   sing N N 299 
TYR CA  C    sing N N 300 
TYR CA  CB   sing N N 301 
TYR CA  HA   sing N N 302 
TYR C   O    doub N N 303 
TYR C   OXT  sing N N 304 
TYR CB  CG   sing N N 305 
TYR CB  HB2  sing N N 306 
TYR CB  HB3  sing N N 307 
TYR CG  CD1  doub Y N 308 
TYR CG  CD2  sing Y N 309 
TYR CD1 CE1  sing Y N 310 
TYR CD1 HD1  sing N N 311 
TYR CD2 CE2  doub Y N 312 
TYR CD2 HD2  sing N N 313 
TYR CE1 CZ   doub Y N 314 
TYR CE1 HE1  sing N N 315 
TYR CE2 CZ   sing Y N 316 
TYR CE2 HE2  sing N N 317 
TYR CZ  OH   sing N N 318 
TYR OH  HH   sing N N 319 
TYR OXT HXT  sing N N 320 
VAL N   CA   sing N N 321 
VAL N   H    sing N N 322 
VAL N   H2   sing N N 323 
VAL CA  C    sing N N 324 
VAL CA  CB   sing N N 325 
VAL CA  HA   sing N N 326 
VAL C   O    doub N N 327 
VAL C   OXT  sing N N 328 
VAL CB  CG1  sing N N 329 
VAL CB  CG2  sing N N 330 
VAL CB  HB   sing N N 331 
VAL CG1 HG11 sing N N 332 
VAL CG1 HG12 sing N N 333 
VAL CG1 HG13 sing N N 334 
VAL CG2 HG21 sing N N 335 
VAL CG2 HG22 sing N N 336 
VAL CG2 HG23 sing N N 337 
VAL OXT HXT  sing N N 338 
# 
_atom_sites.entry_id                    2HJ1 
_atom_sites.fract_transf_matrix[1][1]   -0.00023411 
_atom_sites.fract_transf_matrix[1][2]   -0.00923977 
_atom_sites.fract_transf_matrix[1][3]   -0.00976283 
_atom_sites.fract_transf_matrix[2][1]   0.01314223 
_atom_sites.fract_transf_matrix[2][2]   -0.00220784 
_atom_sites.fract_transf_matrix[2][3]   0.00177440 
_atom_sites.fract_transf_matrix[3][1]   -0.00179417 
_atom_sites.fract_transf_matrix[3][2]   -0.00604633 
_atom_sites.fract_transf_matrix[3][3]   0.00576541 
_atom_sites.fract_transf_vector[1]      0.243013 
_atom_sites.fract_transf_vector[2]      0.297704 
_atom_sites.fract_transf_vector[3]      0.096693 
# 
loop_
_atom_type.symbol 
C 
N 
O 
S 
# 
loop_
_atom_site.group_PDB 
_atom_site.id 
_atom_site.type_symbol 
_atom_site.label_atom_id 
_atom_site.label_alt_id 
_atom_site.label_comp_id 
_atom_site.label_asym_id 
_atom_site.label_entity_id 
_atom_site.label_seq_id 
_atom_site.pdbx_PDB_ins_code 
_atom_site.Cartn_x 
_atom_site.Cartn_y 
_atom_site.Cartn_z 
_atom_site.occupancy 
_atom_site.B_iso_or_equiv 
_atom_site.pdbx_formal_charge 
_atom_site.auth_seq_id 
_atom_site.auth_comp_id 
_atom_site.auth_asym_id 
_atom_site.auth_atom_id 
_atom_site.pdbx_PDB_model_num 
ATOM   1    N N   . ASN A 1 11 ? 3.754   -16.772 17.777  1.00 66.74 ? 11  ASN A N   1 
ATOM   2    C CA  . ASN A 1 11 ? 3.273   -16.971 16.369  1.00 67.62 ? 11  ASN A CA  1 
ATOM   3    C C   . ASN A 1 11 ? 3.428   -15.671 15.556  1.00 66.49 ? 11  ASN A C   1 
ATOM   4    O O   . ASN A 1 11 ? 2.665   -14.722 15.759  1.00 66.52 ? 11  ASN A O   1 
ATOM   5    C CB  . ASN A 1 11 ? 1.808   -17.422 16.366  1.00 68.41 ? 11  ASN A CB  1 
ATOM   6    C CG  . ASN A 1 11 ? 1.380   -18.021 15.024  1.00 71.59 ? 11  ASN A CG  1 
ATOM   7    O OD1 . ASN A 1 11 ? 0.559   -18.951 14.975  1.00 73.08 ? 11  ASN A OD1 1 
ATOM   8    N ND2 . ASN A 1 11 ? 1.947   -17.501 13.929  1.00 73.46 ? 11  ASN A ND2 1 
ATOM   9    N N   . GLN A 1 12 ? 4.405   -15.646 14.645  1.00 64.37 ? 12  GLN A N   1 
ATOM   10   C CA  . GLN A 1 12 ? 5.013   -14.389 14.204  1.00 62.59 ? 12  GLN A CA  1 
ATOM   11   C C   . GLN A 1 12 ? 4.730   -14.043 12.750  1.00 61.15 ? 12  GLN A C   1 
ATOM   12   O O   . GLN A 1 12 ? 4.409   -14.925 11.958  1.00 61.44 ? 12  GLN A O   1 
ATOM   13   C CB  . GLN A 1 12 ? 6.529   -14.448 14.402  1.00 62.56 ? 12  GLN A CB  1 
ATOM   14   C CG  . GLN A 1 12 ? 6.963   -14.742 15.822  1.00 63.66 ? 12  GLN A CG  1 
ATOM   15   C CD  . GLN A 1 12 ? 6.911   -13.524 16.724  1.00 64.26 ? 12  GLN A CD  1 
ATOM   16   O OE1 . GLN A 1 12 ? 7.866   -12.747 16.781  1.00 65.93 ? 12  GLN A OE1 1 
ATOM   17   N NE2 . GLN A 1 12 ? 5.801   -13.356 17.441  1.00 63.66 ? 12  GLN A NE2 1 
ATOM   18   N N   . ILE A 1 13 ? 4.840   -12.757 12.404  1.00 58.79 ? 13  ILE A N   1 
ATOM   19   C CA  . ILE A 1 13 ? 4.784   -12.335 10.988  1.00 56.29 ? 13  ILE A CA  1 
ATOM   20   C C   . ILE A 1 13 ? 5.938   -11.405 10.674  1.00 54.42 ? 13  ILE A C   1 
ATOM   21   O O   . ILE A 1 13 ? 6.463   -10.761 11.562  1.00 53.86 ? 13  ILE A O   1 
ATOM   22   C CB  . ILE A 1 13 ? 3.431   -11.685 10.585  1.00 56.40 ? 13  ILE A CB  1 
ATOM   23   C CG1 . ILE A 1 13 ? 3.082   -10.508 11.531  1.00 55.75 ? 13  ILE A CG1 1 
ATOM   24   C CG2 . ILE A 1 13 ? 2.323   -12.747 10.482  1.00 55.41 ? 13  ILE A CG2 1 
ATOM   25   C CD1 . ILE A 1 13 ? 2.043   -9.527  10.993  1.00 55.84 ? 13  ILE A CD1 1 
ATOM   26   N N   . ASN A 1 14 ? 6.338   -11.359 9.408   1.00 52.77 ? 14  ASN A N   1 
ATOM   27   C CA  . ASN A 1 14 ? 7.414   -10.463 8.978   1.00 51.68 ? 14  ASN A CA  1 
ATOM   28   C C   . ASN A 1 14 ? 6.793   -9.188  8.387   1.00 49.94 ? 14  ASN A C   1 
ATOM   29   O O   . ASN A 1 14 ? 5.947   -9.269  7.493   1.00 49.59 ? 14  ASN A O   1 
ATOM   30   C CB  . ASN A 1 14 ? 8.299   -11.118 7.910   1.00 52.35 ? 14  ASN A CB  1 
ATOM   31   C CG  . ASN A 1 14 ? 8.960   -12.407 8.389   1.00 54.53 ? 14  ASN A CG  1 
ATOM   32   O OD1 . ASN A 1 14 ? 9.932   -12.385 9.154   1.00 55.75 ? 14  ASN A OD1 1 
ATOM   33   N ND2 . ASN A 1 14 ? 8.438   -13.532 7.926   1.00 56.33 ? 14  ASN A ND2 1 
ATOM   34   N N   . ILE A 1 15 ? 7.225   -8.028  8.887   1.00 47.57 ? 15  ILE A N   1 
ATOM   35   C CA  . ILE A 1 15 ? 6.728   -6.745  8.399   1.00 45.44 ? 15  ILE A CA  1 
ATOM   36   C C   . ILE A 1 15 ? 7.864   -5.807  8.213   1.00 44.09 ? 15  ILE A C   1 
ATOM   37   O O   . ILE A 1 15 ? 8.981   -6.045  8.692   1.00 44.20 ? 15  ILE A O   1 
ATOM   38   C CB  . ILE A 1 15 ? 5.704   -6.073  9.384   1.00 45.14 ? 15  ILE A CB  1 
ATOM   39   C CG1 . ILE A 1 15 ? 6.359   -5.789  10.750  1.00 45.88 ? 15  ILE A CG1 1 
ATOM   40   C CG2 . ILE A 1 15 ? 4.440   -6.896  9.466   1.00 43.41 ? 15  ILE A CG2 1 
ATOM   41   C CD1 . ILE A 1 15 ? 5.609   -4.810  11.641  1.00 44.68 ? 15  ILE A CD1 1 
ATOM   42   N N   . GLU A 1 16 ? 7.578   -4.696  7.561   1.00 42.64 ? 16  GLU A N   1 
ATOM   43   C CA  . GLU A 1 16 ? 8.572   -3.656  7.406   1.00 42.51 ? 16  GLU A CA  1 
ATOM   44   C C   . GLU A 1 16 ? 7.969   -2.343  7.797   1.00 40.32 ? 16  GLU A C   1 
ATOM   45   O O   . GLU A 1 16 ? 6.760   -2.190  7.741   1.00 38.69 ? 16  GLU A O   1 
ATOM   46   C CB  . GLU A 1 16 ? 9.050   -3.583  5.960   1.00 41.85 ? 16  GLU A CB  1 
ATOM   47   C CG  . GLU A 1 16 ? 9.836   -4.838  5.520   1.00 46.82 ? 16  GLU A CG  1 
ATOM   48   C CD  . GLU A 1 16 ? 10.297  -4.737  4.075   1.00 47.93 ? 16  GLU A CD  1 
ATOM   49   O OE1 . GLU A 1 16 ? 9.433   -4.471  3.204   1.00 53.29 ? 16  GLU A OE1 1 
ATOM   50   O OE2 . GLU A 1 16 ? 11.526  -4.886  3.827   1.00 55.88 ? 16  GLU A OE2 1 
ATOM   51   N N   . ILE A 1 17 ? 8.820   -1.401  8.158   1.00 40.08 ? 17  ILE A N   1 
ATOM   52   C CA  . ILE A 1 17 ? 8.406   -0.026  8.353   1.00 42.14 ? 17  ILE A CA  1 
ATOM   53   C C   . ILE A 1 17 ? 9.433   0.836   7.678   1.00 41.46 ? 17  ILE A C   1 
ATOM   54   O O   . ILE A 1 17 ? 10.646  0.651   7.913   1.00 41.68 ? 17  ILE A O   1 
ATOM   55   C CB  . ILE A 1 17 ? 8.362   0.386   9.861   1.00 41.51 ? 17  ILE A CB  1 
ATOM   56   C CG1 . ILE A 1 17 ? 7.498   -0.580  10.658  1.00 44.91 ? 17  ILE A CG1 1 
ATOM   57   C CG2 . ILE A 1 17 ? 7.793   1.810   10.013  1.00 40.96 ? 17  ILE A CG2 1 
ATOM   58   C CD1 . ILE A 1 17 ? 7.274   -0.122  12.168  1.00 46.08 ? 17  ILE A CD1 1 
ATOM   59   N N   . ALA A 1 18 ? 8.950   1.802   6.886   1.00 40.89 ? 18  ALA A N   1 
ATOM   60   C CA  . ALA A 1 18 ? 9.812   2.757   6.174   1.00 39.77 ? 18  ALA A CA  1 
ATOM   61   C C   . ALA A 1 18 ? 9.458   4.167   6.550   1.00 39.71 ? 18  ALA A C   1 
ATOM   62   O O   . ALA A 1 18 ? 8.306   4.470   6.827   1.00 39.81 ? 18  ALA A O   1 
ATOM   63   C CB  . ALA A 1 18 ? 9.647   2.582   4.687   1.00 39.34 ? 18  ALA A CB  1 
ATOM   64   N N   . TYR A 1 19 ? 10.455  5.032   6.600   1.00 38.89 ? 19  TYR A N   1 
ATOM   65   C CA  . TYR A 1 19 ? 10.191  6.425   6.786   1.00 38.98 ? 19  TYR A CA  1 
ATOM   66   C C   . TYR A 1 19 ? 11.009  7.109   5.714   1.00 40.40 ? 19  TYR A C   1 
ATOM   67   O O   . TYR A 1 19 ? 12.251  6.988   5.681   1.00 40.22 ? 19  TYR A O   1 
ATOM   68   C CB  . TYR A 1 19 ? 10.608  6.874   8.197   1.00 38.62 ? 19  TYR A CB  1 
ATOM   69   C CG  . TYR A 1 19 ? 10.579  8.354   8.435   1.00 37.36 ? 19  TYR A CG  1 
ATOM   70   C CD1 . TYR A 1 19 ? 9.497   9.137   8.032   1.00 35.08 ? 19  TYR A CD1 1 
ATOM   71   C CD2 . TYR A 1 19 ? 11.620  8.966   9.122   1.00 36.84 ? 19  TYR A CD2 1 
ATOM   72   C CE1 . TYR A 1 19 ? 9.470   10.475  8.264   1.00 36.18 ? 19  TYR A CE1 1 
ATOM   73   C CE2 . TYR A 1 19 ? 11.598  10.297  9.370   1.00 35.86 ? 19  TYR A CE2 1 
ATOM   74   C CZ  . TYR A 1 19 ? 10.559  11.040  8.946   1.00 37.97 ? 19  TYR A CZ  1 
ATOM   75   O OH  . TYR A 1 19 ? 10.619  12.365  9.211   1.00 40.66 ? 19  TYR A OH  1 
ATOM   76   N N   . ALA A 1 20 ? 10.299  7.801   4.820   1.00 40.96 ? 20  ALA A N   1 
ATOM   77   C CA  . ALA A 1 20 ? 10.915  8.547   3.734   1.00 42.32 ? 20  ALA A CA  1 
ATOM   78   C C   . ALA A 1 20 ? 10.991  9.999   4.121   1.00 43.82 ? 20  ALA A C   1 
ATOM   79   O O   . ALA A 1 20 ? 9.967   10.665  4.339   1.00 43.86 ? 20  ALA A O   1 
ATOM   80   C CB  . ALA A 1 20 ? 10.078  8.386   2.406   1.00 41.30 ? 20  ALA A CB  1 
ATOM   81   N N   . PHE A 1 21 ? 12.205  10.523  4.187   1.00 44.70 ? 21  PHE A N   1 
ATOM   82   C CA  . PHE A 1 21 ? 12.321  11.949  4.279   1.00 46.34 ? 21  PHE A CA  1 
ATOM   83   C C   . PHE A 1 21 ? 13.395  12.433  3.286   1.00 46.31 ? 21  PHE A C   1 
ATOM   84   O O   . PHE A 1 21 ? 13.995  11.614  2.603   1.00 45.56 ? 21  PHE A O   1 
ATOM   85   C CB  . PHE A 1 21 ? 12.492  12.413  5.756   1.00 47.71 ? 21  PHE A CB  1 
ATOM   86   C CG  . PHE A 1 21 ? 13.714  11.860  6.435   1.00 50.10 ? 21  PHE A CG  1 
ATOM   87   C CD1 . PHE A 1 21 ? 14.799  12.678  6.691   1.00 52.89 ? 21  PHE A CD1 1 
ATOM   88   C CD2 . PHE A 1 21 ? 13.768  10.518  6.826   1.00 54.11 ? 21  PHE A CD2 1 
ATOM   89   C CE1 . PHE A 1 21 ? 15.934  12.175  7.315   1.00 55.44 ? 21  PHE A CE1 1 
ATOM   90   C CE2 . PHE A 1 21 ? 14.907  9.987   7.461   1.00 56.03 ? 21  PHE A CE2 1 
ATOM   91   C CZ  . PHE A 1 21 ? 15.990  10.817  7.702   1.00 53.35 ? 21  PHE A CZ  1 
ATOM   92   N N   . PRO A 1 22 ? 13.555  13.759  3.145   1.00 47.36 ? 22  PRO A N   1 
ATOM   93   C CA  . PRO A 1 22 ? 14.333  14.318  2.031   1.00 49.24 ? 22  PRO A CA  1 
ATOM   94   C C   . PRO A 1 22 ? 15.771  13.828  1.963   1.00 50.72 ? 22  PRO A C   1 
ATOM   95   O O   . PRO A 1 22 ? 16.260  13.554  0.864   1.00 51.97 ? 22  PRO A O   1 
ATOM   96   C CB  . PRO A 1 22 ? 14.263  15.822  2.269   1.00 48.47 ? 22  PRO A CB  1 
ATOM   97   C CG  . PRO A 1 22 ? 13.005  15.988  3.089   1.00 48.00 ? 22  PRO A CG  1 
ATOM   98   C CD  . PRO A 1 22 ? 12.936  14.820  3.962   1.00 46.72 ? 22  PRO A CD  1 
ATOM   99   N N   . GLU A 1 23 ? 16.414  13.648  3.107   1.00 51.73 ? 23  GLU A N   1 
ATOM   100  C CA  . GLU A 1 23 ? 17.852  13.338  3.100   1.00 53.75 ? 23  GLU A CA  1 
ATOM   101  C C   . GLU A 1 23 ? 18.143  11.840  3.120   1.00 52.81 ? 23  GLU A C   1 
ATOM   102  O O   . GLU A 1 23 ? 19.256  11.434  2.853   1.00 53.19 ? 23  GLU A O   1 
ATOM   103  C CB  . GLU A 1 23 ? 18.552  14.021  4.287   1.00 54.73 ? 23  GLU A CB  1 
ATOM   104  C CG  . GLU A 1 23 ? 18.276  15.562  4.429   1.00 60.92 ? 23  GLU A CG  1 
ATOM   105  C CD  . GLU A 1 23 ? 16.961  15.940  5.194   1.00 67.98 ? 23  GLU A CD  1 
ATOM   106  O OE1 . GLU A 1 23 ? 16.282  15.042  5.771   1.00 70.20 ? 23  GLU A OE1 1 
ATOM   107  O OE2 . GLU A 1 23 ? 16.622  17.158  5.216   1.00 69.59 ? 23  GLU A OE2 1 
ATOM   108  N N   . ARG A 1 24 ? 17.159  11.017  3.464   1.00 50.90 ? 24  ARG A N   1 
ATOM   109  C CA  . ARG A 1 24 ? 17.401  9.593   3.605   1.00 50.83 ? 24  ARG A CA  1 
ATOM   110  C C   . ARG A 1 24 ? 16.109  8.787   3.541   1.00 48.55 ? 24  ARG A C   1 
ATOM   111  O O   . ARG A 1 24 ? 15.024  9.302   3.837   1.00 47.12 ? 24  ARG A O   1 
ATOM   112  C CB  . ARG A 1 24 ? 18.143  9.295   4.929   1.00 51.92 ? 24  ARG A CB  1 
ATOM   113  C CG  . ARG A 1 24 ? 17.826  7.919   5.528   1.00 53.68 ? 24  ARG A CG  1 
ATOM   114  C CD  . ARG A 1 24 ? 18.895  7.453   6.522   1.00 55.92 ? 24  ARG A CD  1 
ATOM   115  N NE  . ARG A 1 24 ? 18.765  8.065   7.849   1.00 64.35 ? 24  ARG A NE  1 
ATOM   116  C CZ  . ARG A 1 24 ? 18.739  7.374   8.989   1.00 66.34 ? 24  ARG A CZ  1 
ATOM   117  N NH1 . ARG A 1 24 ? 18.813  6.044   8.960   1.00 66.51 ? 24  ARG A NH1 1 
ATOM   118  N NH2 . ARG A 1 24 ? 18.653  8.019   10.156  1.00 66.17 ? 24  ARG A NH2 1 
ATOM   119  N N   . TYR A 1 25 ? 16.245  7.533   3.130   1.00 46.72 ? 25  TYR A N   1 
ATOM   120  C CA  . TYR A 1 25 ? 15.171  6.576   3.165   1.00 46.96 ? 25  TYR A CA  1 
ATOM   121  C C   . TYR A 1 25 ? 15.503  5.545   4.232   1.00 48.12 ? 25  TYR A C   1 
ATOM   122  O O   . TYR A 1 25 ? 16.481  4.826   4.118   1.00 49.00 ? 25  TYR A O   1 
ATOM   123  C CB  . TYR A 1 25 ? 15.013  5.894   1.809   1.00 46.01 ? 25  TYR A CB  1 
ATOM   124  C CG  . TYR A 1 25 ? 13.863  4.931   1.752   1.00 44.22 ? 25  TYR A CG  1 
ATOM   125  C CD1 . TYR A 1 25 ? 12.558  5.389   1.802   1.00 41.31 ? 25  TYR A CD1 1 
ATOM   126  C CD2 . TYR A 1 25 ? 14.078  3.563   1.624   1.00 43.49 ? 25  TYR A CD2 1 
ATOM   127  C CE1 . TYR A 1 25 ? 11.496  4.521   1.750   1.00 41.92 ? 25  TYR A CE1 1 
ATOM   128  C CE2 . TYR A 1 25 ? 13.004  2.677   1.571   1.00 42.32 ? 25  TYR A CE2 1 
ATOM   129  C CZ  . TYR A 1 25 ? 11.729  3.169   1.628   1.00 43.94 ? 25  TYR A CZ  1 
ATOM   130  O OH  . TYR A 1 25 ? 10.658  2.307   1.607   1.00 47.78 ? 25  TYR A OH  1 
ATOM   131  N N   . TYR A 1 26 ? 14.692  5.491   5.286   1.00 49.29 ? 26  TYR A N   1 
ATOM   132  C CA  . TYR A 1 26 ? 14.874  4.512   6.361   1.00 49.52 ? 26  TYR A CA  1 
ATOM   133  C C   . TYR A 1 26 ? 13.963  3.299   6.155   1.00 48.27 ? 26  TYR A C   1 
ATOM   134  O O   . TYR A 1 26 ? 12.773  3.462   5.960   1.00 46.97 ? 26  TYR A O   1 
ATOM   135  C CB  . TYR A 1 26 ? 14.564  5.205   7.690   1.00 52.17 ? 26  TYR A CB  1 
ATOM   136  C CG  . TYR A 1 26 ? 14.538  4.291   8.916   1.00 55.92 ? 26  TYR A CG  1 
ATOM   137  C CD1 . TYR A 1 26 ? 15.708  4.034   9.649   1.00 59.06 ? 26  TYR A CD1 1 
ATOM   138  C CD2 . TYR A 1 26 ? 13.345  3.695   9.349   1.00 57.37 ? 26  TYR A CD2 1 
ATOM   139  C CE1 . TYR A 1 26 ? 15.684  3.193   10.785  1.00 59.99 ? 26  TYR A CE1 1 
ATOM   140  C CE2 . TYR A 1 26 ? 13.314  2.860   10.484  1.00 58.90 ? 26  TYR A CE2 1 
ATOM   141  C CZ  . TYR A 1 26 ? 14.481  2.629   11.180  1.00 58.60 ? 26  TYR A CZ  1 
ATOM   142  O OH  . TYR A 1 26 ? 14.444  1.834   12.290  1.00 62.45 ? 26  TYR A OH  1 
ATOM   143  N N   . LEU A 1 27 ? 14.517  2.091   6.192   1.00 47.71 ? 27  LEU A N   1 
ATOM   144  C CA  . LEU A 1 27 ? 13.728  0.869   6.063   1.00 48.52 ? 27  LEU A CA  1 
ATOM   145  C C   . LEU A 1 27 ? 14.200  -0.155  7.069   1.00 49.67 ? 27  LEU A C   1 
ATOM   146  O O   . LEU A 1 27 ? 15.410  -0.406  7.174   1.00 50.32 ? 27  LEU A O   1 
ATOM   147  C CB  . LEU A 1 27 ? 13.795  0.299   4.629   1.00 47.40 ? 27  LEU A CB  1 
ATOM   148  C CG  . LEU A 1 27 ? 13.002  -0.988  4.276   1.00 47.60 ? 27  LEU A CG  1 
ATOM   149  C CD1 . LEU A 1 27 ? 11.496  -0.847  4.386   1.00 42.80 ? 27  LEU A CD1 1 
ATOM   150  C CD2 . LEU A 1 27 ? 13.366  -1.536  2.832   1.00 49.05 ? 27  LEU A CD2 1 
ATOM   151  N N   A LYS A 1 28 ? 13.266  -0.753  7.803   0.50 50.36 ? 28  LYS A N   1 
ATOM   152  N N   B LYS A 1 28 ? 13.258  -0.750  7.801   0.50 50.00 ? 28  LYS A N   1 
ATOM   153  C CA  A LYS A 1 28 ? 13.621  -1.771  8.782   0.50 51.17 ? 28  LYS A CA  1 
ATOM   154  C CA  B LYS A 1 28 ? 13.564  -1.741  8.834   0.50 50.45 ? 28  LYS A CA  1 
ATOM   155  C C   A LYS A 1 28 ? 12.634  -2.934  8.765   0.50 51.49 ? 28  LYS A C   1 
ATOM   156  C C   B LYS A 1 28 ? 12.617  -2.940  8.736   0.50 51.10 ? 28  LYS A C   1 
ATOM   157  O O   A LYS A 1 28 ? 11.420  -2.724  8.673   0.50 51.25 ? 28  LYS A O   1 
ATOM   158  O O   B LYS A 1 28 ? 11.409  -2.759  8.555   0.50 50.86 ? 28  LYS A O   1 
ATOM   159  C CB  A LYS A 1 28 ? 13.723  -1.160  10.182  0.50 51.58 ? 28  LYS A CB  1 
ATOM   160  C CB  B LYS A 1 28 ? 13.496  -1.086  10.227  0.50 50.55 ? 28  LYS A CB  1 
ATOM   161  C CG  A LYS A 1 28 ? 14.552  -1.979  11.164  0.50 53.56 ? 28  LYS A CG  1 
ATOM   162  C CG  B LYS A 1 28 ? 13.285  -2.042  11.415  0.50 50.30 ? 28  LYS A CG  1 
ATOM   163  C CD  A LYS A 1 28 ? 14.372  -1.480  12.584  0.50 56.55 ? 28  LYS A CD  1 
ATOM   164  C CD  B LYS A 1 28 ? 13.058  -1.287  12.717  0.50 50.57 ? 28  LYS A CD  1 
ATOM   165  C CE  A LYS A 1 28 ? 15.384  -2.102  13.528  0.50 57.58 ? 28  LYS A CE  1 
ATOM   166  C CE  B LYS A 1 28 ? 12.696  -2.229  13.857  0.50 51.55 ? 28  LYS A CE  1 
ATOM   167  N NZ  A LYS A 1 28 ? 15.125  -1.645  14.927  0.50 59.33 ? 28  LYS A NZ  1 
ATOM   168  N NZ  B LYS A 1 28 ? 13.241  -1.742  15.160  0.50 52.05 ? 28  LYS A NZ  1 
ATOM   169  N N   . SER A 1 29 ? 13.170  -4.156  8.841   1.00 51.30 ? 29  SER A N   1 
ATOM   170  C CA  . SER A 1 29 ? 12.372  -5.392  8.881   1.00 52.63 ? 29  SER A CA  1 
ATOM   171  C C   . SER A 1 29 ? 12.294  -5.861  10.316  1.00 53.25 ? 29  SER A C   1 
ATOM   172  O O   . SER A 1 29 ? 13.273  -5.761  11.039  1.00 53.55 ? 29  SER A O   1 
ATOM   173  C CB  . SER A 1 29 ? 13.033  -6.525  8.084   1.00 53.55 ? 29  SER A CB  1 
ATOM   174  O OG  . SER A 1 29 ? 13.233  -6.181  6.723   1.00 56.16 ? 29  SER A OG  1 
ATOM   175  N N   A PHE A 1 30 ? 11.124  -6.378  10.708  0.50 53.46 ? 30  PHE A N   1 
ATOM   176  N N   B PHE A 1 30 ? 11.144  -6.361  10.737  0.50 53.63 ? 30  PHE A N   1 
ATOM   177  C CA  A PHE A 1 30 ? 10.829  -6.840  12.078  0.50 54.15 ? 30  PHE A CA  1 
ATOM   178  C CA  B PHE A 1 30 ? 11.065  -7.008  12.042  0.50 54.41 ? 30  PHE A CA  1 
ATOM   179  C C   A PHE A 1 30 ? 9.980   -8.107  12.037  0.50 54.94 ? 30  PHE A C   1 
ATOM   180  C C   B PHE A 1 30 ? 9.920   -7.994  12.158  0.50 55.16 ? 30  PHE A C   1 
ATOM   181  O O   A PHE A 1 30 ? 9.232   -8.325  11.071  0.50 54.46 ? 30  PHE A O   1 
ATOM   182  O O   B PHE A 1 30 ? 8.958   -7.950  11.383  0.50 54.86 ? 30  PHE A O   1 
ATOM   183  C CB  A PHE A 1 30 ? 9.997   -5.817  12.862  0.50 53.44 ? 30  PHE A CB  1 
ATOM   184  C CB  B PHE A 1 30 ? 11.189  -6.029  13.240  0.50 53.98 ? 30  PHE A CB  1 
ATOM   185  C CG  A PHE A 1 30 ? 10.548  -4.420  12.858  0.50 53.37 ? 30  PHE A CG  1 
ATOM   186  C CG  B PHE A 1 30 ? 10.070  -5.025  13.376  0.50 53.65 ? 30  PHE A CG  1 
ATOM   187  C CD1 A PHE A 1 30 ? 10.189  -3.519  11.851  0.50 52.55 ? 30  PHE A CD1 1 
ATOM   188  C CD1 B PHE A 1 30 ? 9.454   -4.836  14.612  0.50 53.39 ? 30  PHE A CD1 1 
ATOM   189  C CD2 A PHE A 1 30 ? 11.386  -3.989  13.882  0.50 51.58 ? 30  PHE A CD2 1 
ATOM   190  C CD2 B PHE A 1 30 ? 9.668   -4.228  12.307  0.50 53.33 ? 30  PHE A CD2 1 
ATOM   191  C CE1 A PHE A 1 30 ? 10.686  -2.215  11.854  0.50 53.15 ? 30  PHE A CE1 1 
ATOM   192  C CE1 B PHE A 1 30 ? 8.433   -3.899  14.778  0.50 52.68 ? 30  PHE A CE1 1 
ATOM   193  C CE2 A PHE A 1 30 ? 11.889  -2.694  13.898  0.50 51.67 ? 30  PHE A CE2 1 
ATOM   194  C CE2 B PHE A 1 30 ? 8.651   -3.297  12.466  0.50 53.16 ? 30  PHE A CE2 1 
ATOM   195  C CZ  A PHE A 1 30 ? 11.546  -1.802  12.882  0.50 52.42 ? 30  PHE A CZ  1 
ATOM   196  C CZ  B PHE A 1 30 ? 8.028   -3.137  13.712  0.50 52.80 ? 30  PHE A CZ  1 
ATOM   197  N N   . GLN A 1 31 ? 10.077  -8.924  13.094  1.00 55.85 ? 31  GLN A N   1 
ATOM   198  C CA  . GLN A 1 31 ? 9.104   -9.994  13.332  1.00 57.50 ? 31  GLN A CA  1 
ATOM   199  C C   . GLN A 1 31 ? 8.265   -9.572  14.500  1.00 57.53 ? 31  GLN A C   1 
ATOM   200  O O   . GLN A 1 31 ? 8.787   -9.109  15.525  1.00 58.34 ? 31  GLN A O   1 
ATOM   201  C CB  . GLN A 1 31 ? 9.785   -11.332 13.632  1.00 57.99 ? 31  GLN A CB  1 
ATOM   202  C CG  . GLN A 1 31 ? 10.160  -12.088 12.377  1.00 63.12 ? 31  GLN A CG  1 
ATOM   203  C CD  . GLN A 1 31 ? 10.234  -13.610 12.568  1.00 69.11 ? 31  GLN A CD  1 
ATOM   204  O OE1 . GLN A 1 31 ? 10.051  -14.134 13.682  1.00 71.86 ? 31  GLN A OE1 1 
ATOM   205  N NE2 . GLN A 1 31 ? 10.505  -14.326 11.473  1.00 69.57 ? 31  GLN A NE2 1 
ATOM   206  N N   . VAL A 1 32 ? 6.959   -9.704  14.353  1.00 56.92 ? 32  VAL A N   1 
ATOM   207  C CA  . VAL A 1 32 ? 6.052   -9.275  15.414  1.00 56.53 ? 32  VAL A CA  1 
ATOM   208  C C   . VAL A 1 32 ? 4.963   -10.317 15.560  1.00 57.01 ? 32  VAL A C   1 
ATOM   209  O O   . VAL A 1 32 ? 4.777   -11.139 14.653  1.00 56.28 ? 32  VAL A O   1 
ATOM   210  C CB  . VAL A 1 32 ? 5.411   -7.882  15.105  1.00 56.56 ? 32  VAL A CB  1 
ATOM   211  C CG1 . VAL A 1 32 ? 6.481   -6.792  15.141  1.00 56.89 ? 32  VAL A CG1 1 
ATOM   212  C CG2 . VAL A 1 32 ? 4.698   -7.885  13.749  1.00 53.23 ? 32  VAL A CG2 1 
ATOM   213  N N   . ASP A 1 33 ? 4.235   -10.257 16.673  1.00 57.69 ? 33  ASP A N   1 
ATOM   214  C CA  . ASP A 1 33 ? 3.114   -11.151 16.909  1.00 59.17 ? 33  ASP A CA  1 
ATOM   215  C C   . ASP A 1 33 ? 2.031   -10.950 15.876  1.00 59.28 ? 33  ASP A C   1 
ATOM   216  O O   . ASP A 1 33 ? 1.531   -9.838  15.683  1.00 58.77 ? 33  ASP A O   1 
ATOM   217  C CB  . ASP A 1 33 ? 2.486   -10.912 18.292  1.00 59.45 ? 33  ASP A CB  1 
ATOM   218  C CG  . ASP A 1 33 ? 3.456   -11.161 19.438  1.00 63.16 ? 33  ASP A CG  1 
ATOM   219  O OD1 . ASP A 1 33 ? 4.347   -12.052 19.302  1.00 64.66 ? 33  ASP A OD1 1 
ATOM   220  O OD2 . ASP A 1 33 ? 3.327   -10.449 20.472  1.00 65.54 ? 33  ASP A OD2 1 
ATOM   221  N N   . GLU A 1 34 ? 1.653   -12.039 15.224  1.00 59.56 ? 34  GLU A N   1 
ATOM   222  C CA  . GLU A 1 34 ? 0.422   -12.068 14.460  1.00 60.13 ? 34  GLU A CA  1 
ATOM   223  C C   . GLU A 1 34 ? -0.682  -11.348 15.261  1.00 59.45 ? 34  GLU A C   1 
ATOM   224  O O   . GLU A 1 34 ? -0.772  -11.515 16.473  1.00 59.83 ? 34  GLU A O   1 
ATOM   225  C CB  . GLU A 1 34 ? 0.059   -13.521 14.214  1.00 60.47 ? 34  GLU A CB  1 
ATOM   226  C CG  . GLU A 1 34 ? -1.155  -13.746 13.355  1.00 65.10 ? 34  GLU A CG  1 
ATOM   227  C CD  . GLU A 1 34 ? -1.197  -15.183 12.810  1.00 71.24 ? 34  GLU A CD  1 
ATOM   228  O OE1 . GLU A 1 34 ? -0.857  -15.376 11.609  1.00 71.95 ? 34  GLU A OE1 1 
ATOM   229  O OE2 . GLU A 1 34 ? -1.543  -16.106 13.598  1.00 71.92 ? 34  GLU A OE2 1 
ATOM   230  N N   . GLY A 1 35 ? -1.499  -10.538 14.589  1.00 58.47 ? 35  GLY A N   1 
ATOM   231  C CA  . GLY A 1 35 ? -2.582  -9.801  15.242  1.00 57.28 ? 35  GLY A CA  1 
ATOM   232  C C   . GLY A 1 35 ? -2.270  -8.382  15.711  1.00 56.38 ? 35  GLY A C   1 
ATOM   233  O O   . GLY A 1 35 ? -3.181  -7.638  16.074  1.00 57.07 ? 35  GLY A O   1 
ATOM   234  N N   . ILE A 1 36 ? -0.992  -8.014  15.716  1.00 54.62 ? 36  ILE A N   1 
ATOM   235  C CA  . ILE A 1 36 ? -0.536  -6.658  16.066  1.00 53.44 ? 36  ILE A CA  1 
ATOM   236  C C   . ILE A 1 36 ? -1.187  -5.573  15.146  1.00 51.72 ? 36  ILE A C   1 
ATOM   237  O O   . ILE A 1 36 ? -1.396  -5.805  13.944  1.00 50.98 ? 36  ILE A O   1 
ATOM   238  C CB  . ILE A 1 36 ? 1.040   -6.608  16.034  1.00 53.47 ? 36  ILE A CB  1 
ATOM   239  C CG1 . ILE A 1 36 ? 1.608   -5.339  16.639  1.00 55.47 ? 36  ILE A CG1 1 
ATOM   240  C CG2 . ILE A 1 36 ? 1.599   -6.755  14.621  1.00 55.33 ? 36  ILE A CG2 1 
ATOM   241  C CD1 . ILE A 1 36 ? 3.144   -5.287  16.597  1.00 53.93 ? 36  ILE A CD1 1 
ATOM   242  N N   . THR A 1 37 ? -1.531  -4.416  15.727  1.00 49.12 ? 37  THR A N   1 
ATOM   243  C CA  . THR A 1 37 ? -2.051  -3.283  14.964  1.00 45.52 ? 37  THR A CA  1 
ATOM   244  C C   . THR A 1 37 ? -0.916  -2.469  14.406  1.00 43.46 ? 37  THR A C   1 
ATOM   245  O O   . THR A 1 37 ? 0.223   -2.631  14.814  1.00 41.62 ? 37  THR A O   1 
ATOM   246  C CB  . THR A 1 37 ? -2.933  -2.355  15.828  1.00 46.50 ? 37  THR A CB  1 
ATOM   247  O OG1 . THR A 1 37 ? -2.144  -1.787  16.891  1.00 45.54 ? 37  THR A OG1 1 
ATOM   248  C CG2 . THR A 1 37 ? -4.148  -3.126  16.392  1.00 45.26 ? 37  THR A CG2 1 
ATOM   249  N N   . VAL A 1 38 ? -1.223  -1.608  13.436  1.00 41.60 ? 38  VAL A N   1 
ATOM   250  C CA  . VAL A 1 38 ? -0.215  -0.701  12.881  1.00 40.70 ? 38  VAL A CA  1 
ATOM   251  C C   . VAL A 1 38 ? 0.434   0.133   13.990  1.00 41.08 ? 38  VAL A C   1 
ATOM   252  O O   . VAL A 1 38 ? 1.656   0.304   14.024  1.00 40.66 ? 38  VAL A O   1 
ATOM   253  C CB  . VAL A 1 38 ? -0.850  0.266   11.841  1.00 41.03 ? 38  VAL A CB  1 
ATOM   254  C CG1 . VAL A 1 38 ? 0.163   1.313   11.385  1.00 38.70 ? 38  VAL A CG1 1 
ATOM   255  C CG2 . VAL A 1 38 ? -1.458  -0.553  10.673  1.00 39.12 ? 38  VAL A CG2 1 
ATOM   256  N N   A GLN A 1 39 ? -0.375  0.665   14.907  0.70 41.00 ? 39  GLN A N   1 
ATOM   257  N N   B GLN A 1 39 ? -0.409  0.628   14.888  0.30 41.43 ? 39  GLN A N   1 
ATOM   258  C CA  A GLN A 1 39 ? 0.150   1.555   15.945  0.70 41.48 ? 39  GLN A CA  1 
ATOM   259  C CA  B GLN A 1 39 ? 0.015   1.512   15.949  0.30 42.22 ? 39  GLN A CA  1 
ATOM   260  C C   A GLN A 1 39 ? 1.121   0.833   16.850  0.70 42.10 ? 39  GLN A C   1 
ATOM   261  C C   B GLN A 1 39 ? 1.050   0.852   16.847  0.30 42.45 ? 39  GLN A C   1 
ATOM   262  O O   A GLN A 1 39 ? 2.142   1.397   17.255  0.70 43.15 ? 39  GLN A O   1 
ATOM   263  O O   B GLN A 1 39 ? 2.053   1.471   17.205  0.30 42.92 ? 39  GLN A O   1 
ATOM   264  C CB  A GLN A 1 39 ? -1.000  2.087   16.809  0.70 42.37 ? 39  GLN A CB  1 
ATOM   265  C CB  B GLN A 1 39 ? -1.203  1.912   16.786  0.30 42.41 ? 39  GLN A CB  1 
ATOM   266  C CG  A GLN A 1 39 ? -0.726  3.381   17.602  0.70 40.90 ? 39  GLN A CG  1 
ATOM   267  C CG  B GLN A 1 39 ? -1.351  3.409   16.982  0.30 42.48 ? 39  GLN A CG  1 
ATOM   268  C CD  A GLN A 1 39 ? -2.059  4.017   18.068  0.70 39.47 ? 39  GLN A CD  1 
ATOM   269  C CD  B GLN A 1 39 ? -0.241  4.021   17.795  0.30 40.83 ? 39  GLN A CD  1 
ATOM   270  O OE1 A GLN A 1 39 ? -2.430  5.085   17.630  0.70 33.86 ? 39  GLN A OE1 1 
ATOM   271  O OE1 B GLN A 1 39 ? -0.007  5.219   17.716  0.30 39.93 ? 39  GLN A OE1 1 
ATOM   272  N NE2 A GLN A 1 39 ? -2.798  3.293   18.885  0.70 38.77 ? 39  GLN A NE2 1 
ATOM   273  N NE2 B GLN A 1 39 ? 0.441   3.208   18.591  0.30 40.92 ? 39  GLN A NE2 1 
ATOM   274  N N   . THR A 1 40 ? 0.790   -0.400  17.209  1.00 42.62 ? 40  THR A N   1 
ATOM   275  C CA  . THR A 1 40 ? 1.637   -1.165  18.140  1.00 44.09 ? 40  THR A CA  1 
ATOM   276  C C   . THR A 1 40 ? 2.977   -1.429  17.458  1.00 43.96 ? 40  THR A C   1 
ATOM   277  O O   . THR A 1 40 ? 4.033   -1.244  18.067  1.00 43.01 ? 40  THR A O   1 
ATOM   278  C CB  . THR A 1 40 ? 0.960   -2.502  18.532  1.00 44.96 ? 40  THR A CB  1 
ATOM   279  O OG1 . THR A 1 40 ? -0.265  -2.222  19.218  1.00 47.13 ? 40  THR A OG1 1 
ATOM   280  C CG2 . THR A 1 40 ? 1.836   -3.344  19.431  1.00 45.36 ? 40  THR A CG2 1 
ATOM   281  N N   . ALA A 1 41 ? 2.922   -1.792  16.161  1.00 43.59 ? 41  ALA A N   1 
ATOM   282  C CA  . ALA A 1 41 ? 4.133   -2.011  15.380  1.00 42.49 ? 41  ALA A CA  1 
ATOM   283  C C   . ALA A 1 41 ? 4.987   -0.758  15.378  1.00 42.35 ? 41  ALA A C   1 
ATOM   284  O O   . ALA A 1 41 ? 6.198   -0.828  15.557  1.00 43.37 ? 41  ALA A O   1 
ATOM   285  C CB  . ALA A 1 41 ? 3.784   -2.465  13.915  1.00 43.29 ? 41  ALA A CB  1 
ATOM   286  N N   . ILE A 1 42 ? 4.372   0.403   15.195  1.00 41.84 ? 42  ILE A N   1 
ATOM   287  C CA  . ILE A 1 42 ? 5.140   1.649   15.137  1.00 42.45 ? 42  ILE A CA  1 
ATOM   288  C C   . ILE A 1 42 ? 5.806   1.961   16.485  1.00 43.82 ? 42  ILE A C   1 
ATOM   289  O O   . ILE A 1 42 ? 7.013   2.235   16.557  1.00 44.21 ? 42  ILE A O   1 
ATOM   290  C CB  . ILE A 1 42 ? 4.243   2.836   14.753  1.00 41.71 ? 42  ILE A CB  1 
ATOM   291  C CG1 . ILE A 1 42 ? 3.774   2.702   13.293  1.00 40.90 ? 42  ILE A CG1 1 
ATOM   292  C CG2 . ILE A 1 42 ? 4.961   4.161   15.035  1.00 40.92 ? 42  ILE A CG2 1 
ATOM   293  C CD1 . ILE A 1 42 ? 2.735   3.752   12.898  1.00 42.30 ? 42  ILE A CD1 1 
ATOM   294  N N   . THR A 1 43 ? 5.020   1.932   17.558  1.00 44.97 ? 43  THR A N   1 
ATOM   295  C CA  . THR A 1 43 ? 5.595   2.181   18.889  1.00 46.99 ? 43  THR A CA  1 
ATOM   296  C C   . THR A 1 43 ? 6.632   1.155   19.234  1.00 48.34 ? 43  THR A C   1 
ATOM   297  O O   . THR A 1 43 ? 7.698   1.503   19.745  1.00 50.51 ? 43  THR A O   1 
ATOM   298  C CB  . THR A 1 43 ? 4.529   2.285   20.012  1.00 46.59 ? 43  THR A CB  1 
ATOM   299  O OG1 . THR A 1 43 ? 3.782   1.068   20.087  1.00 43.98 ? 43  THR A OG1 1 
ATOM   300  C CG2 . THR A 1 43 ? 3.623   3.424   19.701  1.00 46.57 ? 43  THR A CG2 1 
ATOM   301  N N   . GLN A 1 44 ? 6.363   -0.098  18.906  1.00 50.11 ? 44  GLN A N   1 
ATOM   302  C CA  . GLN A 1 44 ? 7.318   -1.197  19.147  1.00 51.50 ? 44  GLN A CA  1 
ATOM   303  C C   . GLN A 1 44 ? 8.667   -1.044  18.415  1.00 51.70 ? 44  GLN A C   1 
ATOM   304  O O   . GLN A 1 44 ? 9.715   -1.465  18.924  1.00 51.93 ? 44  GLN A O   1 
ATOM   305  C CB  . GLN A 1 44 ? 6.678   -2.515  18.721  1.00 51.92 ? 44  GLN A CB  1 
ATOM   306  C CG  . GLN A 1 44 ? 7.111   -3.727  19.474  1.00 56.59 ? 44  GLN A CG  1 
ATOM   307  C CD  . GLN A 1 44 ? 6.096   -4.878  19.381  1.00 61.21 ? 44  GLN A CD  1 
ATOM   308  O OE1 . GLN A 1 44 ? 5.011   -4.841  19.988  1.00 63.21 ? 44  GLN A OE1 1 
ATOM   309  N NE2 . GLN A 1 44 ? 6.467   -5.922  18.646  1.00 64.69 ? 44  GLN A NE2 1 
ATOM   310  N N   . SER A 1 45 ? 8.635   -0.455  17.218  1.00 50.11 ? 45  SER A N   1 
ATOM   311  C CA  . SER A 1 45 ? 9.818   -0.368  16.365  1.00 47.97 ? 45  SER A CA  1 
ATOM   312  C C   . SER A 1 45 ? 10.837  0.629   16.906  1.00 48.05 ? 45  SER A C   1 
ATOM   313  O O   . SER A 1 45 ? 12.010  0.624   16.508  1.00 47.16 ? 45  SER A O   1 
ATOM   314  C CB  . SER A 1 45 ? 9.393   0.083   14.973  1.00 48.22 ? 45  SER A CB  1 
ATOM   315  O OG  . SER A 1 45 ? 9.090   1.471   14.970  1.00 43.55 ? 45  SER A OG  1 
ATOM   316  N N   . GLY A 1 46 ? 10.384  1.513   17.792  1.00 46.99 ? 46  GLY A N   1 
ATOM   317  C CA  . GLY A 1 46 ? 11.247  2.615   18.245  1.00 45.63 ? 46  GLY A CA  1 
ATOM   318  C C   . GLY A 1 46 ? 11.468  3.699   17.215  1.00 43.95 ? 46  GLY A C   1 
ATOM   319  O O   . GLY A 1 46 ? 12.240  4.630   17.437  1.00 44.51 ? 46  GLY A O   1 
ATOM   320  N N   . ILE A 1 47 ? 10.773  3.620   16.085  1.00 43.33 ? 47  ILE A N   1 
ATOM   321  C CA  . ILE A 1 47 ? 10.963  4.650   15.050  1.00 42.15 ? 47  ILE A CA  1 
ATOM   322  C C   . ILE A 1 47 ? 10.627  6.063   15.556  1.00 41.20 ? 47  ILE A C   1 
ATOM   323  O O   . ILE A 1 47 ? 11.217  7.049   15.124  1.00 40.37 ? 47  ILE A O   1 
ATOM   324  C CB  . ILE A 1 47 ? 10.215  4.289   13.710  1.00 42.38 ? 47  ILE A CB  1 
ATOM   325  C CG1 . ILE A 1 47 ? 10.859  5.025   12.531  1.00 43.01 ? 47  ILE A CG1 1 
ATOM   326  C CG2 . ILE A 1 47 ? 8.663   4.513   13.835  1.00 39.04 ? 47  ILE A CG2 1 
ATOM   327  C CD1 . ILE A 1 47 ? 10.239  4.698   11.191  1.00 42.96 ? 47  ILE A CD1 1 
ATOM   328  N N   . LEU A 1 48 ? 9.676   6.174   16.482  1.00 42.21 ? 48  LEU A N   1 
ATOM   329  C CA  . LEU A 1 48 ? 9.268   7.523   16.950  1.00 43.02 ? 48  LEU A CA  1 
ATOM   330  C C   . LEU A 1 48 ? 10.317  8.200   17.863  1.00 43.62 ? 48  LEU A C   1 
ATOM   331  O O   . LEU A 1 48 ? 10.427  9.431   17.900  1.00 42.86 ? 48  LEU A O   1 
ATOM   332  C CB  . LEU A 1 48 ? 7.879   7.486   17.628  1.00 42.79 ? 48  LEU A CB  1 
ATOM   333  C CG  . LEU A 1 48 ? 6.694   6.869   16.892  1.00 41.57 ? 48  LEU A CG  1 
ATOM   334  C CD1 . LEU A 1 48 ? 5.542   6.836   17.872  1.00 42.24 ? 48  LEU A CD1 1 
ATOM   335  C CD2 . LEU A 1 48 ? 6.324   7.716   15.648  1.00 37.86 ? 48  LEU A CD2 1 
ATOM   336  N N   . SER A 1 49 ? 11.089  7.394   18.581  1.00 45.15 ? 49  SER A N   1 
ATOM   337  C CA  . SER A 1 49 ? 12.222  7.942   19.357  1.00 48.06 ? 49  SER A CA  1 
ATOM   338  C C   . SER A 1 49 ? 13.347  8.350   18.411  1.00 48.15 ? 49  SER A C   1 
ATOM   339  O O   . SER A 1 49 ? 13.941  9.429   18.537  1.00 48.91 ? 49  SER A O   1 
ATOM   340  C CB  . SER A 1 49 ? 12.751  6.911   20.360  1.00 47.60 ? 49  SER A CB  1 
ATOM   341  O OG  . SER A 1 49 ? 11.682  6.279   21.046  1.00 54.14 ? 49  SER A OG  1 
ATOM   342  N N   . GLN A 1 50 ? 13.616  7.482   17.437  1.00 49.25 ? 50  GLN A N   1 
ATOM   343  C CA  . GLN A 1 50 ? 14.673  7.728   16.449  1.00 49.24 ? 50  GLN A CA  1 
ATOM   344  C C   . GLN A 1 50 ? 14.420  8.962   15.607  1.00 48.86 ? 50  GLN A C   1 
ATOM   345  O O   . GLN A 1 50 ? 15.359  9.679   15.265  1.00 48.99 ? 50  GLN A O   1 
ATOM   346  C CB  . GLN A 1 50 ? 14.880  6.503   15.579  1.00 49.75 ? 50  GLN A CB  1 
ATOM   347  C CG  . GLN A 1 50 ? 16.170  6.533   14.808  1.00 53.58 ? 50  GLN A CG  1 
ATOM   348  C CD  . GLN A 1 50 ? 16.452  5.200   14.164  1.00 61.43 ? 50  GLN A CD  1 
ATOM   349  O OE1 . GLN A 1 50 ? 17.462  5.026   13.465  1.00 65.45 ? 50  GLN A OE1 1 
ATOM   350  N NE2 . GLN A 1 50 ? 15.563  4.236   14.394  1.00 62.63 ? 50  GLN A NE2 1 
ATOM   351  N N   . PHE A 1 51 ? 13.154  9.229   15.274  1.00 48.24 ? 51  PHE A N   1 
ATOM   352  C CA  . PHE A 1 51 ? 12.790  10.391  14.474  1.00 46.83 ? 51  PHE A CA  1 
ATOM   353  C C   . PHE A 1 51 ? 11.661  11.140  15.169  1.00 47.80 ? 51  PHE A C   1 
ATOM   354  O O   . PHE A 1 51 ? 10.484  10.888  14.893  1.00 47.27 ? 51  PHE A O   1 
ATOM   355  C CB  . PHE A 1 51 ? 12.334  9.936   13.095  1.00 47.13 ? 51  PHE A CB  1 
ATOM   356  C CG  . PHE A 1 51 ? 13.340  9.100   12.383  1.00 47.21 ? 51  PHE A CG  1 
ATOM   357  C CD1 . PHE A 1 51 ? 14.426  9.694   11.767  1.00 46.94 ? 51  PHE A CD1 1 
ATOM   358  C CD2 . PHE A 1 51 ? 13.225  7.716   12.367  1.00 45.11 ? 51  PHE A CD2 1 
ATOM   359  C CE1 . PHE A 1 51 ? 15.388  8.905   11.104  1.00 49.85 ? 51  PHE A CE1 1 
ATOM   360  C CE2 . PHE A 1 51 ? 14.164  6.927   11.714  1.00 48.86 ? 51  PHE A CE2 1 
ATOM   361  C CZ  . PHE A 1 51 ? 15.250  7.530   11.065  1.00 47.62 ? 51  PHE A CZ  1 
ATOM   362  N N   . PRO A 1 52 ? 12.018  12.023  16.126  1.00 48.78 ? 52  PRO A N   1 
ATOM   363  C CA  . PRO A 1 52 ? 11.040  12.770  16.960  1.00 49.08 ? 52  PRO A CA  1 
ATOM   364  C C   . PRO A 1 52 ? 10.075  13.627  16.162  1.00 48.93 ? 52  PRO A C   1 
ATOM   365  O O   . PRO A 1 52 ? 8.981   13.963  16.657  1.00 48.47 ? 52  PRO A O   1 
ATOM   366  C CB  . PRO A 1 52 ? 11.913  13.679  17.857  1.00 49.51 ? 52  PRO A CB  1 
ATOM   367  C CG  . PRO A 1 52 ? 13.337  13.642  17.202  1.00 51.47 ? 52  PRO A CG  1 
ATOM   368  C CD  . PRO A 1 52 ? 13.423  12.288  16.513  1.00 48.97 ? 52  PRO A CD  1 
ATOM   369  N N   . GLU A 1 53 ? 10.481  13.995  14.950  1.00 48.53 ? 53  GLU A N   1 
ATOM   370  C CA  . GLU A 1 53 ? 9.629   14.798  14.087  1.00 47.80 ? 53  GLU A CA  1 
ATOM   371  C C   . GLU A 1 53 ? 8.397   14.040  13.542  1.00 46.77 ? 53  GLU A C   1 
ATOM   372  O O   . GLU A 1 53 ? 7.468   14.676  13.056  1.00 47.92 ? 53  GLU A O   1 
ATOM   373  C CB  . GLU A 1 53 ? 10.453  15.403  12.947  1.00 48.69 ? 53  GLU A CB  1 
ATOM   374  C CG  . GLU A 1 53 ? 10.777  14.444  11.794  1.00 49.48 ? 53  GLU A CG  1 
ATOM   375  C CD  . GLU A 1 53 ? 12.095  13.646  11.962  1.00 53.63 ? 53  GLU A CD  1 
ATOM   376  O OE1 . GLU A 1 53 ? 12.690  13.593  13.086  1.00 51.21 ? 53  GLU A OE1 1 
ATOM   377  O OE2 . GLU A 1 53 ? 12.526  13.057  10.928  1.00 53.33 ? 53  GLU A OE2 1 
ATOM   378  N N   . ILE A 1 54 ? 8.377   12.710  13.623  1.00 44.71 ? 54  ILE A N   1 
ATOM   379  C CA  . ILE A 1 54 ? 7.215   11.958  13.126  1.00 43.01 ? 54  ILE A CA  1 
ATOM   380  C C   . ILE A 1 54 ? 6.025   12.261  14.022  1.00 43.41 ? 54  ILE A C   1 
ATOM   381  O O   . ILE A 1 54 ? 6.122   12.185  15.264  1.00 43.90 ? 54  ILE A O   1 
ATOM   382  C CB  . ILE A 1 54 ? 7.460   10.460  13.057  1.00 41.94 ? 54  ILE A CB  1 
ATOM   383  C CG1 . ILE A 1 54 ? 8.589   10.154  12.060  1.00 41.46 ? 54  ILE A CG1 1 
ATOM   384  C CG2 . ILE A 1 54 ? 6.173   9.710   12.685  1.00 40.53 ? 54  ILE A CG2 1 
ATOM   385  C CD1 . ILE A 1 54 ? 8.966   8.675   11.967  1.00 40.05 ? 54  ILE A CD1 1 
ATOM   386  N N   . ASP A 1 55 ? 4.918   12.645  13.404  1.00 42.38 ? 55  ASP A N   1 
ATOM   387  C CA  . ASP A 1 55 ? 3.705   13.009  14.119  1.00 41.41 ? 55  ASP A CA  1 
ATOM   388  C C   . ASP A 1 55 ? 2.577   12.115  13.604  1.00 41.43 ? 55  ASP A C   1 
ATOM   389  O O   . ASP A 1 55 ? 2.208   12.189  12.417  1.00 40.76 ? 55  ASP A O   1 
ATOM   390  C CB  . ASP A 1 55 ? 3.424   14.471  13.811  1.00 43.15 ? 55  ASP A CB  1 
ATOM   391  C CG  . ASP A 1 55 ? 2.120   14.976  14.390  1.00 43.69 ? 55  ASP A CG  1 
ATOM   392  O OD1 . ASP A 1 55 ? 1.236   14.189  14.784  1.00 45.75 ? 55  ASP A OD1 1 
ATOM   393  O OD2 . ASP A 1 55 ? 1.972   16.213  14.397  1.00 50.54 ? 55  ASP A OD2 1 
ATOM   394  N N   . LEU A 1 56 ? 2.033   11.265  14.472  1.00 39.54 ? 56  LEU A N   1 
ATOM   395  C CA  . LEU A 1 56 ? 1.016   10.277  14.045  1.00 40.11 ? 56  LEU A CA  1 
ATOM   396  C C   . LEU A 1 56 ? -0.297  10.855  13.470  1.00 39.96 ? 56  LEU A C   1 
ATOM   397  O O   . LEU A 1 56 ? -1.020  10.139  12.806  1.00 39.86 ? 56  LEU A O   1 
ATOM   398  C CB  . LEU A 1 56 ? 0.722   9.323   15.183  1.00 40.31 ? 56  LEU A CB  1 
ATOM   399  C CG  . LEU A 1 56 ? 1.880   8.428   15.612  1.00 40.81 ? 56  LEU A CG  1 
ATOM   400  C CD1 . LEU A 1 56 ? 1.528   7.773   16.929  1.00 39.98 ? 56  LEU A CD1 1 
ATOM   401  C CD2 . LEU A 1 56 ? 2.189   7.381   14.551  1.00 40.05 ? 56  LEU A CD2 1 
ATOM   402  N N   . SER A 1 57 ? -0.603  12.131  13.738  1.00 39.89 ? 57  SER A N   1 
ATOM   403  C CA  . SER A 1 57 ? -1.789  12.783  13.160  1.00 40.32 ? 57  SER A CA  1 
ATOM   404  C C   . SER A 1 57 ? -1.520  13.654  11.917  1.00 40.29 ? 57  SER A C   1 
ATOM   405  O O   . SER A 1 57 ? -2.472  14.098  11.280  1.00 41.80 ? 57  SER A O   1 
ATOM   406  C CB  . SER A 1 57 ? -2.468  13.700  14.190  1.00 40.26 ? 57  SER A CB  1 
ATOM   407  O OG  . SER A 1 57 ? -1.553  14.732  14.572  1.00 44.41 ? 57  SER A OG  1 
ATOM   408  N N   A THR A 1 58 ? -0.247  13.865  11.588  0.50 39.75 ? 58  THR A N   1 
ATOM   409  N N   B THR A 1 58 ? -0.261  13.962  11.619  0.50 39.27 ? 58  THR A N   1 
ATOM   410  C CA  A THR A 1 58 ? 0.170   14.793  10.550  0.50 40.36 ? 58  THR A CA  1 
ATOM   411  C CA  B THR A 1 58 ? 0.034   14.718  10.413  0.50 39.54 ? 58  THR A CA  1 
ATOM   412  C C   A THR A 1 58 ? 0.934   14.106  9.382   0.50 39.94 ? 58  THR A C   1 
ATOM   413  C C   B THR A 1 58 ? 0.742   13.896  9.329   0.50 39.37 ? 58  THR A C   1 
ATOM   414  O O   A THR A 1 58 ? 0.777   14.470  8.219   0.50 39.37 ? 58  THR A O   1 
ATOM   415  O O   B THR A 1 58 ? 0.355   13.955  8.164   0.50 38.43 ? 58  THR A O   1 
ATOM   416  C CB  A THR A 1 58 ? 0.993   15.933  11.171  0.50 40.52 ? 58  THR A CB  1 
ATOM   417  C CB  B THR A 1 58 ? 0.742   16.072  10.671  0.50 39.39 ? 58  THR A CB  1 
ATOM   418  O OG1 A THR A 1 58 ? 0.194   16.619  12.157  0.50 41.92 ? 58  THR A OG1 1 
ATOM   419  O OG1 B THR A 1 58 ? 2.039   15.862  11.249  0.50 38.39 ? 58  THR A OG1 1 
ATOM   420  C CG2 A THR A 1 58 ? 1.447   16.925  10.120  0.50 41.63 ? 58  THR A CG2 1 
ATOM   421  C CG2 B THR A 1 58 ? -0.117  16.974  11.586  0.50 40.23 ? 58  THR A CG2 1 
ATOM   422  N N   . ASN A 1 59 ? 1.757   13.118  9.704   1.00 39.28 ? 59  ASN A N   1 
ATOM   423  C CA  . ASN A 1 59 ? 2.465   12.299  8.677   1.00 39.81 ? 59  ASN A CA  1 
ATOM   424  C C   . ASN A 1 59 ? 1.497   11.470  7.882   1.00 38.86 ? 59  ASN A C   1 
ATOM   425  O O   . ASN A 1 59 ? 0.427   11.104  8.380   1.00 39.09 ? 59  ASN A O   1 
ATOM   426  C CB  . ASN A 1 59 ? 3.543   11.412  9.269   1.00 38.86 ? 59  ASN A CB  1 
ATOM   427  C CG  . ASN A 1 59 ? 4.782   12.184  9.543   1.00 43.86 ? 59  ASN A CG  1 
ATOM   428  O OD1 . ASN A 1 59 ? 4.882   12.863  10.566  1.00 46.08 ? 59  ASN A OD1 1 
ATOM   429  N ND2 . ASN A 1 59 ? 5.733   12.138  8.612   1.00 45.42 ? 59  ASN A ND2 1 
ATOM   430  N N   . LYS A 1 60 ? 1.844   11.235  6.620   1.00 37.46 ? 60  LYS A N   1 
ATOM   431  C CA  . LYS A 1 60 ? 1.103   10.301  5.788   1.00 36.81 ? 60  LYS A CA  1 
ATOM   432  C C   . LYS A 1 60 ? 1.535   8.913   6.232   1.00 35.80 ? 60  LYS A C   1 
ATOM   433  O O   . LYS A 1 60 ? 2.715   8.688   6.472   1.00 36.11 ? 60  LYS A O   1 
ATOM   434  C CB  . LYS A 1 60 ? 1.444   10.523  4.314   1.00 37.31 ? 60  LYS A CB  1 
ATOM   435  C CG  . LYS A 1 60 ? 0.722   11.772  3.764   1.00 40.49 ? 60  LYS A CG  1 
ATOM   436  C CD  . LYS A 1 60 ? 0.240   11.574  2.383   1.00 44.84 ? 60  LYS A CD  1 
ATOM   437  C CE  . LYS A 1 60 ? -0.227  12.858  1.772   1.00 44.56 ? 60  LYS A CE  1 
ATOM   438  N NZ  . LYS A 1 60 ? 0.488   12.972  0.449   1.00 44.21 ? 60  LYS A NZ  1 
ATOM   439  N N   . ILE A 1 61 ? 0.580   8.010   6.398   1.00 34.05 ? 61  ILE A N   1 
ATOM   440  C CA  . ILE A 1 61 ? 0.887   6.631   6.778   1.00 33.96 ? 61  ILE A CA  1 
ATOM   441  C C   . ILE A 1 61 ? 0.001   5.706   5.985   1.00 33.81 ? 61  ILE A C   1 
ATOM   442  O O   . ILE A 1 61 ? -1.223  5.806   6.008   1.00 33.59 ? 61  ILE A O   1 
ATOM   443  C CB  . ILE A 1 61 ? 0.665   6.310   8.311   1.00 33.64 ? 61  ILE A CB  1 
ATOM   444  C CG1 . ILE A 1 61 ? 1.478   7.275   9.196   1.00 32.72 ? 61  ILE A CG1 1 
ATOM   445  C CG2 . ILE A 1 61 ? 1.154   4.865   8.624   1.00 30.14 ? 61  ILE A CG2 1 
ATOM   446  C CD1 . ILE A 1 61 ? 1.022   7.282   10.695  1.00 35.35 ? 61  ILE A CD1 1 
ATOM   447  N N   . GLY A 1 62 ? 0.629   4.818   5.240   1.00 34.20 ? 62  GLY A N   1 
ATOM   448  C CA  . GLY A 1 62 ? -0.119  3.829   4.474   1.00 33.47 ? 62  GLY A CA  1 
ATOM   449  C C   . GLY A 1 62 ? 0.505   2.471   4.642   1.00 33.95 ? 62  GLY A C   1 
ATOM   450  O O   . GLY A 1 62 ? 1.574   2.339   5.251   1.00 34.94 ? 62  GLY A O   1 
ATOM   451  N N   . ILE A 1 63 ? -0.186  1.459   4.142   1.00 34.20 ? 63  ILE A N   1 
ATOM   452  C CA  . ILE A 1 63 ? 0.231   0.085   4.340   1.00 35.68 ? 63  ILE A CA  1 
ATOM   453  C C   . ILE A 1 63 ? 0.286   -0.526  2.951   1.00 35.42 ? 63  ILE A C   1 
ATOM   454  O O   . ILE A 1 63 ? -0.722  -0.560  2.226   1.00 35.01 ? 63  ILE A O   1 
ATOM   455  C CB  . ILE A 1 63 ? -0.837  -0.699  5.142   1.00 36.26 ? 63  ILE A CB  1 
ATOM   456  C CG1 . ILE A 1 63 ? -1.152  -0.079  6.524   1.00 39.21 ? 63  ILE A CG1 1 
ATOM   457  C CG2 . ILE A 1 63 ? -0.544  -2.198  5.242   1.00 37.19 ? 63  ILE A CG2 1 
ATOM   458  C CD1 . ILE A 1 63 ? 0.008   0.029   7.456   1.00 39.81 ? 63  ILE A CD1 1 
ATOM   459  N N   . PHE A 1 64 ? 1.450   -1.053  2.601   1.00 35.83 ? 64  PHE A N   1 
ATOM   460  C CA  . PHE A 1 64 ? 1.566   -1.824  1.376   1.00 36.18 ? 64  PHE A CA  1 
ATOM   461  C C   . PHE A 1 64 ? 1.395   -3.317  1.674   1.00 36.39 ? 64  PHE A C   1 
ATOM   462  O O   . PHE A 1 64 ? 2.091   -3.864  2.544   1.00 37.03 ? 64  PHE A O   1 
ATOM   463  C CB  . PHE A 1 64 ? 2.932   -1.557  0.687   1.00 36.69 ? 64  PHE A CB  1 
ATOM   464  C CG  . PHE A 1 64 ? 3.140   -2.430  -0.527  1.00 38.71 ? 64  PHE A CG  1 
ATOM   465  C CD1 . PHE A 1 64 ? 2.433   -2.173  -1.704  1.00 37.88 ? 64  PHE A CD1 1 
ATOM   466  C CD2 . PHE A 1 64 ? 3.968   -3.551  -0.467  1.00 41.65 ? 64  PHE A CD2 1 
ATOM   467  C CE1 . PHE A 1 64 ? 2.575   -2.999  -2.817  1.00 42.91 ? 64  PHE A CE1 1 
ATOM   468  C CE2 . PHE A 1 64 ? 4.125   -4.375  -1.589  1.00 44.29 ? 64  PHE A CE2 1 
ATOM   469  C CZ  . PHE A 1 64 ? 3.413   -4.095  -2.758  1.00 42.26 ? 64  PHE A CZ  1 
ATOM   470  N N   . SER A 1 65 ? 0.466   -3.968  0.983   1.00 35.74 ? 65  SER A N   1 
ATOM   471  C CA  . SER A 1 65 ? 0.205   -5.399  1.152   1.00 37.53 ? 65  SER A CA  1 
ATOM   472  C C   . SER A 1 65 ? 0.439   -6.162  -0.179  1.00 37.75 ? 65  SER A C   1 
ATOM   473  O O   . SER A 1 65 ? -0.032  -5.714  -1.209  1.00 34.35 ? 65  SER A O   1 
ATOM   474  C CB  . SER A 1 65 ? -1.253  -5.643  1.541   1.00 36.73 ? 65  SER A CB  1 
ATOM   475  O OG  . SER A 1 65 ? -1.540  -5.056  2.813   1.00 41.51 ? 65  SER A OG  1 
ATOM   476  N N   . ARG A 1 66 ? 1.115   -7.315  -0.095  1.00 39.11 ? 66  ARG A N   1 
ATOM   477  C CA  A ARG A 1 66 ? 1.335   -8.215  -1.235  0.50 41.09 ? 66  ARG A CA  1 
ATOM   478  C CA  B ARG A 1 66 ? 1.366   -8.205  -1.244  0.50 40.66 ? 66  ARG A CA  1 
ATOM   479  C C   . ARG A 1 66 ? 1.727   -9.591  -0.709  1.00 41.76 ? 66  ARG A C   1 
ATOM   480  O O   . ARG A 1 66 ? 2.565   -9.669  0.195   1.00 41.97 ? 66  ARG A O   1 
ATOM   481  C CB  A ARG A 1 66 ? 2.453   -7.689  -2.151  0.50 41.10 ? 66  ARG A CB  1 
ATOM   482  C CB  B ARG A 1 66 ? 2.534   -7.664  -2.096  0.50 40.48 ? 66  ARG A CB  1 
ATOM   483  C CG  A ARG A 1 66 ? 2.643   -8.523  -3.428  0.50 42.57 ? 66  ARG A CG  1 
ATOM   484  C CG  B ARG A 1 66 ? 2.701   -8.330  -3.486  0.50 41.15 ? 66  ARG A CG  1 
ATOM   485  C CD  A ARG A 1 66 ? 3.989   -8.239  -4.061  0.50 43.83 ? 66  ARG A CD  1 
ATOM   486  C CD  B ARG A 1 66 ? 3.741   -7.591  -4.339  0.50 39.78 ? 66  ARG A CD  1 
ATOM   487  N NE  A ARG A 1 66 ? 4.540   -9.430  -4.712  0.50 45.93 ? 66  ARG A NE  1 
ATOM   488  N NE  B ARG A 1 66 ? 5.057   -7.530  -3.697  0.50 40.32 ? 66  ARG A NE  1 
ATOM   489  C CZ  A ARG A 1 66 ? 5.610   -9.427  -5.501  0.50 45.64 ? 66  ARG A CZ  1 
ATOM   490  C CZ  B ARG A 1 66 ? 5.990   -6.619  -3.969  0.50 41.01 ? 66  ARG A CZ  1 
ATOM   491  N NH1 A ARG A 1 66 ? 6.038   -10.552 -6.047  0.50 45.78 ? 66  ARG A NH1 1 
ATOM   492  N NH1 B ARG A 1 66 ? 7.145   -6.636  -3.306  0.50 42.40 ? 66  ARG A NH1 1 
ATOM   493  N NH2 A ARG A 1 66 ? 6.241   -8.292  -5.754  0.50 46.12 ? 66  ARG A NH2 1 
ATOM   494  N NH2 B ARG A 1 66 ? 5.775   -5.671  -4.889  0.50 40.14 ? 66  ARG A NH2 1 
ATOM   495  N N   . PRO A 1 67 ? 1.111   -10.689 -1.258  1.00 43.70 ? 67  PRO A N   1 
ATOM   496  C CA  . PRO A 1 67 ? -0.014  -10.923 -2.252  1.00 44.33 ? 67  PRO A CA  1 
ATOM   497  C C   . PRO A 1 67 ? -1.213  -10.268 -1.618  1.00 43.99 ? 67  PRO A C   1 
ATOM   498  O O   . PRO A 1 67 ? -1.418  -10.410 -0.416  1.00 44.48 ? 67  PRO A O   1 
ATOM   499  C CB  . PRO A 1 67 ? -0.110  -12.460 -2.366  1.00 44.57 ? 67  PRO A CB  1 
ATOM   500  C CG  . PRO A 1 67 ? 0.532   -12.978 -1.055  1.00 45.65 ? 67  PRO A CG  1 
ATOM   501  C CD  . PRO A 1 67 ? 1.687   -11.983 -0.807  1.00 44.74 ? 67  PRO A CD  1 
ATOM   502  N N   . ILE A 1 68 ? -2.080  -9.618  -2.376  1.00 43.75 ? 68  ILE A N   1 
ATOM   503  C CA  . ILE A 1 68 ? -3.522  -9.745  -2.328  1.00 43.34 ? 68  ILE A CA  1 
ATOM   504  C C   . ILE A 1 68 ? -4.337  -10.790 -3.017  1.00 43.15 ? 68  ILE A C   1 
ATOM   505  O O   . ILE A 1 68 ? -3.794  -11.618 -3.728  1.00 44.20 ? 68  ILE A O   1 
ATOM   506  C CB  . ILE A 1 68 ? -4.087  -8.292  -2.591  1.00 43.37 ? 68  ILE A CB  1 
ATOM   507  C CG1 . ILE A 1 68 ? -3.858  -7.814  -4.027  1.00 44.87 ? 68  ILE A CG1 1 
ATOM   508  C CG2 . ILE A 1 68 ? -3.296  -7.276  -1.735  1.00 43.52 ? 68  ILE A CG2 1 
ATOM   509  C CD1 . ILE A 1 68 ? -4.849  -8.346  -5.101  1.00 43.56 ? 68  ILE A CD1 1 
ATOM   510  N N   . LYS A 1 69 ? -5.648  -10.739 -2.776  1.00 42.32 ? 69  LYS A N   1 
ATOM   511  C CA  . LYS A 1 69 ? -6.607  -11.604 -3.474  1.00 42.61 ? 69  LYS A CA  1 
ATOM   512  C C   . LYS A 1 69 ? -7.489  -10.836 -4.447  1.00 41.86 ? 69  LYS A C   1 
ATOM   513  O O   . LYS A 1 69 ? -7.941  -9.701  -4.143  1.00 39.92 ? 69  LYS A O   1 
ATOM   514  C CB  . LYS A 1 69 ? -7.472  -12.396 -2.476  1.00 43.23 ? 69  LYS A CB  1 
ATOM   515  C CG  . LYS A 1 69 ? -6.615  -13.348 -1.594  1.00 46.04 ? 69  LYS A CG  1 
ATOM   516  C CD  . LYS A 1 69 ? -7.439  -13.977 -0.497  1.00 52.98 ? 69  LYS A CD  1 
ATOM   517  C CE  . LYS A 1 69 ? -6.558  -14.880 0.379   1.00 58.01 ? 69  LYS A CE  1 
ATOM   518  N NZ  . LYS A 1 69 ? -7.381  -15.423 1.523   1.00 62.62 ? 69  LYS A NZ  1 
ATOM   519  N N   . LEU A 1 70 ? -7.744  -11.453 -5.608  1.00 40.07 ? 70  LEU A N   1 
ATOM   520  C CA  . LEU A 1 70 ? -8.602  -10.827 -6.619  1.00 40.21 ? 70  LEU A CA  1 
ATOM   521  C C   . LEU A 1 70 ? -9.968  -10.594 -6.056  1.00 40.15 ? 70  LEU A C   1 
ATOM   522  O O   . LEU A 1 70 ? -10.720 -9.749  -6.543  1.00 37.73 ? 70  LEU A O   1 
ATOM   523  C CB  . LEU A 1 70 ? -8.674  -11.621 -7.926  1.00 39.43 ? 70  LEU A CB  1 
ATOM   524  C CG  . LEU A 1 70 ? -7.337  -11.586 -8.696  1.00 41.23 ? 70  LEU A CG  1 
ATOM   525  C CD1 . LEU A 1 70 ? -7.447  -12.406 -9.985  1.00 43.24 ? 70  LEU A CD1 1 
ATOM   526  C CD2 . LEU A 1 70 ? -6.963  -10.140 -9.063  1.00 41.11 ? 70  LEU A CD2 1 
ATOM   527  N N   . THR A 1 71 ? -10.283 -11.337 -5.006  1.00 41.10 ? 71  THR A N   1 
ATOM   528  C CA  . THR A 1 71 ? -11.605 -11.196 -4.349  1.00 43.10 ? 71  THR A CA  1 
ATOM   529  C C   . THR A 1 71 ? -11.672 -10.120 -3.248  1.00 43.41 ? 71  THR A C   1 
ATOM   530  O O   . THR A 1 71 ? -12.767 -9.791  -2.791  1.00 43.37 ? 71  THR A O   1 
ATOM   531  C CB  . THR A 1 71 ? -12.071 -12.532 -3.715  1.00 42.89 ? 71  THR A CB  1 
ATOM   532  O OG1 . THR A 1 71 ? -11.033 -13.030 -2.858  1.00 44.82 ? 71  THR A OG1 1 
ATOM   533  C CG2 . THR A 1 71 ? -12.408 -13.564 -4.807  1.00 43.07 ? 71  THR A CG2 1 
ATOM   534  N N   . ASP A 1 72 ? -10.523 -9.583  -2.822  1.00 43.95 ? 72  ASP A N   1 
ATOM   535  C CA  . ASP A 1 72 ? -10.511 -8.480  -1.852  1.00 44.88 ? 72  ASP A CA  1 
ATOM   536  C C   . ASP A 1 72 ? -11.426 -7.308  -2.267  1.00 45.40 ? 72  ASP A C   1 
ATOM   537  O O   . ASP A 1 72 ? -11.490 -6.891  -3.457  1.00 45.36 ? 72  ASP A O   1 
ATOM   538  C CB  . ASP A 1 72 ? -9.077  -8.000  -1.594  1.00 44.96 ? 72  ASP A CB  1 
ATOM   539  C CG  . ASP A 1 72 ? -8.242  -9.035  -0.829  1.00 47.54 ? 72  ASP A CG  1 
ATOM   540  O OD1 . ASP A 1 72 ? -8.836  -9.993  -0.268  1.00 52.43 ? 72  ASP A OD1 1 
ATOM   541  O OD2 . ASP A 1 72 ? -6.994  -8.905  -0.760  1.00 47.13 ? 72  ASP A OD2 1 
ATOM   542  N N   . VAL A 1 73 ? -12.170 -6.798  -1.286  1.00 45.44 ? 73  VAL A N   1 
ATOM   543  C CA  . VAL A 1 73 ? -13.086 -5.701  -1.541  1.00 44.81 ? 73  VAL A CA  1 
ATOM   544  C C   . VAL A 1 73 ? -12.263 -4.413  -1.359  1.00 43.75 ? 73  VAL A C   1 
ATOM   545  O O   . VAL A 1 73 ? -11.537 -4.249  -0.373  1.00 43.74 ? 73  VAL A O   1 
ATOM   546  C CB  . VAL A 1 73 ? -14.351 -5.766  -0.608  1.00 45.67 ? 73  VAL A CB  1 
ATOM   547  C CG1 . VAL A 1 73 ? -15.272 -4.599  -0.853  1.00 45.58 ? 73  VAL A CG1 1 
ATOM   548  C CG2 . VAL A 1 73 ? -15.112 -7.091  -0.836  1.00 46.36 ? 73  VAL A CG2 1 
ATOM   549  N N   . LEU A 1 74 ? -12.335 -3.534  -2.346  1.00 42.41 ? 74  LEU A N   1 
ATOM   550  C CA  . LEU A 1 74 ? -11.561 -2.290  -2.319  1.00 40.78 ? 74  LEU A CA  1 
ATOM   551  C C   . LEU A 1 74 ? -12.107 -1.321  -1.268  1.00 41.22 ? 74  LEU A C   1 
ATOM   552  O O   . LEU A 1 74 ? -13.317 -1.257  -1.055  1.00 39.21 ? 74  LEU A O   1 
ATOM   553  C CB  . LEU A 1 74 ? -11.605 -1.651  -3.705  1.00 39.51 ? 74  LEU A CB  1 
ATOM   554  C CG  . LEU A 1 74 ? -10.771 -2.424  -4.746  1.00 39.16 ? 74  LEU A CG  1 
ATOM   555  C CD1 . LEU A 1 74 ? -11.040 -1.922  -6.180  1.00 38.58 ? 74  LEU A CD1 1 
ATOM   556  C CD2 . LEU A 1 74 ? -9.262  -2.372  -4.403  1.00 37.99 ? 74  LEU A CD2 1 
ATOM   557  N N   . LYS A 1 75 ? -11.196 -0.590  -0.624  1.00 41.05 ? 75  LYS A N   1 
ATOM   558  C CA  . LYS A 1 75 ? -11.520 0.502   0.287   1.00 42.81 ? 75  LYS A CA  1 
ATOM   559  C C   . LYS A 1 75 ? -11.132 1.849   -0.321  1.00 41.49 ? 75  LYS A C   1 
ATOM   560  O O   . LYS A 1 75 ? -10.238 1.928   -1.210  1.00 40.67 ? 75  LYS A O   1 
ATOM   561  C CB  . LYS A 1 75 ? -10.732 0.321   1.596   1.00 42.85 ? 75  LYS A CB  1 
ATOM   562  C CG  . LYS A 1 75 ? -11.094 -0.918  2.406   1.00 47.07 ? 75  LYS A CG  1 
ATOM   563  C CD  . LYS A 1 75 ? -10.323 -0.903  3.739   1.00 47.39 ? 75  LYS A CD  1 
ATOM   564  C CE  . LYS A 1 75 ? -11.124 -1.674  4.834   1.00 57.07 ? 75  LYS A CE  1 
ATOM   565  N NZ  . LYS A 1 75 ? -12.279 -0.841  5.352   1.00 60.11 ? 75  LYS A NZ  1 
ATOM   566  N N   . GLU A 1 76 ? -11.765 2.916   0.171   1.00 40.51 ? 76  GLU A N   1 
ATOM   567  C CA  . GLU A 1 76 ? -11.434 4.289   -0.238  1.00 39.67 ? 76  GLU A CA  1 
ATOM   568  C C   . GLU A 1 76 ? -9.918  4.520   -0.240  1.00 38.82 ? 76  GLU A C   1 
ATOM   569  O O   . GLU A 1 76 ? -9.217  4.203   0.726   1.00 37.81 ? 76  GLU A O   1 
ATOM   570  C CB  . GLU A 1 76 ? -12.150 5.320   0.663   1.00 40.08 ? 76  GLU A CB  1 
ATOM   571  C CG  . GLU A 1 76 ? -11.571 6.782   0.564   1.00 44.10 ? 76  GLU A CG  1 
ATOM   572  C CD  . GLU A 1 76 ? -11.893 7.494   -0.771  1.00 49.54 ? 76  GLU A CD  1 
ATOM   573  O OE1 . GLU A 1 76 ? -12.991 7.278   -1.300  1.00 47.97 ? 76  GLU A OE1 1 
ATOM   574  O OE2 . GLU A 1 76 ? -11.052 8.285   -1.273  1.00 54.63 ? 76  GLU A OE2 1 
ATOM   575  N N   . GLY A 1 77 ? -9.401  5.019   -1.353  1.00 39.31 ? 77  GLY A N   1 
ATOM   576  C CA  . GLY A 1 77 ? -7.971  5.292   -1.476  1.00 39.28 ? 77  GLY A CA  1 
ATOM   577  C C   . GLY A 1 77 ? -7.066  4.083   -1.724  1.00 40.48 ? 77  GLY A C   1 
ATOM   578  O O   . GLY A 1 77 ? -5.847  4.236   -1.688  1.00 41.02 ? 77  GLY A O   1 
ATOM   579  N N   . ASP A 1 78 ? -7.626  2.894   -1.956  1.00 37.60 ? 78  ASP A N   1 
ATOM   580  C CA  . ASP A 1 78 ? -6.758  1.736   -2.306  1.00 37.92 ? 78  ASP A CA  1 
ATOM   581  C C   . ASP A 1 78 ? -6.104  1.956   -3.679  1.00 35.75 ? 78  ASP A C   1 
ATOM   582  O O   . ASP A 1 78 ? -6.760  2.364   -4.628  1.00 33.57 ? 78  ASP A O   1 
ATOM   583  C CB  . ASP A 1 78 ? -7.557  0.424   -2.327  1.00 37.47 ? 78  ASP A CB  1 
ATOM   584  C CG  . ASP A 1 78 ? -7.673  -0.235  -0.940  1.00 40.43 ? 78  ASP A CG  1 
ATOM   585  O OD1 . ASP A 1 78 ? -6.990  0.216   0.014   1.00 40.54 ? 78  ASP A OD1 1 
ATOM   586  O OD2 . ASP A 1 78 ? -8.439  -1.236  -0.811  1.00 41.67 ? 78  ASP A OD2 1 
ATOM   587  N N   . ARG A 1 79 ? -4.795  1.742   -3.749  1.00 34.13 ? 79  ARG A N   1 
ATOM   588  C CA  . ARG A 1 79 ? -4.128  1.737   -5.033  1.00 34.00 ? 79  ARG A CA  1 
ATOM   589  C C   . ARG A 1 79 ? -3.727  0.305   -5.385  1.00 33.47 ? 79  ARG A C   1 
ATOM   590  O O   . ARG A 1 79 ? -2.869  -0.307  -4.721  1.00 32.73 ? 79  ARG A O   1 
ATOM   591  C CB  . ARG A 1 79 ? -2.899  2.655   -5.062  1.00 33.52 ? 79  ARG A CB  1 
ATOM   592  C CG  . ARG A 1 79 ? -2.215  2.626   -6.412  1.00 33.07 ? 79  ARG A CG  1 
ATOM   593  C CD  . ARG A 1 79 ? -1.046  3.583   -6.483  1.00 34.12 ? 79  ARG A CD  1 
ATOM   594  N NE  . ARG A 1 79 ? 0.046   3.221   -5.562  1.00 38.95 ? 79  ARG A NE  1 
ATOM   595  C CZ  . ARG A 1 79 ? 0.561   4.029   -4.629  1.00 40.13 ? 79  ARG A CZ  1 
ATOM   596  N NH1 . ARG A 1 79 ? 0.076   5.265   -4.449  1.00 41.35 ? 79  ARG A NH1 1 
ATOM   597  N NH2 . ARG A 1 79 ? 1.582   3.608   -3.877  1.00 39.25 ? 79  ARG A NH2 1 
ATOM   598  N N   . ILE A 1 80 ? -4.323  -0.211  -6.458  1.00 33.80 ? 80  ILE A N   1 
ATOM   599  C CA  . ILE A 1 80 ? -3.958  -1.532  -6.990  1.00 32.23 ? 80  ILE A CA  1 
ATOM   600  C C   . ILE A 1 80 ? -2.695  -1.419  -7.808  1.00 32.52 ? 80  ILE A C   1 
ATOM   601  O O   . ILE A 1 80 ? -2.671  -0.674  -8.770  1.00 32.27 ? 80  ILE A O   1 
ATOM   602  C CB  . ILE A 1 80 ? -5.049  -2.095  -7.888  1.00 33.05 ? 80  ILE A CB  1 
ATOM   603  C CG1 . ILE A 1 80 ? -6.357  -2.270  -7.118  1.00 32.16 ? 80  ILE A CG1 1 
ATOM   604  C CG2 . ILE A 1 80 ? -4.586  -3.519  -8.483  1.00 31.09 ? 80  ILE A CG2 1 
ATOM   605  C CD1 . ILE A 1 80 ? -7.577  -2.381  -8.071  1.00 34.06 ? 80  ILE A CD1 1 
ATOM   606  N N   . GLU A 1 81 ? -1.622  -2.128  -7.432  1.00 31.64 ? 81  GLU A N   1 
ATOM   607  C CA  . GLU A 1 81 ? -0.426  -2.082  -8.241  1.00 32.30 ? 81  GLU A CA  1 
ATOM   608  C C   . GLU A 1 81 ? -0.264  -3.445  -8.940  1.00 32.74 ? 81  GLU A C   1 
ATOM   609  O O   . GLU A 1 81 ? -0.091  -4.433  -8.258  1.00 31.47 ? 81  GLU A O   1 
ATOM   610  C CB  . GLU A 1 81 ? 0.826   -1.807  -7.373  1.00 32.35 ? 81  GLU A CB  1 
ATOM   611  C CG  . GLU A 1 81 ? 0.602   -0.578  -6.461  1.00 34.52 ? 81  GLU A CG  1 
ATOM   612  C CD  . GLU A 1 81 ? 1.864   -0.062  -5.810  1.00 36.74 ? 81  GLU A CD  1 
ATOM   613  O OE1 . GLU A 1 81 ? 2.914   -0.780  -5.800  1.00 39.37 ? 81  GLU A OE1 1 
ATOM   614  O OE2 . GLU A 1 81 ? 1.759   1.044   -5.230  1.00 41.00 ? 81  GLU A OE2 1 
ATOM   615  N N   . ILE A 1 82 ? -0.272  -3.452  -10.274 1.00 34.39 ? 82  ILE A N   1 
ATOM   616  C CA  . ILE A 1 82 ? -0.057  -4.659  -11.077 1.00 35.97 ? 82  ILE A CA  1 
ATOM   617  C C   . ILE A 1 82 ? 1.411   -4.636  -11.524 1.00 38.32 ? 82  ILE A C   1 
ATOM   618  O O   . ILE A 1 82 ? 1.857   -3.666  -12.093 1.00 36.86 ? 82  ILE A O   1 
ATOM   619  C CB  . ILE A 1 82 ? -1.024  -4.693  -12.301 1.00 35.38 ? 82  ILE A CB  1 
ATOM   620  C CG1 . ILE A 1 82 ? -2.485  -4.615  -11.837 1.00 33.19 ? 82  ILE A CG1 1 
ATOM   621  C CG2 . ILE A 1 82 ? -0.819  -5.970  -13.112 1.00 32.62 ? 82  ILE A CG2 1 
ATOM   622  C CD1 . ILE A 1 82 ? -3.440  -4.169  -12.929 1.00 34.17 ? 82  ILE A CD1 1 
ATOM   623  N N   . TYR A 1 83 ? 2.182   -5.682  -11.216 1.00 42.37 ? 83  TYR A N   1 
ATOM   624  C CA  . TYR A 1 83 ? 3.614   -5.677  -11.553 1.00 46.86 ? 83  TYR A CA  1 
ATOM   625  C C   . TYR A 1 83 ? 3.897   -6.400  -12.875 1.00 51.42 ? 83  TYR A C   1 
ATOM   626  O O   . TYR A 1 83 ? 3.223   -7.358  -13.200 1.00 52.10 ? 83  TYR A O   1 
ATOM   627  C CB  . TYR A 1 83 ? 4.432   -6.314  -10.420 1.00 46.14 ? 83  TYR A CB  1 
ATOM   628  C CG  . TYR A 1 83 ? 4.250   -5.508  -9.179  1.00 45.27 ? 83  TYR A CG  1 
ATOM   629  C CD1 . TYR A 1 83 ? 3.492   -5.981  -8.141  1.00 42.25 ? 83  TYR A CD1 1 
ATOM   630  C CD2 . TYR A 1 83 ? 4.752   -4.203  -9.104  1.00 44.32 ? 83  TYR A CD2 1 
ATOM   631  C CE1 . TYR A 1 83 ? 3.246   -5.207  -7.047  1.00 43.43 ? 83  TYR A CE1 1 
ATOM   632  C CE2 . TYR A 1 83 ? 4.511   -3.416  -7.997  1.00 43.67 ? 83  TYR A CE2 1 
ATOM   633  C CZ  . TYR A 1 83 ? 3.746   -3.936  -7.000  1.00 43.35 ? 83  TYR A CZ  1 
ATOM   634  O OH  . TYR A 1 83 ? 3.547   -3.192  -5.921  1.00 50.02 ? 83  TYR A OH  1 
ATOM   635  N N   . ARG A 1 84 ? 4.906   -5.941  -13.612 1.00 56.54 ? 84  ARG A N   1 
ATOM   636  C CA  . ARG A 1 84 ? 5.445   -6.751  -14.728 1.00 61.49 ? 84  ARG A CA  1 
ATOM   637  C C   . ARG A 1 84 ? 6.361   -7.871  -14.180 1.00 64.18 ? 84  ARG A C   1 
ATOM   638  O O   . ARG A 1 84 ? 7.232   -7.599  -13.348 1.00 64.27 ? 84  ARG A O   1 
ATOM   639  C CB  . ARG A 1 84 ? 6.154   -5.849  -15.761 1.00 61.43 ? 84  ARG A CB  1 
ATOM   640  C CG  . ARG A 1 84 ? 5.191   -5.259  -16.774 1.00 62.23 ? 84  ARG A CG  1 
ATOM   641  C CD  . ARG A 1 84 ? 5.656   -3.977  -17.412 1.00 65.31 ? 84  ARG A CD  1 
ATOM   642  N NE  . ARG A 1 84 ? 6.582   -4.175  -18.535 1.00 69.33 ? 84  ARG A NE  1 
ATOM   643  C CZ  . ARG A 1 84 ? 6.250   -4.344  -19.826 1.00 69.77 ? 84  ARG A CZ  1 
ATOM   644  N NH1 . ARG A 1 84 ? 7.223   -4.492  -20.702 1.00 70.69 ? 84  ARG A NH1 1 
ATOM   645  N NH2 . ARG A 1 84 ? 4.986   -4.369  -20.258 1.00 68.02 ? 84  ARG A NH2 1 
ATOM   646  N N   . PRO A 1 85 ? 6.131   -9.143  -14.597 1.00 67.73 ? 85  PRO A N   1 
ATOM   647  C CA  . PRO A 1 85 ? 7.016   -10.270 -14.180 1.00 69.66 ? 85  PRO A CA  1 
ATOM   648  C C   . PRO A 1 85 ? 8.517   -9.983  -14.399 1.00 71.29 ? 85  PRO A C   1 
ATOM   649  O O   . PRO A 1 85 ? 8.893   -9.401  -15.420 1.00 71.50 ? 85  PRO A O   1 
ATOM   650  C CB  . PRO A 1 85 ? 6.569   -11.435 -15.080 1.00 70.00 ? 85  PRO A CB  1 
ATOM   651  C CG  . PRO A 1 85 ? 5.132   -11.127 -15.391 1.00 70.09 ? 85  PRO A CG  1 
ATOM   652  C CD  . PRO A 1 85 ? 5.032   -9.604  -15.476 1.00 67.89 ? 85  PRO A CD  1 
ATOM   653  N N   . LEU A 1 86 ? 9.340   -10.388 -13.434 1.00 73.21 ? 86  LEU A N   1 
ATOM   654  C CA  . LEU A 1 86 ? 10.792  -10.132 -13.434 1.00 75.44 ? 86  LEU A CA  1 
ATOM   655  C C   . LEU A 1 86 ? 11.551  -10.956 -14.492 1.00 76.76 ? 86  LEU A C   1 
ATOM   656  O O   . LEU A 1 86 ? 11.082  -12.026 -14.911 1.00 77.16 ? 86  LEU A O   1 
ATOM   657  C CB  . LEU A 1 86 ? 11.372  -10.436 -12.044 1.00 75.47 ? 86  LEU A CB  1 
ATOM   658  C CG  . LEU A 1 86 ? 10.713  -9.791  -10.818 1.00 76.34 ? 86  LEU A CG  1 
ATOM   659  C CD1 . LEU A 1 86 ? 10.878  -10.692 -9.586  1.00 76.87 ? 86  LEU A CD1 1 
ATOM   660  C CD2 . LEU A 1 86 ? 11.248  -8.363  -10.566 1.00 76.53 ? 86  LEU A CD2 1 
ATOM   661  N N   . LEU A 1 87 ? 12.732  -10.492 -14.911 1.00 78.10 ? 87  LEU A N   1 
ATOM   662  C CA  . LEU A 1 87 ? 13.395  -9.307  -14.346 1.00 79.17 ? 87  LEU A CA  1 
ATOM   663  C C   . LEU A 1 87 ? 13.315  -8.107  -15.293 1.00 79.38 ? 87  LEU A C   1 
ATOM   664  O O   . LEU A 1 87 ? 14.332  -7.646  -15.826 1.00 80.31 ? 87  LEU A O   1 
ATOM   665  C CB  . LEU A 1 87 ? 14.859  -9.630  -13.960 1.00 79.32 ? 87  LEU A CB  1 
ATOM   666  C CG  . LEU A 1 87 ? 15.115  -10.261 -12.580 1.00 80.08 ? 87  LEU A CG  1 
ATOM   667  C CD1 . LEU A 1 87 ? 15.058  -11.801 -12.608 1.00 80.57 ? 87  LEU A CD1 1 
ATOM   668  C CD2 . LEU A 1 87 ? 16.459  -9.778  -11.998 1.00 81.47 ? 87  LEU A CD2 1 
ATOM   669  N N   . LEU B 1 10 ? -26.178 4.611   -3.918  1.00 65.53 ? 10  LEU B N   1 
ATOM   670  C CA  . LEU B 1 10 ? -24.976 3.701   -3.785  1.00 65.32 ? 10  LEU B CA  1 
ATOM   671  C C   . LEU B 1 10 ? -23.691 4.469   -3.358  1.00 63.63 ? 10  LEU B C   1 
ATOM   672  O O   . LEU B 1 10 ? -23.313 5.443   -4.023  1.00 63.62 ? 10  LEU B O   1 
ATOM   673  C CB  . LEU B 1 10 ? -24.758 2.948   -5.108  1.00 66.30 ? 10  LEU B CB  1 
ATOM   674  C CG  . LEU B 1 10 ? -24.564 1.422   -5.049  1.00 68.28 ? 10  LEU B CG  1 
ATOM   675  C CD1 . LEU B 1 10 ? -24.601 0.802   -6.461  1.00 70.11 ? 10  LEU B CD1 1 
ATOM   676  C CD2 . LEU B 1 10 ? -23.281 1.028   -4.276  1.00 70.91 ? 10  LEU B CD2 1 
ATOM   677  N N   . ASN B 1 11 ? -23.039 4.067   -2.258  1.00 61.30 ? 11  ASN B N   1 
ATOM   678  C CA  . ASN B 1 11 ? -21.830 4.788   -1.824  1.00 60.15 ? 11  ASN B CA  1 
ATOM   679  C C   . ASN B 1 11 ? -20.659 4.681   -2.841  1.00 57.37 ? 11  ASN B C   1 
ATOM   680  O O   . ASN B 1 11 ? -20.397 3.618   -3.380  1.00 55.83 ? 11  ASN B O   1 
ATOM   681  C CB  . ASN B 1 11 ? -21.365 4.376   -0.426  1.00 61.22 ? 11  ASN B CB  1 
ATOM   682  C CG  . ASN B 1 11 ? -20.661 5.536   0.344   1.00 66.18 ? 11  ASN B CG  1 
ATOM   683  O OD1 . ASN B 1 11 ? -19.407 5.609   0.416   1.00 69.06 ? 11  ASN B OD1 1 
ATOM   684  N ND2 . ASN B 1 11 ? -21.477 6.438   0.938   1.00 69.19 ? 11  ASN B ND2 1 
ATOM   685  N N   . GLN B 1 12 ? -19.992 5.808   -3.090  1.00 54.50 ? 12  GLN B N   1 
ATOM   686  C CA  . GLN B 1 12 ? -18.901 5.906   -4.042  1.00 51.68 ? 12  GLN B CA  1 
ATOM   687  C C   . GLN B 1 12 ? -17.588 6.085   -3.315  1.00 50.12 ? 12  GLN B C   1 
ATOM   688  O O   . GLN B 1 12 ? -17.479 6.872   -2.370  1.00 50.01 ? 12  GLN B O   1 
ATOM   689  C CB  . GLN B 1 12 ? -19.124 7.092   -4.968  1.00 52.19 ? 12  GLN B CB  1 
ATOM   690  C CG  . GLN B 1 12 ? -20.434 7.052   -5.751  1.00 50.74 ? 12  GLN B CG  1 
ATOM   691  C CD  . GLN B 1 12 ? -20.429 5.970   -6.784  1.00 52.31 ? 12  GLN B CD  1 
ATOM   692  O OE1 . GLN B 1 12 ? -19.915 6.157   -7.875  1.00 53.26 ? 12  GLN B OE1 1 
ATOM   693  N NE2 . GLN B 1 12 ? -21.016 4.818   -6.452  1.00 54.15 ? 12  GLN B NE2 1 
ATOM   694  N N   . ILE B 1 13 ? -16.582 5.346   -3.758  1.00 47.23 ? 13  ILE B N   1 
ATOM   695  C CA  . ILE B 1 13 ? -15.222 5.507   -3.246  1.00 44.33 ? 13  ILE B CA  1 
ATOM   696  C C   . ILE B 1 13 ? -14.281 5.735   -4.434  1.00 43.38 ? 13  ILE B C   1 
ATOM   697  O O   . ILE B 1 13 ? -14.649 5.472   -5.605  1.00 42.14 ? 13  ILE B O   1 
ATOM   698  C CB  . ILE B 1 13 ? -14.766 4.267   -2.422  1.00 44.22 ? 13  ILE B CB  1 
ATOM   699  C CG1 . ILE B 1 13 ? -14.898 2.979   -3.237  1.00 42.64 ? 13  ILE B CG1 1 
ATOM   700  C CG2 . ILE B 1 13 ? -15.641 4.108   -1.140  1.00 42.60 ? 13  ILE B CG2 1 
ATOM   701  C CD1 . ILE B 1 13 ? -14.052 1.821   -2.666  1.00 43.45 ? 13  ILE B CD1 1 
ATOM   702  N N   . ASN B 1 14 ? -13.086 6.219   -4.126  1.00 41.33 ? 14  ASN B N   1 
ATOM   703  C CA  . ASN B 1 14 ? -12.060 6.434   -5.134  1.00 41.19 ? 14  ASN B CA  1 
ATOM   704  C C   . ASN B 1 14 ? -10.919 5.471   -4.958  1.00 39.55 ? 14  ASN B C   1 
ATOM   705  O O   . ASN B 1 14 ? -10.380 5.302   -3.850  1.00 38.22 ? 14  ASN B O   1 
ATOM   706  C CB  . ASN B 1 14 ? -11.558 7.880   -5.141  1.00 41.68 ? 14  ASN B CB  1 
ATOM   707  C CG  . ASN B 1 14 ? -12.702 8.873   -5.397  1.00 45.79 ? 14  ASN B CG  1 
ATOM   708  O OD1 . ASN B 1 14 ? -13.221 9.472   -4.448  1.00 48.40 ? 14  ASN B OD1 1 
ATOM   709  N ND2 . ASN B 1 14 ? -13.143 8.983   -6.653  1.00 42.90 ? 14  ASN B ND2 1 
ATOM   710  N N   . ILE B 1 15 ? -10.545 4.852   -6.074  1.00 38.52 ? 15  ILE B N   1 
ATOM   711  C CA  . ILE B 1 15 ? -9.450  3.875   -6.067  1.00 37.90 ? 15  ILE B CA  1 
ATOM   712  C C   . ILE B 1 15 ? -8.495  4.206   -7.178  1.00 37.46 ? 15  ILE B C   1 
ATOM   713  O O   . ILE B 1 15 ? -8.878  4.904   -8.113  1.00 38.57 ? 15  ILE B O   1 
ATOM   714  C CB  . ILE B 1 15 ? -9.992  2.391   -6.158  1.00 37.43 ? 15  ILE B CB  1 
ATOM   715  C CG1 . ILE B 1 15 ? -10.781 2.079   -7.432  1.00 37.15 ? 15  ILE B CG1 1 
ATOM   716  C CG2 . ILE B 1 15 ? -10.914 2.101   -4.975  1.00 37.87 ? 15  ILE B CG2 1 
ATOM   717  C CD1 . ILE B 1 15 ? -9.945  1.654   -8.670  1.00 38.12 ? 15  ILE B CD1 1 
ATOM   718  N N   . GLU B 1 16 ? -7.273  3.692   -7.106  1.00 35.50 ? 16  GLU B N   1 
ATOM   719  C CA  . GLU B 1 16 ? -6.300  3.839   -8.171  1.00 36.11 ? 16  GLU B CA  1 
ATOM   720  C C   . GLU B 1 16 ? -5.837  2.516   -8.728  1.00 33.63 ? 16  GLU B C   1 
ATOM   721  O O   . GLU B 1 16 ? -5.833  1.503   -8.026  1.00 33.56 ? 16  GLU B O   1 
ATOM   722  C CB  . GLU B 1 16 ? -5.084  4.656   -7.711  1.00 35.29 ? 16  GLU B CB  1 
ATOM   723  C CG  . GLU B 1 16 ? -5.422  6.089   -7.295  1.00 40.67 ? 16  GLU B CG  1 
ATOM   724  C CD  . GLU B 1 16 ? -4.193  6.819   -6.755  1.00 42.68 ? 16  GLU B CD  1 
ATOM   725  O OE1 . GLU B 1 16 ? -3.556  6.303   -5.818  1.00 50.09 ? 16  GLU B OE1 1 
ATOM   726  O OE2 . GLU B 1 16 ? -3.835  7.889   -7.305  1.00 52.61 ? 16  GLU B OE2 1 
ATOM   727  N N   . ILE B 1 17 ? -5.421  2.524   -9.990  1.00 33.91 ? 17  ILE B N   1 
ATOM   728  C CA  . ILE B 1 17 ? -4.750  1.368   -10.585 1.00 33.35 ? 17  ILE B CA  1 
ATOM   729  C C   . ILE B 1 17 ? -3.454  1.826   -11.199 1.00 33.26 ? 17  ILE B C   1 
ATOM   730  O O   . ILE B 1 17 ? -3.438  2.850   -11.904 1.00 32.58 ? 17  ILE B O   1 
ATOM   731  C CB  . ILE B 1 17 ? -5.655  0.689   -11.661 1.00 34.58 ? 17  ILE B CB  1 
ATOM   732  C CG1 . ILE B 1 17 ? -6.924  0.197   -10.981 1.00 35.41 ? 17  ILE B CG1 1 
ATOM   733  C CG2 . ILE B 1 17 ? -4.955  -0.521  -12.302 1.00 33.08 ? 17  ILE B CG2 1 
ATOM   734  C CD1 . ILE B 1 17 ? -7.989  -0.245  -12.014 1.00 37.75 ? 17  ILE B CD1 1 
ATOM   735  N N   . ALA B 1 18 ? -2.371  1.080   -10.935 1.00 32.32 ? 18  ALA B N   1 
ATOM   736  C CA  . ALA B 1 18 ? -1.029  1.437   -11.415 1.00 33.39 ? 18  ALA B CA  1 
ATOM   737  C C   . ALA B 1 18 ? -0.411  0.239   -12.113 1.00 34.20 ? 18  ALA B C   1 
ATOM   738  O O   . ALA B 1 18 ? -0.576  -0.892  -11.669 1.00 34.45 ? 18  ALA B O   1 
ATOM   739  C CB  . ALA B 1 18 ? -0.104  1.863   -10.234 1.00 31.51 ? 18  ALA B CB  1 
ATOM   740  N N   . TYR B 1 19 ? 0.321   0.512   -13.173 1.00 36.19 ? 19  TYR B N   1 
ATOM   741  C CA  . TYR B 1 19 ? 1.005   -0.519  -13.907 1.00 38.73 ? 19  TYR B CA  1 
ATOM   742  C C   . TYR B 1 19 ? 2.131   0.169   -14.640 1.00 40.16 ? 19  TYR B C   1 
ATOM   743  O O   . TYR B 1 19 ? 1.898   1.132   -15.368 1.00 40.86 ? 19  TYR B O   1 
ATOM   744  C CB  . TYR B 1 19 ? 0.049   -1.181  -14.921 1.00 38.38 ? 19  TYR B CB  1 
ATOM   745  C CG  . TYR B 1 19 ? 0.686   -2.259  -15.790 1.00 37.98 ? 19  TYR B CG  1 
ATOM   746  C CD1 . TYR B 1 19 ? 1.123   -3.488  -15.250 1.00 38.85 ? 19  TYR B CD1 1 
ATOM   747  C CD2 . TYR B 1 19 ? 0.816   -2.060  -17.141 1.00 37.91 ? 19  TYR B CD2 1 
ATOM   748  C CE1 . TYR B 1 19 ? 1.721   -4.487  -16.080 1.00 39.82 ? 19  TYR B CE1 1 
ATOM   749  C CE2 . TYR B 1 19 ? 1.379   -3.058  -17.972 1.00 41.97 ? 19  TYR B CE2 1 
ATOM   750  C CZ  . TYR B 1 19 ? 1.824   -4.237  -17.439 1.00 40.31 ? 19  TYR B CZ  1 
ATOM   751  O OH  . TYR B 1 19 ? 2.346   -5.162  -18.315 1.00 44.30 ? 19  TYR B OH  1 
ATOM   752  N N   . ALA B 1 20 ? 3.344   -0.342  -14.531 1.00 42.59 ? 20  ALA B N   1 
ATOM   753  C CA  . ALA B 1 20 ? 4.476   0.459   -15.036 1.00 47.22 ? 20  ALA B CA  1 
ATOM   754  C C   . ALA B 1 20 ? 4.962   -0.012  -16.383 1.00 50.60 ? 20  ALA B C   1 
ATOM   755  O O   . ALA B 1 20 ? 5.844   -0.837  -16.478 1.00 52.49 ? 20  ALA B O   1 
ATOM   756  C CB  . ALA B 1 20 ? 5.605   0.490   -14.067 1.00 45.85 ? 20  ALA B CB  1 
ATOM   757  N N   . PHE B 1 21 ? 4.357   0.528   -17.429 1.00 54.69 ? 21  PHE B N   1 
ATOM   758  C CA  . PHE B 1 21 ? 4.761   0.243   -18.772 1.00 57.38 ? 21  PHE B CA  1 
ATOM   759  C C   . PHE B 1 21 ? 5.999   1.106   -18.933 1.00 58.81 ? 21  PHE B C   1 
ATOM   760  O O   . PHE B 1 21 ? 5.890   2.356   -18.972 1.00 57.08 ? 21  PHE B O   1 
ATOM   761  C CB  . PHE B 1 21 ? 3.643   0.641   -19.724 1.00 58.23 ? 21  PHE B CB  1 
ATOM   762  C CG  . PHE B 1 21 ? 3.919   0.342   -21.167 1.00 60.92 ? 21  PHE B CG  1 
ATOM   763  C CD1 . PHE B 1 21 ? 3.960   1.374   -22.103 1.00 61.96 ? 21  PHE B CD1 1 
ATOM   764  C CD2 . PHE B 1 21 ? 4.074   -0.992  -21.613 1.00 63.82 ? 21  PHE B CD2 1 
ATOM   765  C CE1 . PHE B 1 21 ? 4.168   1.094   -23.456 1.00 62.07 ? 21  PHE B CE1 1 
ATOM   766  C CE2 . PHE B 1 21 ? 4.281   -1.270  -22.965 1.00 63.60 ? 21  PHE B CE2 1 
ATOM   767  C CZ  . PHE B 1 21 ? 4.336   -0.216  -23.879 1.00 62.07 ? 21  PHE B CZ  1 
ATOM   768  N N   . PRO B 1 22 ? 7.188   0.436   -18.987 1.00 60.02 ? 22  PRO B N   1 
ATOM   769  C CA  . PRO B 1 22 ? 8.450   1.178   -18.820 1.00 60.01 ? 22  PRO B CA  1 
ATOM   770  C C   . PRO B 1 22 ? 8.595   2.159   -20.009 1.00 59.38 ? 22  PRO B C   1 
ATOM   771  O O   . PRO B 1 22 ? 8.343   1.817   -21.193 1.00 61.49 ? 22  PRO B O   1 
ATOM   772  C CB  . PRO B 1 22 ? 9.529   0.077   -18.746 1.00 60.32 ? 22  PRO B CB  1 
ATOM   773  C CG  . PRO B 1 22 ? 8.912   -1.105  -19.529 1.00 60.49 ? 22  PRO B CG  1 
ATOM   774  C CD  . PRO B 1 22 ? 7.401   -1.007  -19.265 1.00 59.67 ? 22  PRO B CD  1 
ATOM   775  N N   . GLU B 1 23 ? 8.920   3.384   -19.656 1.00 56.68 ? 23  GLU B N   1 
ATOM   776  C CA  . GLU B 1 23 ? 8.661   4.579   -20.476 1.00 56.06 ? 23  GLU B CA  1 
ATOM   777  C C   . GLU B 1 23 ? 7.237   5.076   -20.930 1.00 53.91 ? 23  GLU B C   1 
ATOM   778  O O   . GLU B 1 23 ? 7.154   5.981   -21.746 1.00 55.02 ? 23  GLU B O   1 
ATOM   779  C CB  . GLU B 1 23 ? 9.721   4.754   -21.568 1.00 57.43 ? 23  GLU B CB  1 
ATOM   780  C CG  . GLU B 1 23 ? 11.144  4.966   -21.002 1.00 58.70 ? 23  GLU B CG  1 
ATOM   781  C CD  . GLU B 1 23 ? 12.099  5.443   -22.070 1.00 63.92 ? 23  GLU B CD  1 
ATOM   782  O OE1 . GLU B 1 23 ? 11.597  5.680   -23.208 1.00 64.30 ? 23  GLU B OE1 1 
ATOM   783  O OE2 . GLU B 1 23 ? 13.319  5.595   -21.764 1.00 65.31 ? 23  GLU B OE2 1 
ATOM   784  N N   A ARG B 1 24 ? 6.156   4.520   -20.387 0.50 52.05 ? 24  ARG B N   1 
ATOM   785  N N   B ARG B 1 24 ? 6.167   4.470   -20.416 0.50 52.68 ? 24  ARG B N   1 
ATOM   786  C CA  A ARG B 1 24 ? 4.901   5.320   -20.227 0.50 50.13 ? 24  ARG B CA  1 
ATOM   787  C CA  B ARG B 1 24 ? 4.840   5.145   -20.327 0.50 50.88 ? 24  ARG B CA  1 
ATOM   788  C C   A ARG B 1 24 ? 3.898   4.668   -19.276 0.50 48.33 ? 24  ARG B C   1 
ATOM   789  C C   B ARG B 1 24 ? 4.042   4.456   -19.207 0.50 48.83 ? 24  ARG B C   1 
ATOM   790  O O   A ARG B 1 24 ? 3.025   3.884   -19.669 0.50 48.85 ? 24  ARG B O   1 
ATOM   791  O O   B ARG B 1 24 ? 3.478   3.389   -19.404 0.50 49.32 ? 24  ARG B O   1 
ATOM   792  C CB  A ARG B 1 24 ? 4.248   5.773   -21.548 0.50 50.30 ? 24  ARG B CB  1 
ATOM   793  C CB  B ARG B 1 24 ? 4.068   5.177   -21.680 0.50 51.50 ? 24  ARG B CB  1 
ATOM   794  C CG  A ARG B 1 24 ? 3.080   6.765   -21.369 0.50 51.06 ? 24  ARG B CG  1 
ATOM   795  C CG  B ARG B 1 24 ? 2.691   5.902   -21.657 0.50 52.85 ? 24  ARG B CG  1 
ATOM   796  C CD  A ARG B 1 24 ? 3.411   7.924   -20.441 0.50 48.63 ? 24  ARG B CD  1 
ATOM   797  C CD  B ARG B 1 24 ? 2.813   7.422   -21.442 0.50 53.93 ? 24  ARG B CD  1 
ATOM   798  N NE  A ARG B 1 24 ? 2.845   7.766   -19.092 0.50 47.73 ? 24  ARG B NE  1 
ATOM   799  N NE  B ARG B 1 24 ? 1.729   8.013   -20.641 0.50 55.27 ? 24  ARG B NE  1 
ATOM   800  C CZ  A ARG B 1 24 ? 1.772   8.406   -18.629 0.50 44.24 ? 24  ARG B CZ  1 
ATOM   801  C CZ  B ARG B 1 24 ? 0.716   8.750   -21.113 0.50 55.38 ? 24  ARG B CZ  1 
ATOM   802  N NH1 A ARG B 1 24 ? 1.356   8.163   -17.403 0.50 45.35 ? 24  ARG B NH1 1 
ATOM   803  N NH1 B ARG B 1 24 ? 0.581   8.985   -22.412 0.50 53.44 ? 24  ARG B NH1 1 
ATOM   804  N NH2 A ARG B 1 24 ? 1.092   9.256   -19.384 0.50 44.62 ? 24  ARG B NH2 1 
ATOM   805  N NH2 B ARG B 1 24 ? -0.189  9.245   -20.270 0.50 55.51 ? 24  ARG B NH2 1 
ATOM   806  N N   . TYR B 1 25 ? 4.058   5.044   -18.018 1.00 46.01 ? 25  TYR B N   1 
ATOM   807  C CA  . TYR B 1 25 ? 3.352   4.487   -16.882 1.00 41.55 ? 25  TYR B CA  1 
ATOM   808  C C   . TYR B 1 25 ? 1.807   4.612   -17.047 1.00 38.79 ? 25  TYR B C   1 
ATOM   809  O O   . TYR B 1 25 ? 1.297   5.616   -17.530 1.00 38.08 ? 25  TYR B O   1 
ATOM   810  C CB  . TYR B 1 25 ? 3.782   5.311   -15.673 1.00 38.02 ? 25  TYR B CB  1 
ATOM   811  C CG  . TYR B 1 25 ? 5.270   5.264   -15.336 1.00 37.36 ? 25  TYR B CG  1 
ATOM   812  C CD1 . TYR B 1 25 ? 6.077   4.163   -15.729 1.00 36.48 ? 25  TYR B CD1 1 
ATOM   813  C CD2 . TYR B 1 25 ? 5.857   6.262   -14.536 1.00 35.39 ? 25  TYR B CD2 1 
ATOM   814  C CE1 . TYR B 1 25 ? 7.443   4.102   -15.375 1.00 33.96 ? 25  TYR B CE1 1 
ATOM   815  C CE2 . TYR B 1 25 ? 7.224   6.205   -14.172 1.00 35.68 ? 25  TYR B CE2 1 
ATOM   816  C CZ  . TYR B 1 25 ? 8.003   5.129   -14.608 1.00 36.81 ? 25  TYR B CZ  1 
ATOM   817  O OH  . TYR B 1 25 ? 9.335   5.051   -14.238 1.00 37.68 ? 25  TYR B OH  1 
ATOM   818  N N   . TYR B 1 26 ? 1.089   3.630   -16.551 1.00 37.27 ? 26  TYR B N   1 
ATOM   819  C CA  . TYR B 1 26 ? -0.356  3.728   -16.358 1.00 35.99 ? 26  TYR B CA  1 
ATOM   820  C C   . TYR B 1 26 ? -0.637  3.998   -14.911 1.00 36.13 ? 26  TYR B C   1 
ATOM   821  O O   . TYR B 1 26 ? -0.276  3.184   -14.060 1.00 34.57 ? 26  TYR B O   1 
ATOM   822  C CB  . TYR B 1 26 ? -0.993  2.392   -16.760 1.00 34.21 ? 26  TYR B CB  1 
ATOM   823  C CG  . TYR B 1 26 ? -2.508  2.333   -16.625 1.00 33.80 ? 26  TYR B CG  1 
ATOM   824  C CD1 . TYR B 1 26 ? -3.329  2.449   -17.755 1.00 31.31 ? 26  TYR B CD1 1 
ATOM   825  C CD2 . TYR B 1 26 ? -3.108  2.131   -15.372 1.00 32.80 ? 26  TYR B CD2 1 
ATOM   826  C CE1 . TYR B 1 26 ? -4.739  2.325   -17.644 1.00 31.34 ? 26  TYR B CE1 1 
ATOM   827  C CE2 . TYR B 1 26 ? -4.499  2.066   -15.243 1.00 32.26 ? 26  TYR B CE2 1 
ATOM   828  C CZ  . TYR B 1 26 ? -5.295  2.169   -16.375 1.00 32.51 ? 26  TYR B CZ  1 
ATOM   829  O OH  . TYR B 1 26 ? -6.646  2.037   -16.238 1.00 32.13 ? 26  TYR B OH  1 
ATOM   830  N N   . LEU B 1 27 ? -1.312  5.116   -14.629 1.00 35.76 ? 27  LEU B N   1 
ATOM   831  C CA  . LEU B 1 27 ? -1.659  5.527   -13.288 1.00 37.50 ? 27  LEU B CA  1 
ATOM   832  C C   . LEU B 1 27 ? -2.995  6.269   -13.354 1.00 36.80 ? 27  LEU B C   1 
ATOM   833  O O   . LEU B 1 27 ? -3.034  7.411   -13.762 1.00 37.86 ? 27  LEU B O   1 
ATOM   834  C CB  . LEU B 1 27 ? -0.554  6.452   -12.751 1.00 37.32 ? 27  LEU B CB  1 
ATOM   835  C CG  . LEU B 1 27 ? 0.892   6.075   -12.305 1.00 42.10 ? 27  LEU B CG  1 
ATOM   836  C CD1 . LEU B 1 27 ? 1.239   4.627   -12.086 1.00 42.15 ? 27  LEU B CD1 1 
ATOM   837  C CD2 . LEU B 1 27 ? 2.075   6.774   -13.027 1.00 41.83 ? 27  LEU B CD2 1 
ATOM   838  N N   . LYS B 1 28 ? -4.076  5.639   -12.930 1.00 36.15 ? 28  LYS B N   1 
ATOM   839  C CA  . LYS B 1 28 ? -5.425  6.217   -13.077 1.00 36.81 ? 28  LYS B CA  1 
ATOM   840  C C   . LYS B 1 28 ? -6.243  6.028   -11.829 1.00 36.08 ? 28  LYS B C   1 
ATOM   841  O O   . LYS B 1 28 ? -6.178  4.990   -11.202 1.00 36.33 ? 28  LYS B O   1 
ATOM   842  C CB  . LYS B 1 28 ? -6.187  5.601   -14.273 1.00 35.99 ? 28  LYS B CB  1 
ATOM   843  C CG  . LYS B 1 28 ? -5.503  5.914   -15.584 1.00 37.58 ? 28  LYS B CG  1 
ATOM   844  C CD  . LYS B 1 28 ? -6.439  6.156   -16.691 1.00 39.66 ? 28  LYS B CD  1 
ATOM   845  C CE  . LYS B 1 28 ? -5.683  6.521   -17.938 1.00 40.32 ? 28  LYS B CE  1 
ATOM   846  N NZ  . LYS B 1 28 ? -6.422  6.133   -19.225 1.00 37.98 ? 28  LYS B NZ  1 
ATOM   847  N N   . SER B 1 29 ? -7.020  7.051   -11.499 1.00 34.95 ? 29  SER B N   1 
ATOM   848  C CA  . SER B 1 29 ? -7.925  7.036   -10.398 1.00 35.52 ? 29  SER B CA  1 
ATOM   849  C C   . SER B 1 29 ? -9.349  6.941   -10.972 1.00 35.77 ? 29  SER B C   1 
ATOM   850  O O   . SER B 1 29 ? -9.635  7.540   -12.019 1.00 35.15 ? 29  SER B O   1 
ATOM   851  C CB  . SER B 1 29 ? -7.705  8.331   -9.545  1.00 36.64 ? 29  SER B CB  1 
ATOM   852  O OG  . SER B 1 29 ? -8.685  8.399   -8.538  1.00 41.54 ? 29  SER B OG  1 
ATOM   853  N N   . PHE B 1 30 ? -10.210 6.148   -10.318 1.00 35.53 ? 30  PHE B N   1 
ATOM   854  C CA  . PHE B 1 30 ? -11.610 5.955   -10.734 1.00 36.29 ? 30  PHE B CA  1 
ATOM   855  C C   . PHE B 1 30 ? -12.515 6.102   -9.555  1.00 36.42 ? 30  PHE B C   1 
ATOM   856  O O   . PHE B 1 30 ? -12.176 5.709   -8.453  1.00 36.86 ? 30  PHE B O   1 
ATOM   857  C CB  . PHE B 1 30 ? -11.855 4.543   -11.327 1.00 34.57 ? 30  PHE B CB  1 
ATOM   858  C CG  . PHE B 1 30 ? -11.066 4.274   -12.585 1.00 34.49 ? 30  PHE B CG  1 
ATOM   859  C CD1 . PHE B 1 30 ? -11.520 4.731   -13.798 1.00 33.03 ? 30  PHE B CD1 1 
ATOM   860  C CD2 . PHE B 1 30 ? -9.832  3.615   -12.525 1.00 32.22 ? 30  PHE B CD2 1 
ATOM   861  C CE1 . PHE B 1 30 ? -10.770 4.532   -14.979 1.00 34.62 ? 30  PHE B CE1 1 
ATOM   862  C CE2 . PHE B 1 30 ? -9.077  3.392   -13.687 1.00 30.97 ? 30  PHE B CE2 1 
ATOM   863  C CZ  . PHE B 1 30 ? -9.546  3.841   -14.903 1.00 33.72 ? 30  PHE B CZ  1 
ATOM   864  N N   . GLN B 1 31 ? -13.688 6.636   -9.809  1.00 37.60 ? 31  GLN B N   1 
ATOM   865  C CA  . GLN B 1 31 ? -14.756 6.606   -8.840  1.00 39.01 ? 31  GLN B CA  1 
ATOM   866  C C   . GLN B 1 31 ? -15.561 5.333   -9.071  1.00 39.55 ? 31  GLN B C   1 
ATOM   867  O O   . GLN B 1 31 ? -15.941 5.048   -10.203 1.00 39.45 ? 31  GLN B O   1 
ATOM   868  C CB  . GLN B 1 31 ? -15.652 7.831   -8.995  1.00 38.67 ? 31  GLN B CB  1 
ATOM   869  C CG  . GLN B 1 31 ? -16.718 7.946   -7.900  1.00 41.30 ? 31  GLN B CG  1 
ATOM   870  C CD  . GLN B 1 31 ? -17.681 9.086   -8.189  1.00 46.91 ? 31  GLN B CD  1 
ATOM   871  O OE1 . GLN B 1 31 ? -17.290 10.250  -8.154  1.00 46.94 ? 31  GLN B OE1 1 
ATOM   872  N NE2 . GLN B 1 31 ? -18.932 8.754   -8.508  1.00 45.79 ? 31  GLN B NE2 1 
ATOM   873  N N   . VAL B 1 32 ? -15.794 4.557   -8.005  1.00 40.89 ? 32  VAL B N   1 
ATOM   874  C CA  . VAL B 1 32 ? -16.438 3.226   -8.137  1.00 41.96 ? 32  VAL B CA  1 
ATOM   875  C C   . VAL B 1 32 ? -17.480 3.022   -7.031  1.00 44.10 ? 32  VAL B C   1 
ATOM   876  O O   . VAL B 1 32 ? -17.434 3.719   -5.989  1.00 43.82 ? 32  VAL B O   1 
ATOM   877  C CB  . VAL B 1 32 ? -15.373 2.091   -8.081  1.00 42.55 ? 32  VAL B CB  1 
ATOM   878  C CG1 . VAL B 1 32 ? -14.296 2.307   -9.150  1.00 40.21 ? 32  VAL B CG1 1 
ATOM   879  C CG2 . VAL B 1 32 ? -14.693 1.997   -6.684  1.00 40.18 ? 32  VAL B CG2 1 
ATOM   880  N N   . ASP B 1 33 ? -18.414 2.084   -7.243  1.00 45.98 ? 33  ASP B N   1 
ATOM   881  C CA  . ASP B 1 33 ? -19.316 1.634   -6.163  1.00 47.60 ? 33  ASP B CA  1 
ATOM   882  C C   . ASP B 1 33 ? -18.565 0.881   -5.074  1.00 47.92 ? 33  ASP B C   1 
ATOM   883  O O   . ASP B 1 33 ? -17.904 -0.127  -5.339  1.00 46.95 ? 33  ASP B O   1 
ATOM   884  C CB  . ASP B 1 33 ? -20.431 0.705   -6.695  1.00 49.01 ? 33  ASP B CB  1 
ATOM   885  C CG  . ASP B 1 33 ? -21.229 1.331   -7.833  1.00 51.63 ? 33  ASP B CG  1 
ATOM   886  O OD1 . ASP B 1 33 ? -21.343 2.564   -7.858  1.00 51.94 ? 33  ASP B OD1 1 
ATOM   887  O OD2 . ASP B 1 33 ? -21.721 0.579   -8.722  1.00 57.80 ? 33  ASP B OD2 1 
ATOM   888  N N   . GLU B 1 34 ? -18.676 1.369   -3.843  1.00 48.22 ? 34  GLU B N   1 
ATOM   889  C CA  . GLU B 1 34 ? -18.209 0.648   -2.689  1.00 50.36 ? 34  GLU B CA  1 
ATOM   890  C C   . GLU B 1 34 ? -18.747 -0.799  -2.732  1.00 49.69 ? 34  GLU B C   1 
ATOM   891  O O   . GLU B 1 34 ? -19.922 -1.019  -3.047  1.00 49.92 ? 34  GLU B O   1 
ATOM   892  C CB  . GLU B 1 34 ? -18.688 1.366   -1.442  1.00 49.74 ? 34  GLU B CB  1 
ATOM   893  C CG  . GLU B 1 34 ? -18.336 0.697   -0.143  1.00 53.54 ? 34  GLU B CG  1 
ATOM   894  C CD  . GLU B 1 34 ? -18.978 1.413   1.069   1.00 55.89 ? 34  GLU B CD  1 
ATOM   895  O OE1 . GLU B 1 34 ? -18.182 1.991   1.850   1.00 60.96 ? 34  GLU B OE1 1 
ATOM   896  O OE2 . GLU B 1 34 ? -20.255 1.406   1.216   1.00 60.48 ? 34  GLU B OE2 1 
ATOM   897  N N   . GLY B 1 35 ? -17.884 -1.774  -2.447  1.00 49.00 ? 35  GLY B N   1 
ATOM   898  C CA  . GLY B 1 35 ? -18.231 -3.181  -2.675  1.00 48.97 ? 35  GLY B CA  1 
ATOM   899  C C   . GLY B 1 35 ? -17.543 -3.841  -3.874  1.00 48.54 ? 35  GLY B C   1 
ATOM   900  O O   . GLY B 1 35 ? -17.453 -5.056  -3.940  1.00 49.36 ? 35  GLY B O   1 
ATOM   901  N N   . ILE B 1 36 ? -17.068 -3.049  -4.832  1.00 47.35 ? 36  ILE B N   1 
ATOM   902  C CA  . ILE B 1 36 ? -16.275 -3.571  -5.973  1.00 45.48 ? 36  ILE B CA  1 
ATOM   903  C C   . ILE B 1 36 ? -15.014 -4.344  -5.474  1.00 43.22 ? 36  ILE B C   1 
ATOM   904  O O   . ILE B 1 36 ? -14.384 -3.979  -4.475  1.00 41.69 ? 36  ILE B O   1 
ATOM   905  C CB  . ILE B 1 36 ? -15.966 -2.382  -6.998  1.00 46.24 ? 36  ILE B CB  1 
ATOM   906  C CG1 . ILE B 1 36 ? -15.330 -2.866  -8.287  1.00 46.80 ? 36  ILE B CG1 1 
ATOM   907  C CG2 . ILE B 1 36 ? -15.048 -1.352  -6.386  1.00 45.97 ? 36  ILE B CG2 1 
ATOM   908  C CD1 . ILE B 1 36 ? -15.244 -1.786  -9.376  1.00 47.31 ? 36  ILE B CD1 1 
ATOM   909  N N   . THR B 1 37 ? -14.639 -5.433  -6.157  1.00 40.61 ? 37  THR B N   1 
ATOM   910  C CA  . THR B 1 37 ? -13.449 -6.160  -5.780  1.00 38.85 ? 37  THR B CA  1 
ATOM   911  C C   . THR B 1 37 ? -12.263 -5.727  -6.644  1.00 37.27 ? 37  THR B C   1 
ATOM   912  O O   . THR B 1 37 ? -12.453 -5.107  -7.680  1.00 37.11 ? 37  THR B O   1 
ATOM   913  C CB  . THR B 1 37 ? -13.628 -7.661  -6.056  1.00 39.19 ? 37  THR B CB  1 
ATOM   914  O OG1 . THR B 1 37 ? -14.042 -7.771  -7.415  1.00 38.41 ? 37  THR B OG1 1 
ATOM   915  C CG2 . THR B 1 37 ? -14.725 -8.266  -5.115  1.00 40.14 ? 37  THR B CG2 1 
ATOM   916  N N   . VAL B 1 38 ? -11.059 -6.127  -6.247  1.00 36.35 ? 38  VAL B N   1 
ATOM   917  C CA  . VAL B 1 38 ? -9.865  -5.948  -7.090  1.00 37.08 ? 38  VAL B CA  1 
ATOM   918  C C   . VAL B 1 38 ? -10.080 -6.403  -8.547  1.00 37.44 ? 38  VAL B C   1 
ATOM   919  O O   . VAL B 1 38 ? -9.829  -5.657  -9.480  1.00 36.24 ? 38  VAL B O   1 
ATOM   920  C CB  . VAL B 1 38 ? -8.710  -6.723  -6.478  1.00 36.85 ? 38  VAL B CB  1 
ATOM   921  C CG1 . VAL B 1 38 ? -7.487  -6.658  -7.335  1.00 35.20 ? 38  VAL B CG1 1 
ATOM   922  C CG2 . VAL B 1 38 ? -8.411  -6.170  -5.004  1.00 37.00 ? 38  VAL B CG2 1 
ATOM   923  N N   . GLN B 1 39 ? -10.563 -7.637  -8.752  1.00 37.32 ? 39  GLN B N   1 
ATOM   924  C CA  . GLN B 1 39 ? -10.703 -8.158  -10.119 1.00 37.11 ? 39  GLN B CA  1 
ATOM   925  C C   . GLN B 1 39 ? -11.721 -7.340  -10.897 1.00 35.91 ? 39  GLN B C   1 
ATOM   926  O O   . GLN B 1 39 ? -11.529 -7.019  -12.065 1.00 36.76 ? 39  GLN B O   1 
ATOM   927  C CB  . GLN B 1 39 ? -11.149 -9.650  -10.065 1.00 37.00 ? 39  GLN B CB  1 
ATOM   928  C CG  . GLN B 1 39 ? -11.349 -10.286 -11.465 1.00 36.64 ? 39  GLN B CG  1 
ATOM   929  C CD  . GLN B 1 39 ? -11.861 -11.708 -11.305 1.00 38.80 ? 39  GLN B CD  1 
ATOM   930  O OE1 . GLN B 1 39 ? -13.074 -11.980 -11.413 1.00 40.13 ? 39  GLN B OE1 1 
ATOM   931  N NE2 . GLN B 1 39 ? -10.975 -12.573 -10.891 1.00 31.49 ? 39  GLN B NE2 1 
ATOM   932  N N   . THR B 1 40 ? -12.812 -6.951  -10.273 1.00 35.52 ? 40  THR B N   1 
ATOM   933  C CA  . THR B 1 40 ? -13.788 -6.167  -11.046 1.00 37.17 ? 40  THR B CA  1 
ATOM   934  C C   . THR B 1 40 ? -13.268 -4.790  -11.479 1.00 35.35 ? 40  THR B C   1 
ATOM   935  O O   . THR B 1 40 ? -13.500 -4.360  -12.602 1.00 36.27 ? 40  THR B O   1 
ATOM   936  C CB  . THR B 1 40 ? -15.128 -6.014  -10.255 1.00 38.10 ? 40  THR B CB  1 
ATOM   937  O OG1 . THR B 1 40 ? -15.561 -7.332  -9.827  1.00 43.19 ? 40  THR B OG1 1 
ATOM   938  C CG2 . THR B 1 40 ? -16.192 -5.385  -11.127 1.00 37.42 ? 40  THR B CG2 1 
ATOM   939  N N   . ALA B 1 41 ? -12.584 -4.084  -10.582 1.00 35.86 ? 41  ALA B N   1 
ATOM   940  C CA  . ALA B 1 41 ? -11.967 -2.763  -10.939 1.00 34.19 ? 41  ALA B CA  1 
ATOM   941  C C   . ALA B 1 41 ? -10.999 -2.969  -12.111 1.00 33.81 ? 41  ALA B C   1 
ATOM   942  O O   . ALA B 1 41 ? -11.058 -2.279  -13.101 1.00 34.21 ? 41  ALA B O   1 
ATOM   943  C CB  . ALA B 1 41 ? -11.244 -2.201  -9.755  1.00 32.99 ? 41  ALA B CB  1 
ATOM   944  N N   . ILE B 1 42 ? -10.140 -3.966  -12.016 1.00 32.87 ? 42  ILE B N   1 
ATOM   945  C CA  . ILE B 1 42 ? -9.181  -4.186  -13.079 1.00 33.09 ? 42  ILE B CA  1 
ATOM   946  C C   . ILE B 1 42 ? -9.907  -4.494  -14.401 1.00 34.14 ? 42  ILE B C   1 
ATOM   947  O O   . ILE B 1 42 ? -9.670  -3.864  -15.447 1.00 34.16 ? 42  ILE B O   1 
ATOM   948  C CB  . ILE B 1 42 ? -8.164  -5.301  -12.718 1.00 32.66 ? 42  ILE B CB  1 
ATOM   949  C CG1 . ILE B 1 42 ? -7.354  -4.923  -11.466 1.00 31.90 ? 42  ILE B CG1 1 
ATOM   950  C CG2 . ILE B 1 42 ? -7.186  -5.580  -13.918 1.00 31.38 ? 42  ILE B CG2 1 
ATOM   951  C CD1 . ILE B 1 42 ? -6.431  -6.078  -10.935 1.00 33.03 ? 42  ILE B CD1 1 
ATOM   952  N N   . THR B 1 43 ? -10.814 -5.466  -14.379 1.00 35.55 ? 43  THR B N   1 
ATOM   953  C CA  . THR B 1 43 ? -11.446 -5.864  -15.654 1.00 36.44 ? 43  THR B CA  1 
ATOM   954  C C   . THR B 1 43 ? -12.332 -4.756  -16.245 1.00 37.56 ? 43  THR B C   1 
ATOM   955  O O   . THR B 1 43 ? -12.425 -4.623  -17.460 1.00 38.14 ? 43  THR B O   1 
ATOM   956  C CB  . THR B 1 43 ? -12.250 -7.193  -15.499 1.00 37.00 ? 43  THR B CB  1 
ATOM   957  O OG1 . THR B 1 43 ? -13.228 -7.028  -14.475 1.00 36.69 ? 43  THR B OG1 1 
ATOM   958  C CG2 . THR B 1 43 ? -11.346 -8.324  -15.069 1.00 35.37 ? 43  THR B CG2 1 
ATOM   959  N N   . GLN B 1 44 ? -12.951 -3.932  -15.410 1.00 37.81 ? 44  GLN B N   1 
ATOM   960  C CA  . GLN B 1 44 ? -13.794 -2.814  -15.936 1.00 39.55 ? 44  GLN B CA  1 
ATOM   961  C C   . GLN B 1 44 ? -13.050 -1.508  -16.338 1.00 39.31 ? 44  GLN B C   1 
ATOM   962  O O   . GLN B 1 44 ? -13.624 -0.617  -17.002 1.00 39.52 ? 44  GLN B O   1 
ATOM   963  C CB  . GLN B 1 44 ? -14.907 -2.467  -14.921 1.00 40.75 ? 44  GLN B CB  1 
ATOM   964  C CG  . GLN B 1 44 ? -15.957 -3.585  -14.761 1.00 45.24 ? 44  GLN B CG  1 
ATOM   965  C CD  . GLN B 1 44 ? -16.632 -3.970  -16.091 1.00 54.82 ? 44  GLN B CD  1 
ATOM   966  O OE1 . GLN B 1 44 ? -16.621 -5.148  -16.487 1.00 60.83 ? 44  GLN B OE1 1 
ATOM   967  N NE2 . GLN B 1 44 ? -17.205 -2.977  -16.795 1.00 57.54 ? 44  GLN B NE2 1 
ATOM   968  N N   . SER B 1 45 ? -11.782 -1.390  -15.948 1.00 37.42 ? 45  SER B N   1 
ATOM   969  C CA  . SER B 1 45 ? -10.987 -0.171  -16.273 1.00 35.74 ? 45  SER B CA  1 
ATOM   970  C C   . SER B 1 45 ? -10.590 -0.021  -17.732 1.00 35.51 ? 45  SER B C   1 
ATOM   971  O O   . SER B 1 45 ? -10.436 1.097   -18.245 1.00 35.90 ? 45  SER B O   1 
ATOM   972  C CB  . SER B 1 45 ? -9.728  -0.105  -15.353 1.00 34.28 ? 45  SER B CB  1 
ATOM   973  O OG  . SER B 1 45 ? -8.802  -1.113  -15.716 1.00 32.35 ? 45  SER B OG  1 
ATOM   974  N N   . GLY B 1 46 ? -10.361 -1.142  -18.407 1.00 35.41 ? 46  GLY B N   1 
ATOM   975  C CA  . GLY B 1 46 ? -9.829  -1.107  -19.772 1.00 34.85 ? 46  GLY B CA  1 
ATOM   976  C C   . GLY B 1 46 ? -8.334  -1.365  -19.830 1.00 34.16 ? 46  GLY B C   1 
ATOM   977  O O   . GLY B 1 46 ? -7.739  -1.506  -20.915 1.00 34.66 ? 46  GLY B O   1 
ATOM   978  N N   . ILE B 1 47 ? -7.701  -1.439  -18.671 1.00 34.51 ? 47  ILE B N   1 
ATOM   979  C CA  . ILE B 1 47 ? -6.234  -1.645  -18.637 1.00 34.08 ? 47  ILE B CA  1 
ATOM   980  C C   . ILE B 1 47 ? -5.847  -2.951  -19.373 1.00 35.63 ? 47  ILE B C   1 
ATOM   981  O O   . ILE B 1 47 ? -4.798  -3.014  -20.023 1.00 36.16 ? 47  ILE B O   1 
ATOM   982  C CB  . ILE B 1 47 ? -5.654  -1.615  -17.198 1.00 32.80 ? 47  ILE B CB  1 
ATOM   983  C CG1 . ILE B 1 47 ? -4.120  -1.514  -17.228 1.00 32.98 ? 47  ILE B CG1 1 
ATOM   984  C CG2 . ILE B 1 47 ? -6.047  -2.865  -16.349 1.00 31.46 ? 47  ILE B CG2 1 
ATOM   985  C CD1 . ILE B 1 47 ? -3.501  -1.575  -15.890 1.00 31.11 ? 47  ILE B CD1 1 
ATOM   986  N N   . LEU B 1 48 ? -6.709  -3.972  -19.299 1.00 35.19 ? 48  LEU B N   1 
ATOM   987  C CA  . LEU B 1 48 ? -6.379  -5.244  -19.941 1.00 37.18 ? 48  LEU B CA  1 
ATOM   988  C C   . LEU B 1 48 ? -6.448  -5.150  -21.453 1.00 37.30 ? 48  LEU B C   1 
ATOM   989  O O   . LEU B 1 48 ? -5.744  -5.876  -22.108 1.00 37.85 ? 48  LEU B O   1 
ATOM   990  C CB  . LEU B 1 48 ? -7.237  -6.405  -19.436 1.00 36.21 ? 48  LEU B CB  1 
ATOM   991  C CG  . LEU B 1 48 ? -7.262  -6.588  -17.933 1.00 36.95 ? 48  LEU B CG  1 
ATOM   992  C CD1 . LEU B 1 48 ? -8.297  -7.668  -17.587 1.00 40.50 ? 48  LEU B CD1 1 
ATOM   993  C CD2 . LEU B 1 48 ? -5.894  -6.899  -17.363 1.00 34.57 ? 48  LEU B CD2 1 
ATOM   994  N N   . SER B 1 49 ? -7.270  -4.249  -21.995 1.00 38.40 ? 49  SER B N   1 
ATOM   995  C CA  . SER B 1 49 ? -7.240  -3.960  -23.456 1.00 39.94 ? 49  SER B CA  1 
ATOM   996  C C   . SER B 1 49 ? -5.998  -3.177  -23.896 1.00 39.95 ? 49  SER B C   1 
ATOM   997  O O   . SER B 1 49 ? -5.414  -3.460  -24.951 1.00 40.51 ? 49  SER B O   1 
ATOM   998  C CB  . SER B 1 49 ? -8.514  -3.227  -23.896 1.00 40.81 ? 49  SER B CB  1 
ATOM   999  O OG  . SER B 1 49 ? -9.646  -3.983  -23.459 1.00 45.91 ? 49  SER B OG  1 
ATOM   1000 N N   . GLN B 1 50 ? -5.576  -2.205  -23.088 1.00 38.98 ? 50  GLN B N   1 
ATOM   1001 C CA  . GLN B 1 50 ? -4.399  -1.430  -23.409 1.00 38.61 ? 50  GLN B CA  1 
ATOM   1002 C C   . GLN B 1 50 ? -3.130  -2.290  -23.279 1.00 39.32 ? 50  GLN B C   1 
ATOM   1003 O O   . GLN B 1 50 ? -2.189  -2.132  -24.050 1.00 40.44 ? 50  GLN B O   1 
ATOM   1004 C CB  . GLN B 1 50 ? -4.318  -0.202  -22.493 1.00 38.05 ? 50  GLN B CB  1 
ATOM   1005 C CG  . GLN B 1 50 ? -3.151  0.743   -22.839 1.00 37.18 ? 50  GLN B CG  1 
ATOM   1006 C CD  . GLN B 1 50 ? -3.165  1.995   -22.000 1.00 37.22 ? 50  GLN B CD  1 
ATOM   1007 O OE1 . GLN B 1 50 ? -4.083  2.210   -21.196 1.00 36.65 ? 50  GLN B OE1 1 
ATOM   1008 N NE2 . GLN B 1 50 ? -2.141  2.824   -22.158 1.00 32.93 ? 50  GLN B NE2 1 
ATOM   1009 N N   . PHE B 1 51 ? -3.074  -3.164  -22.283 1.00 39.33 ? 51  PHE B N   1 
ATOM   1010 C CA  . PHE B 1 51 ? -1.890  -4.011  -22.115 1.00 40.08 ? 51  PHE B CA  1 
ATOM   1011 C C   . PHE B 1 51 ? -2.288  -5.478  -22.110 1.00 41.03 ? 51  PHE B C   1 
ATOM   1012 O O   . PHE B 1 51 ? -2.447  -6.057  -21.050 1.00 40.22 ? 51  PHE B O   1 
ATOM   1013 C CB  . PHE B 1 51 ? -1.188  -3.668  -20.812 1.00 39.79 ? 51  PHE B CB  1 
ATOM   1014 C CG  . PHE B 1 51 ? -0.804  -2.211  -20.693 1.00 38.72 ? 51  PHE B CG  1 
ATOM   1015 C CD1 . PHE B 1 51 ? 0.340   -1.728  -21.312 1.00 43.16 ? 51  PHE B CD1 1 
ATOM   1016 C CD2 . PHE B 1 51 ? -1.579  -1.335  -19.956 1.00 35.80 ? 51  PHE B CD2 1 
ATOM   1017 C CE1 . PHE B 1 51 ? 0.694   -0.370  -21.201 1.00 42.46 ? 51  PHE B CE1 1 
ATOM   1018 C CE2 . PHE B 1 51 ? -1.221  -0.016  -19.834 1.00 35.81 ? 51  PHE B CE2 1 
ATOM   1019 C CZ  . PHE B 1 51 ? -0.085  0.464   -20.447 1.00 38.60 ? 51  PHE B CZ  1 
ATOM   1020 N N   . PRO B 1 52 ? -2.443  -6.083  -23.306 1.00 42.41 ? 52  PRO B N   1 
ATOM   1021 C CA  . PRO B 1 52 ? -2.923  -7.465  -23.339 1.00 42.34 ? 52  PRO B CA  1 
ATOM   1022 C C   . PRO B 1 52 ? -1.916  -8.505  -22.801 1.00 42.06 ? 52  PRO B C   1 
ATOM   1023 O O   . PRO B 1 52 ? -2.301  -9.665  -22.563 1.00 41.22 ? 52  PRO B O   1 
ATOM   1024 C CB  . PRO B 1 52 ? -3.275  -7.680  -24.806 1.00 42.59 ? 52  PRO B CB  1 
ATOM   1025 C CG  . PRO B 1 52 ? -2.375  -6.780  -25.560 1.00 44.05 ? 52  PRO B CG  1 
ATOM   1026 C CD  . PRO B 1 52 ? -2.156  -5.559  -24.664 1.00 42.94 ? 52  PRO B CD  1 
ATOM   1027 N N   . GLU B 1 53 ? -0.667  -8.089  -22.556 1.00 40.67 ? 53  GLU B N   1 
ATOM   1028 C CA  . GLU B 1 53 ? 0.296   -8.934  -21.860 1.00 41.15 ? 53  GLU B CA  1 
ATOM   1029 C C   . GLU B 1 53 ? 0.000   -9.140  -20.369 1.00 39.70 ? 53  GLU B C   1 
ATOM   1030 O O   . GLU B 1 53 ? 0.562   -10.030 -19.775 1.00 40.17 ? 53  GLU B O   1 
ATOM   1031 C CB  . GLU B 1 53 ? 1.711   -8.377  -21.996 1.00 42.65 ? 53  GLU B CB  1 
ATOM   1032 C CG  . GLU B 1 53 ? 1.837   -6.975  -21.319 1.00 46.45 ? 53  GLU B CG  1 
ATOM   1033 C CD  . GLU B 1 53 ? 1.675   -5.800  -22.300 1.00 50.87 ? 53  GLU B CD  1 
ATOM   1034 O OE1 . GLU B 1 53 ? 2.565   -4.929  -22.296 1.00 58.12 ? 53  GLU B OE1 1 
ATOM   1035 O OE2 . GLU B 1 53 ? 0.720   -5.734  -23.089 1.00 49.37 ? 53  GLU B OE2 1 
ATOM   1036 N N   . ILE B 1 54 ? -0.886  -8.359  -19.759 1.00 38.23 ? 54  ILE B N   1 
ATOM   1037 C CA  . ILE B 1 54 ? -1.227  -8.588  -18.341 1.00 36.10 ? 54  ILE B CA  1 
ATOM   1038 C C   . ILE B 1 54 ? -2.051  -9.900  -18.238 1.00 38.19 ? 54  ILE B C   1 
ATOM   1039 O O   . ILE B 1 54 ? -3.035  -10.065 -18.960 1.00 37.27 ? 54  ILE B O   1 
ATOM   1040 C CB  . ILE B 1 54 ? -2.043  -7.430  -17.732 1.00 35.72 ? 54  ILE B CB  1 
ATOM   1041 C CG1 . ILE B 1 54 ? -1.188  -6.143  -17.594 1.00 33.68 ? 54  ILE B CG1 1 
ATOM   1042 C CG2 . ILE B 1 54 ? -2.647  -7.817  -16.352 1.00 31.40 ? 54  ILE B CG2 1 
ATOM   1043 C CD1 . ILE B 1 54 ? -2.055  -4.899  -17.176 1.00 35.04 ? 54  ILE B CD1 1 
ATOM   1044 N N   . ASP B 1 55 ? -1.640  -10.811 -17.353 1.00 38.40 ? 55  ASP B N   1 
ATOM   1045 C CA  . ASP B 1 55 ? -2.388  -12.081 -17.109 1.00 38.57 ? 55  ASP B CA  1 
ATOM   1046 C C   . ASP B 1 55 ? -2.772  -12.072 -15.656 1.00 37.48 ? 55  ASP B C   1 
ATOM   1047 O O   . ASP B 1 55 ? -1.921  -12.297 -14.786 1.00 36.74 ? 55  ASP B O   1 
ATOM   1048 C CB  . ASP B 1 55 ? -1.484  -13.269 -17.432 1.00 39.39 ? 55  ASP B CB  1 
ATOM   1049 C CG  . ASP B 1 55 ? -2.166  -14.638 -17.265 1.00 41.56 ? 55  ASP B CG  1 
ATOM   1050 O OD1 . ASP B 1 55 ? -3.235  -14.740 -16.629 1.00 46.09 ? 55  ASP B OD1 1 
ATOM   1051 O OD2 . ASP B 1 55 ? -1.605  -15.632 -17.784 1.00 44.11 ? 55  ASP B OD2 1 
ATOM   1052 N N   . LEU B 1 56 ? -4.047  -11.799 -15.378 1.00 37.70 ? 56  LEU B N   1 
ATOM   1053 C CA  . LEU B 1 56 ? -4.546  -11.783 -13.996 1.00 39.34 ? 56  LEU B CA  1 
ATOM   1054 C C   . LEU B 1 56 ? -4.473  -13.119 -13.266 1.00 40.41 ? 56  LEU B C   1 
ATOM   1055 O O   . LEU B 1 56 ? -4.529  -13.145 -12.034 1.00 40.44 ? 56  LEU B O   1 
ATOM   1056 C CB  . LEU B 1 56 ? -6.001  -11.270 -13.925 1.00 40.81 ? 56  LEU B CB  1 
ATOM   1057 C CG  . LEU B 1 56 ? -6.203  -9.798  -14.309 1.00 40.95 ? 56  LEU B CG  1 
ATOM   1058 C CD1 . LEU B 1 56 ? -7.641  -9.415  -14.078 1.00 40.07 ? 56  LEU B CD1 1 
ATOM   1059 C CD2 . LEU B 1 56 ? -5.230  -8.841  -13.496 1.00 41.41 ? 56  LEU B CD2 1 
ATOM   1060 N N   . SER B 1 57 ? -4.359  -14.240 -13.990 1.00 40.60 ? 57  SER B N   1 
ATOM   1061 C CA  . SER B 1 57 ? -4.315  -15.526 -13.275 1.00 41.91 ? 57  SER B CA  1 
ATOM   1062 C C   . SER B 1 57 ? -2.998  -15.672 -12.522 1.00 43.17 ? 57  SER B C   1 
ATOM   1063 O O   . SER B 1 57 ? -2.953  -16.328 -11.463 1.00 44.53 ? 57  SER B O   1 
ATOM   1064 C CB  . SER B 1 57 ? -4.479  -16.690 -14.239 1.00 41.32 ? 57  SER B CB  1 
ATOM   1065 O OG  . SER B 1 57 ? -3.357  -16.722 -15.074 1.00 42.34 ? 57  SER B OG  1 
ATOM   1066 N N   . THR B 1 58 ? -1.942  -15.062 -13.050 1.00 43.66 ? 58  THR B N   1 
ATOM   1067 C CA  . THR B 1 58 ? -0.615  -15.183 -12.470 1.00 45.72 ? 58  THR B CA  1 
ATOM   1068 C C   . THR B 1 58 ? 0.161   -13.876 -12.132 1.00 45.56 ? 58  THR B C   1 
ATOM   1069 O O   . THR B 1 58 ? 1.123   -13.947 -11.350 1.00 45.24 ? 58  THR B O   1 
ATOM   1070 C CB  . THR B 1 58 ? 0.329   -15.988 -13.365 1.00 46.17 ? 58  THR B CB  1 
ATOM   1071 O OG1 . THR B 1 58 ? 0.597   -15.243 -14.550 1.00 47.63 ? 58  THR B OG1 1 
ATOM   1072 C CG2 . THR B 1 58 ? -0.263  -17.402 -13.731 1.00 50.56 ? 58  THR B CG2 1 
ATOM   1073 N N   . ASN B 1 59 ? -0.187  -12.733 -12.735 1.00 44.89 ? 59  ASN B N   1 
ATOM   1074 C CA  . ASN B 1 59 ? 0.540   -11.468 -12.432 1.00 45.40 ? 59  ASN B CA  1 
ATOM   1075 C C   . ASN B 1 59 ? 0.564   -11.166 -10.936 1.00 44.08 ? 59  ASN B C   1 
ATOM   1076 O O   . ASN B 1 59 ? -0.397  -11.408 -10.201 1.00 43.15 ? 59  ASN B O   1 
ATOM   1077 C CB  . ASN B 1 59 ? -0.001  -10.260 -13.214 1.00 45.86 ? 59  ASN B CB  1 
ATOM   1078 C CG  . ASN B 1 59 ? 0.669   -10.074 -14.567 1.00 49.39 ? 59  ASN B CG  1 
ATOM   1079 O OD1 . ASN B 1 59 ? 0.988   -8.946  -14.953 1.00 58.20 ? 59  ASN B OD1 1 
ATOM   1080 N ND2 . ASN B 1 59 ? 0.946   -11.174 -15.274 1.00 53.45 ? 59  ASN B ND2 1 
ATOM   1081 N N   . LYS B 1 60 ? 1.701   -10.687 -10.472 1.00 44.20 ? 60  LYS B N   1 
ATOM   1082 C CA  . LYS B 1 60 ? 1.787   -10.256 -9.091  1.00 45.29 ? 60  LYS B CA  1 
ATOM   1083 C C   . LYS B 1 60 ? 1.156   -8.852  -8.884  1.00 43.22 ? 60  LYS B C   1 
ATOM   1084 O O   . LYS B 1 60 ? 1.310   -7.953  -9.714  1.00 42.69 ? 60  LYS B O   1 
ATOM   1085 C CB  . LYS B 1 60 ? 3.226   -10.407 -8.592  1.00 47.17 ? 60  LYS B CB  1 
ATOM   1086 C CG  . LYS B 1 60 ? 3.443   -11.898 -8.115  1.00 51.84 ? 60  LYS B CG  1 
ATOM   1087 C CD  . LYS B 1 60 ? 4.764   -12.523 -8.588  1.00 57.40 ? 60  LYS B CD  1 
ATOM   1088 C CE  . LYS B 1 60 ? 4.684   -14.103 -8.682  1.00 56.16 ? 60  LYS B CE  1 
ATOM   1089 N NZ  . LYS B 1 60 ? 4.164   -14.787 -7.438  1.00 59.51 ? 60  LYS B NZ  1 
ATOM   1090 N N   . ILE B 1 61 ? 0.387   -8.754  -7.808  1.00 41.76 ? 61  ILE B N   1 
ATOM   1091 C CA  . ILE B 1 61 ? -0.456  -7.595  -7.479  1.00 41.88 ? 61  ILE B CA  1 
ATOM   1092 C C   . ILE B 1 61 ? -0.317  -7.247  -5.975  1.00 41.41 ? 61  ILE B C   1 
ATOM   1093 O O   . ILE B 1 61 ? -0.502  -8.129  -5.111  1.00 40.61 ? 61  ILE B O   1 
ATOM   1094 C CB  . ILE B 1 61 ? -1.953  -7.872  -7.790  1.00 41.59 ? 61  ILE B CB  1 
ATOM   1095 C CG1 . ILE B 1 61 ? -2.119  -8.282  -9.273  1.00 41.24 ? 61  ILE B CG1 1 
ATOM   1096 C CG2 . ILE B 1 61 ? -2.817  -6.613  -7.461  1.00 41.87 ? 61  ILE B CG2 1 
ATOM   1097 C CD1 . ILE B 1 61 ? -3.518  -8.558  -9.647  1.00 42.36 ? 61  ILE B CD1 1 
ATOM   1098 N N   . GLY B 1 62 ? 0.032   -5.988  -5.668  1.00 40.16 ? 62  GLY B N   1 
ATOM   1099 C CA  . GLY B 1 62 ? -0.094  -5.507  -4.295  1.00 39.62 ? 62  GLY B CA  1 
ATOM   1100 C C   . GLY B 1 62 ? -1.138  -4.399  -4.197  1.00 40.48 ? 62  GLY B C   1 
ATOM   1101 O O   . GLY B 1 62 ? -1.700  -3.950  -5.230  1.00 40.45 ? 62  GLY B O   1 
ATOM   1102 N N   . ILE B 1 63 ? -1.406  -3.944  -2.976  1.00 39.01 ? 63  ILE B N   1 
ATOM   1103 C CA  . ILE B 1 63 ? -2.334  -2.812  -2.792  1.00 37.85 ? 63  ILE B CA  1 
ATOM   1104 C C   . ILE B 1 63 ? -1.674  -1.879  -1.818  1.00 37.94 ? 63  ILE B C   1 
ATOM   1105 O O   . ILE B 1 63 ? -1.200  -2.315  -0.763  1.00 37.59 ? 63  ILE B O   1 
ATOM   1106 C CB  . ILE B 1 63 ? -3.695  -3.258  -2.291  1.00 38.07 ? 63  ILE B CB  1 
ATOM   1107 C CG1 . ILE B 1 63 ? -4.499  -3.862  -3.455  1.00 41.46 ? 63  ILE B CG1 1 
ATOM   1108 C CG2 . ILE B 1 63 ? -4.536  -2.078  -1.746  1.00 39.55 ? 63  ILE B CG2 1 
ATOM   1109 C CD1 . ILE B 1 63 ? -5.775  -4.556  -3.019  1.00 38.46 ? 63  ILE B CD1 1 
ATOM   1110 N N   . PHE B 1 64 ? -1.584  -0.607  -2.194  1.00 37.30 ? 64  PHE B N   1 
ATOM   1111 C CA  . PHE B 1 64 ? -1.211  0.437   -1.254  1.00 36.87 ? 64  PHE B CA  1 
ATOM   1112 C C   . PHE B 1 64 ? -2.458  1.099   -0.710  1.00 37.17 ? 64  PHE B C   1 
ATOM   1113 O O   . PHE B 1 64 ? -3.264  1.673   -1.476  1.00 37.37 ? 64  PHE B O   1 
ATOM   1114 C CB  . PHE B 1 64 ? -0.293  1.491   -1.868  1.00 34.65 ? 64  PHE B CB  1 
ATOM   1115 C CG  . PHE B 1 64 ? 0.253   2.470   -0.847  1.00 36.89 ? 64  PHE B CG  1 
ATOM   1116 C CD1 . PHE B 1 64 ? 1.167   2.055   0.108   1.00 35.01 ? 64  PHE B CD1 1 
ATOM   1117 C CD2 . PHE B 1 64 ? -0.172  3.777   -0.811  1.00 39.07 ? 64  PHE B CD2 1 
ATOM   1118 C CE1 . PHE B 1 64 ? 1.660   2.932   1.052   1.00 39.94 ? 64  PHE B CE1 1 
ATOM   1119 C CE2 . PHE B 1 64 ? 0.339   4.697   0.170   1.00 38.54 ? 64  PHE B CE2 1 
ATOM   1120 C CZ  . PHE B 1 64 ? 1.253   4.254   1.084   1.00 35.05 ? 64  PHE B CZ  1 
ATOM   1121 N N   . SER B 1 65 ? -2.615  1.021   0.616   1.00 37.79 ? 65  SER B N   1 
ATOM   1122 C CA  . SER B 1 65 ? -3.808  1.527   1.305   1.00 37.66 ? 65  SER B CA  1 
ATOM   1123 C C   . SER B 1 65 ? -3.443  2.788   2.106   1.00 37.69 ? 65  SER B C   1 
ATOM   1124 O O   . SER B 1 65 ? -2.453  2.792   2.845   1.00 35.42 ? 65  SER B O   1 
ATOM   1125 C CB  . SER B 1 65 ? -4.320  0.492   2.300   1.00 39.22 ? 65  SER B CB  1 
ATOM   1126 O OG  . SER B 1 65 ? -4.873  -0.647  1.655   1.00 41.52 ? 65  SER B OG  1 
ATOM   1127 N N   . ARG B 1 66 ? -4.239  3.840   1.942   1.00 37.67 ? 66  ARG B N   1 
ATOM   1128 C CA  . ARG B 1 66 ? -4.028  5.138   2.633   1.00 40.73 ? 66  ARG B CA  1 
ATOM   1129 C C   . ARG B 1 66 ? -5.226  6.011   2.382   1.00 41.79 ? 66  ARG B C   1 
ATOM   1130 O O   . ARG B 1 66 ? -5.710  6.080   1.244   1.00 42.36 ? 66  ARG B O   1 
ATOM   1131 C CB  . ARG B 1 66 ? -2.789  5.900   2.133   1.00 40.15 ? 66  ARG B CB  1 
ATOM   1132 C CG  . ARG B 1 66 ? -2.278  6.975   3.120   1.00 44.81 ? 66  ARG B CG  1 
ATOM   1133 C CD  . ARG B 1 66 ? -1.285  7.972   2.495   1.00 44.11 ? 66  ARG B CD  1 
ATOM   1134 N NE  . ARG B 1 66 ? -1.896  8.832   1.474   1.00 50.94 ? 66  ARG B NE  1 
ATOM   1135 C CZ  . ARG B 1 66 ? -2.765  9.820   1.737   1.00 51.01 ? 66  ARG B CZ  1 
ATOM   1136 N NH1 . ARG B 1 66 ? -3.239  10.540  0.731   1.00 49.08 ? 66  ARG B NH1 1 
ATOM   1137 N NH2 . ARG B 1 66 ? -3.156  10.083  2.998   1.00 51.01 ? 66  ARG B NH2 1 
ATOM   1138 N N   . PRO B 1 67 ? -5.734  6.689   3.431   1.00 43.82 ? 67  PRO B N   1 
ATOM   1139 C CA  . PRO B 1 67 ? -5.308  6.579   4.836   1.00 44.41 ? 67  PRO B CA  1 
ATOM   1140 C C   . PRO B 1 67 ? -5.845  5.282   5.452   1.00 45.42 ? 67  PRO B C   1 
ATOM   1141 O O   . PRO B 1 67 ? -6.739  4.595   4.896   1.00 46.16 ? 67  PRO B O   1 
ATOM   1142 C CB  . PRO B 1 67 ? -5.953  7.813   5.511   1.00 44.81 ? 67  PRO B CB  1 
ATOM   1143 C CG  . PRO B 1 67 ? -7.178  8.118   4.678   1.00 45.96 ? 67  PRO B CG  1 
ATOM   1144 C CD  . PRO B 1 67 ? -6.857  7.646   3.247   1.00 44.14 ? 67  PRO B CD  1 
ATOM   1145 N N   . ILE B 1 68 ? -5.288  4.934   6.590   1.00 45.28 ? 68  ILE B N   1 
ATOM   1146 C CA  . ILE B 1 68 ? -5.703  3.739   7.303   1.00 45.03 ? 68  ILE B CA  1 
ATOM   1147 C C   . ILE B 1 68 ? -5.967  4.173   8.759   1.00 45.52 ? 68  ILE B C   1 
ATOM   1148 O O   . ILE B 1 68 ? -5.563  5.262   9.178   1.00 45.79 ? 68  ILE B O   1 
ATOM   1149 C CB  . ILE B 1 68 ? -4.553  2.711   7.279   1.00 44.99 ? 68  ILE B CB  1 
ATOM   1150 C CG1 . ILE B 1 68 ? -3.250  3.412   7.708   1.00 44.06 ? 68  ILE B CG1 1 
ATOM   1151 C CG2 . ILE B 1 68 ? -4.416  2.125   5.851   1.00 43.95 ? 68  ILE B CG2 1 
ATOM   1152 C CD1 . ILE B 1 68 ? -2.409  2.688   8.604   1.00 45.87 ? 68  ILE B CD1 1 
ATOM   1153 N N   . LYS B 1 69 ? -6.590  3.309   9.536   1.00 45.54 ? 69  LYS B N   1 
ATOM   1154 C CA  . LYS B 1 69 ? -6.724  3.529   10.967  1.00 45.23 ? 69  LYS B CA  1 
ATOM   1155 C C   . LYS B 1 69 ? -5.515  2.837   11.542  1.00 44.51 ? 69  LYS B C   1 
ATOM   1156 O O   . LYS B 1 69 ? -5.124  1.752   11.067  1.00 45.18 ? 69  LYS B O   1 
ATOM   1157 C CB  . LYS B 1 69 ? -8.017  2.898   11.447  1.00 44.86 ? 69  LYS B CB  1 
ATOM   1158 C CG  . LYS B 1 69 ? -9.217  3.359   10.588  1.00 47.58 ? 69  LYS B CG  1 
ATOM   1159 C CD  . LYS B 1 69 ? -10.534 3.164   11.290  1.00 54.85 ? 69  LYS B CD  1 
ATOM   1160 C CE  . LYS B 1 69 ? -10.982 1.717   11.241  1.00 60.14 ? 69  LYS B CE  1 
ATOM   1161 N NZ  . LYS B 1 69 ? -12.023 1.534   10.172  1.00 65.76 ? 69  LYS B NZ  1 
ATOM   1162 N N   . LEU B 1 70 ? -4.874  3.464   12.507  1.00 43.01 ? 70  LEU B N   1 
ATOM   1163 C CA  . LEU B 1 70 ? -3.722  2.826   13.163  1.00 43.13 ? 70  LEU B CA  1 
ATOM   1164 C C   . LEU B 1 70 ? -4.079  1.591   14.005  1.00 42.11 ? 70  LEU B C   1 
ATOM   1165 O O   . LEU B 1 70 ? -3.210  0.884   14.501  1.00 41.31 ? 70  LEU B O   1 
ATOM   1166 C CB  . LEU B 1 70 ? -2.960  3.837   14.005  1.00 42.47 ? 70  LEU B CB  1 
ATOM   1167 C CG  . LEU B 1 70 ? -2.424  5.030   13.213  1.00 45.78 ? 70  LEU B CG  1 
ATOM   1168 C CD1 . LEU B 1 70 ? -1.569  5.911   14.138  1.00 45.12 ? 70  LEU B CD1 1 
ATOM   1169 C CD2 . LEU B 1 70 ? -1.692  4.628   11.938  1.00 46.81 ? 70  LEU B CD2 1 
ATOM   1170 N N   . THR B 1 71 ? -5.375  1.338   14.143  1.00 42.63 ? 71  THR B N   1 
ATOM   1171 C CA  . THR B 1 71 ? -5.865  0.154   14.828  1.00 43.17 ? 71  THR B CA  1 
ATOM   1172 C C   . THR B 1 71 ? -5.986  -1.070  13.883  1.00 44.79 ? 71  THR B C   1 
ATOM   1173 O O   . THR B 1 71 ? -6.289  -2.173  14.358  1.00 45.64 ? 71  THR B O   1 
ATOM   1174 C CB  . THR B 1 71 ? -7.267  0.438   15.441  1.00 43.02 ? 71  THR B CB  1 
ATOM   1175 O OG1 . THR B 1 71 ? -8.115  0.991   14.426  1.00 40.72 ? 71  THR B OG1 1 
ATOM   1176 C CG2 . THR B 1 71 ? -7.147  1.436   16.580  1.00 41.15 ? 71  THR B CG2 1 
ATOM   1177 N N   . ASP B 1 72 ? -5.804  -0.869  12.568  1.00 45.23 ? 72  ASP B N   1 
ATOM   1178 C CA  . ASP B 1 72 ? -5.848  -1.968  11.575  1.00 46.84 ? 72  ASP B CA  1 
ATOM   1179 C C   . ASP B 1 72 ? -4.828  -3.066  11.909  1.00 46.54 ? 72  ASP B C   1 
ATOM   1180 O O   . ASP B 1 72 ? -3.735  -2.770  12.374  1.00 45.75 ? 72  ASP B O   1 
ATOM   1181 C CB  . ASP B 1 72 ? -5.558  -1.443  10.159  1.00 47.23 ? 72  ASP B CB  1 
ATOM   1182 C CG  . ASP B 1 72 ? -6.732  -0.639  9.556   1.00 52.49 ? 72  ASP B CG  1 
ATOM   1183 O OD1 . ASP B 1 72 ? -7.833  -0.526  10.187  1.00 54.67 ? 72  ASP B OD1 1 
ATOM   1184 O OD2 . ASP B 1 72 ? -6.543  -0.106  8.430   1.00 57.11 ? 72  ASP B OD2 1 
ATOM   1185 N N   . VAL B 1 73 ? -5.190  -4.327  11.677  1.00 47.13 ? 73  VAL B N   1 
ATOM   1186 C CA  . VAL B 1 73 ? -4.315  -5.476  12.018  1.00 47.73 ? 73  VAL B CA  1 
ATOM   1187 C C   . VAL B 1 73 ? -3.319  -5.717  10.867  1.00 47.19 ? 73  VAL B C   1 
ATOM   1188 O O   . VAL B 1 73 ? -3.705  -5.696  9.703   1.00 47.82 ? 73  VAL B O   1 
ATOM   1189 C CB  . VAL B 1 73 ? -5.154  -6.754  12.410  1.00 48.23 ? 73  VAL B CB  1 
ATOM   1190 C CG1 . VAL B 1 73 ? -4.293  -8.004  12.512  1.00 48.91 ? 73  VAL B CG1 1 
ATOM   1191 C CG2 . VAL B 1 73 ? -5.840  -6.532  13.758  1.00 49.53 ? 73  VAL B CG2 1 
ATOM   1192 N N   . LEU B 1 74 ? -2.041  -5.884  11.184  1.00 46.14 ? 74  LEU B N   1 
ATOM   1193 C CA  . LEU B 1 74 ? -1.055  -6.179  10.137  1.00 47.29 ? 74  LEU B CA  1 
ATOM   1194 C C   . LEU B 1 74 ? -1.088  -7.641  9.703   1.00 47.98 ? 74  LEU B C   1 
ATOM   1195 O O   . LEU B 1 74 ? -1.502  -8.514  10.476  1.00 46.63 ? 74  LEU B O   1 
ATOM   1196 C CB  . LEU B 1 74 ? 0.354   -5.820  10.588  1.00 46.61 ? 74  LEU B CB  1 
ATOM   1197 C CG  . LEU B 1 74 ? 0.553   -4.308  10.713  1.00 46.82 ? 74  LEU B CG  1 
ATOM   1198 C CD1 . LEU B 1 74 ? 1.689   -4.099  11.666  1.00 45.16 ? 74  LEU B CD1 1 
ATOM   1199 C CD2 . LEU B 1 74 ? 0.862   -3.662  9.361   1.00 43.37 ? 74  LEU B CD2 1 
ATOM   1200 N N   . LYS B 1 75 ? -0.634  -7.882  8.473   1.00 48.78 ? 75  LYS B N   1 
ATOM   1201 C CA  . LYS B 1 75 ? -0.536  -9.217  7.901   1.00 49.59 ? 75  LYS B CA  1 
ATOM   1202 C C   . LYS B 1 75 ? 0.888   -9.470  7.436   1.00 48.75 ? 75  LYS B C   1 
ATOM   1203 O O   . LYS B 1 75 ? 1.698   -8.532  7.268   1.00 48.34 ? 75  LYS B O   1 
ATOM   1204 C CB  . LYS B 1 75 ? -1.556  -9.378  6.773   1.00 49.69 ? 75  LYS B CB  1 
ATOM   1205 C CG  . LYS B 1 75 ? -2.991  -9.612  7.305   1.00 52.95 ? 75  LYS B CG  1 
ATOM   1206 C CD  . LYS B 1 75 ? -4.122  -9.241  6.304   1.00 53.78 ? 75  LYS B CD  1 
ATOM   1207 C CE  . LYS B 1 75 ? -4.496  -10.391 5.297   1.00 59.69 ? 75  LYS B CE  1 
ATOM   1208 N NZ  . LYS B 1 75 ? -5.777  -10.122 4.510   1.00 59.20 ? 75  LYS B NZ  1 
ATOM   1209 N N   . GLU B 1 76 ? 1.214   -10.743 7.247   1.00 48.18 ? 76  GLU B N   1 
ATOM   1210 C CA  . GLU B 1 76 ? 2.511   -11.167 6.719   1.00 47.42 ? 76  GLU B CA  1 
ATOM   1211 C C   . GLU B 1 76 ? 2.942   -10.345 5.506   1.00 46.94 ? 76  GLU B C   1 
ATOM   1212 O O   . GLU B 1 76 ? 2.193   -10.232 4.545   1.00 46.20 ? 76  GLU B O   1 
ATOM   1213 C CB  . GLU B 1 76 ? 2.437   -12.671 6.335   1.00 48.43 ? 76  GLU B CB  1 
ATOM   1214 C CG  . GLU B 1 76 ? 3.660   -13.207 5.598   1.00 49.21 ? 76  GLU B CG  1 
ATOM   1215 C CD  . GLU B 1 76 ? 4.919   -13.145 6.438   1.00 54.62 ? 76  GLU B CD  1 
ATOM   1216 O OE1 . GLU B 1 76 ? 6.022   -13.129 5.848   1.00 59.61 ? 76  GLU B OE1 1 
ATOM   1217 O OE2 . GLU B 1 76 ? 4.818   -13.113 7.687   1.00 55.09 ? 76  GLU B OE2 1 
ATOM   1218 N N   . GLY B 1 77 ? 4.148   -9.778  5.535   1.00 46.18 ? 77  GLY B N   1 
ATOM   1219 C CA  . GLY B 1 77 ? 4.628   -9.032  4.376   1.00 45.91 ? 77  GLY B CA  1 
ATOM   1220 C C   . GLY B 1 77 ? 4.188   -7.562  4.254   1.00 45.90 ? 77  GLY B C   1 
ATOM   1221 O O   . GLY B 1 77 ? 4.607   -6.841  3.312   1.00 45.75 ? 77  GLY B O   1 
ATOM   1222 N N   . ASP B 1 78 ? 3.354   -7.101  5.186   1.00 44.56 ? 78  ASP B N   1 
ATOM   1223 C CA  . ASP B 1 78 ? 2.919   -5.691  5.159   1.00 43.39 ? 78  ASP B CA  1 
ATOM   1224 C C   . ASP B 1 78 ? 4.107   -4.764  5.366   1.00 42.09 ? 78  ASP B C   1 
ATOM   1225 O O   . ASP B 1 78 ? 5.020   -5.065  6.138   1.00 42.21 ? 78  ASP B O   1 
ATOM   1226 C CB  . ASP B 1 78 ? 1.847   -5.400  6.194   1.00 42.95 ? 78  ASP B CB  1 
ATOM   1227 C CG  . ASP B 1 78 ? 0.452   -5.791  5.727   1.00 44.64 ? 78  ASP B CG  1 
ATOM   1228 O OD1 . ASP B 1 78 ? 0.230   -6.124  4.524   1.00 45.57 ? 78  ASP B OD1 1 
ATOM   1229 O OD2 . ASP B 1 78 ? -0.458  -5.778  6.586   1.00 44.79 ? 78  ASP B OD2 1 
ATOM   1230 N N   . ARG B 1 79 ? 4.110   -3.654  4.636   1.00 40.01 ? 79  ARG B N   1 
ATOM   1231 C CA  . ARG B 1 79 ? 5.034   -2.574  4.919   1.00 39.29 ? 79  ARG B CA  1 
ATOM   1232 C C   . ARG B 1 79 ? 4.242   -1.318  5.263   1.00 39.18 ? 79  ARG B C   1 
ATOM   1233 O O   . ARG B 1 79 ? 3.358   -0.916  4.507   1.00 39.34 ? 79  ARG B O   1 
ATOM   1234 C CB  . ARG B 1 79 ? 5.935   -2.274  3.733   1.00 38.94 ? 79  ARG B CB  1 
ATOM   1235 C CG  . ARG B 1 79 ? 6.940   -1.186  4.064   1.00 40.20 ? 79  ARG B CG  1 
ATOM   1236 C CD  . ARG B 1 79 ? 7.632   -0.680  2.801   1.00 45.43 ? 79  ARG B CD  1 
ATOM   1237 N NE  . ARG B 1 79 ? 8.712   -1.569  2.386   1.00 46.99 ? 79  ARG B NE  1 
ATOM   1238 C CZ  . ARG B 1 79 ? 9.539   -1.348  1.358   1.00 52.45 ? 79  ARG B CZ  1 
ATOM   1239 N NH1 . ARG B 1 79 ? 10.495  -2.240  1.072   1.00 52.02 ? 79  ARG B NH1 1 
ATOM   1240 N NH2 . ARG B 1 79 ? 9.426   -0.242  0.623   1.00 53.25 ? 79  ARG B NH2 1 
ATOM   1241 N N   . ILE B 1 80 ? 4.601   -0.712  6.386   1.00 38.78 ? 80  ILE B N   1 
ATOM   1242 C CA  . ILE B 1 80 ? 4.055   0.552   6.839   1.00 38.66 ? 80  ILE B CA  1 
ATOM   1243 C C   . ILE B 1 80 ? 4.953   1.626   6.269   1.00 38.14 ? 80  ILE B C   1 
ATOM   1244 O O   . ILE B 1 80 ? 6.176   1.627   6.510   1.00 38.82 ? 80  ILE B O   1 
ATOM   1245 C CB  . ILE B 1 80 ? 4.094   0.625   8.400   1.00 39.11 ? 80  ILE B CB  1 
ATOM   1246 C CG1 . ILE B 1 80 ? 3.263   -0.510  9.026   1.00 38.27 ? 80  ILE B CG1 1 
ATOM   1247 C CG2 . ILE B 1 80 ? 3.732   2.046   8.904   1.00 38.33 ? 80  ILE B CG2 1 
ATOM   1248 C CD1 . ILE B 1 80 ? 3.502   -0.713  10.515  1.00 37.91 ? 80  ILE B CD1 1 
ATOM   1249 N N   . GLU B 1 81 ? 4.371   2.543   5.495   1.00 36.87 ? 81  GLU B N   1 
ATOM   1250 C CA  . GLU B 1 81 ? 5.166   3.612   4.926   1.00 37.88 ? 81  GLU B CA  1 
ATOM   1251 C C   . GLU B 1 81 ? 4.779   4.899   5.628   1.00 36.82 ? 81  GLU B C   1 
ATOM   1252 O O   . GLU B 1 81 ? 3.616   5.256   5.627   1.00 35.29 ? 81  GLU B O   1 
ATOM   1253 C CB  . GLU B 1 81 ? 4.880   3.789   3.429   1.00 38.53 ? 81  GLU B CB  1 
ATOM   1254 C CG  . GLU B 1 81 ? 5.257   2.607   2.539   1.00 46.64 ? 81  GLU B CG  1 
ATOM   1255 C CD  . GLU B 1 81 ? 6.658   2.745   1.897   1.00 55.11 ? 81  GLU B CD  1 
ATOM   1256 O OE1 . GLU B 1 81 ? 7.378   3.759   2.129   1.00 59.36 ? 81  GLU B OE1 1 
ATOM   1257 O OE2 . GLU B 1 81 ? 7.053   1.813   1.157   1.00 60.30 ? 81  GLU B OE2 1 
ATOM   1258 N N   . ILE B 1 82 ? 5.763   5.600   6.171   1.00 36.81 ? 82  ILE B N   1 
ATOM   1259 C CA  . ILE B 1 82 ? 5.507   6.863   6.802   1.00 37.15 ? 82  ILE B CA  1 
ATOM   1260 C C   . ILE B 1 82 ? 6.227   7.915   5.968   1.00 37.60 ? 82  ILE B C   1 
ATOM   1261 O O   . ILE B 1 82 ? 7.363   7.715   5.578   1.00 37.45 ? 82  ILE B O   1 
ATOM   1262 C CB  . ILE B 1 82 ? 6.023   6.891   8.286   1.00 37.87 ? 82  ILE B CB  1 
ATOM   1263 C CG1 . ILE B 1 82 ? 5.336   5.805   9.151   1.00 37.33 ? 82  ILE B CG1 1 
ATOM   1264 C CG2 . ILE B 1 82 ? 5.898   8.348   8.895   1.00 34.63 ? 82  ILE B CG2 1 
ATOM   1265 C CD1 . ILE B 1 82 ? 6.125   5.522   10.472  1.00 38.54 ? 82  ILE B CD1 1 
ATOM   1266 N N   . TYR B 1 83 ? 5.542   9.007   5.642   1.00 36.66 ? 83  TYR B N   1 
ATOM   1267 C CA  . TYR B 1 83 ? 6.173   10.022  4.822   1.00 38.46 ? 83  TYR B CA  1 
ATOM   1268 C C   . TYR B 1 83 ? 5.546   11.376  5.096   1.00 38.48 ? 83  TYR B C   1 
ATOM   1269 O O   . TYR B 1 83 ? 4.633   11.491  5.909   1.00 35.86 ? 83  TYR B O   1 
ATOM   1270 C CB  . TYR B 1 83 ? 6.180   9.620   3.307   1.00 38.77 ? 83  TYR B CB  1 
ATOM   1271 C CG  . TYR B 1 83 ? 4.873   9.215   2.723   1.00 38.59 ? 83  TYR B CG  1 
ATOM   1272 C CD1 . TYR B 1 83 ? 4.279   8.002   3.068   1.00 39.83 ? 83  TYR B CD1 1 
ATOM   1273 C CD2 . TYR B 1 83 ? 4.236   10.028  1.793   1.00 38.58 ? 83  TYR B CD2 1 
ATOM   1274 C CE1 . TYR B 1 83 ? 3.088   7.623   2.550   1.00 42.50 ? 83  TYR B CE1 1 
ATOM   1275 C CE2 . TYR B 1 83 ? 3.050   9.641   1.210   1.00 39.15 ? 83  TYR B CE2 1 
ATOM   1276 C CZ  . TYR B 1 83 ? 2.479   8.451   1.590   1.00 42.43 ? 83  TYR B CZ  1 
ATOM   1277 O OH  . TYR B 1 83 ? 1.285   8.060   1.033   1.00 43.49 ? 83  TYR B OH  1 
ATOM   1278 N N   . ARG B 1 84 ? 6.056   12.394  4.432   1.00 39.69 ? 84  ARG B N   1 
ATOM   1279 C CA  . ARG B 1 84 ? 5.653   13.781  4.706   1.00 41.51 ? 84  ARG B CA  1 
ATOM   1280 C C   . ARG B 1 84 ? 4.692   14.290  3.655   1.00 41.05 ? 84  ARG B C   1 
ATOM   1281 O O   . ARG B 1 84 ? 4.906   14.069  2.468   1.00 40.83 ? 84  ARG B O   1 
ATOM   1282 C CB  . ARG B 1 84 ? 6.885   14.687  4.774   1.00 42.83 ? 84  ARG B CB  1 
ATOM   1283 C CG  . ARG B 1 84 ? 8.109   14.000  5.391   1.00 46.94 ? 84  ARG B CG  1 
ATOM   1284 C CD  . ARG B 1 84 ? 8.677   14.777  6.542   1.00 54.79 ? 84  ARG B CD  1 
ATOM   1285 N NE  . ARG B 1 84 ? 9.588   15.861  6.179   1.00 59.11 ? 84  ARG B NE  1 
ATOM   1286 C CZ  . ARG B 1 84 ? 10.823  16.019  6.679   1.00 60.67 ? 84  ARG B CZ  1 
ATOM   1287 N NH1 . ARG B 1 84 ? 11.334  15.162  7.556   1.00 60.12 ? 84  ARG B NH1 1 
ATOM   1288 N NH2 . ARG B 1 84 ? 11.561  17.051  6.296   1.00 62.91 ? 84  ARG B NH2 1 
ATOM   1289 N N   . PRO B 1 85 ? 3.603   14.952  4.081   1.00 40.96 ? 85  PRO B N   1 
ATOM   1290 C CA  . PRO B 1 85 ? 2.619   15.504  3.144   1.00 41.19 ? 85  PRO B CA  1 
ATOM   1291 C C   . PRO B 1 85 ? 3.127   16.697  2.294   1.00 42.64 ? 85  PRO B C   1 
ATOM   1292 O O   . PRO B 1 85 ? 2.566   16.953  1.225   1.00 41.77 ? 85  PRO B O   1 
ATOM   1293 C CB  . PRO B 1 85 ? 1.476   15.975  4.077   1.00 41.46 ? 85  PRO B CB  1 
ATOM   1294 C CG  . PRO B 1 85 ? 2.189   16.328  5.394   1.00 41.14 ? 85  PRO B CG  1 
ATOM   1295 C CD  . PRO B 1 85 ? 3.249   15.224  5.492   1.00 41.08 ? 85  PRO B CD  1 
ATOM   1296 N N   . LEU B 1 86 ? 4.154   17.413  2.765   1.00 43.95 ? 86  LEU B N   1 
ATOM   1297 C CA  . LEU B 1 86 ? 4.610   18.682  2.162   1.00 46.64 ? 86  LEU B CA  1 
ATOM   1298 C C   . LEU B 1 86 ? 6.086   18.620  1.743   1.00 47.60 ? 86  LEU B C   1 
ATOM   1299 O O   . LEU B 1 86 ? 6.861   17.900  2.362   1.00 48.23 ? 86  LEU B O   1 
ATOM   1300 C CB  . LEU B 1 86 ? 4.485   19.802  3.193   1.00 47.29 ? 86  LEU B CB  1 
ATOM   1301 C CG  . LEU B 1 86 ? 3.245   20.665  3.445   1.00 48.00 ? 86  LEU B CG  1 
ATOM   1302 C CD1 . LEU B 1 86 ? 1.986   19.874  3.751   1.00 48.16 ? 86  LEU B CD1 1 
ATOM   1303 C CD2 . LEU B 1 86 ? 3.618   21.551  4.622   1.00 49.22 ? 86  LEU B CD2 1 
ATOM   1304 N N   . LEU B 1 87 ? 6.452   19.341  0.683   1.00 48.71 ? 87  LEU B N   1 
ATOM   1305 C CA  . LEU B 1 87 ? 7.855   19.710  0.372   1.00 51.46 ? 87  LEU B CA  1 
ATOM   1306 C C   . LEU B 1 87 ? 7.937   21.194  0.867   1.00 53.57 ? 87  LEU B C   1 
ATOM   1307 O O   . LEU B 1 87 ? 7.011   21.957  0.565   1.00 52.33 ? 87  LEU B O   1 
ATOM   1308 C CB  . LEU B 1 87 ? 8.078   19.572  -1.128  1.00 50.60 ? 87  LEU B CB  1 
ATOM   1309 C CG  . LEU B 1 87 ? 8.471   18.232  -1.760  1.00 52.12 ? 87  LEU B CG  1 
ATOM   1310 C CD1 . LEU B 1 87 ? 8.211   16.992  -0.930  1.00 51.59 ? 87  LEU B CD1 1 
ATOM   1311 C CD2 . LEU B 1 87 ? 7.928   18.087  -3.191  1.00 51.46 ? 87  LEU B CD2 1 
ATOM   1312 N N   . ALA B 1 88 ? 9.034   21.699  1.460   1.00 57.54 ? 88  ALA B N   1 
ATOM   1313 C CA  . ALA B 1 88 ? 10.245  22.105  0.747   1.00 61.17 ? 88  ALA B CA  1 
ATOM   1314 C C   . ALA B 1 88 ? 11.633  22.036  1.415   1.00 63.47 ? 88  ALA B C   1 
ATOM   1315 O O   . ALA B 1 88 ? 12.068  20.989  1.907   1.00 64.34 ? 88  ALA B O   1 
ATOM   1316 C CB  . ALA B 1 88 ? 10.023  23.553  0.237   1.00 61.62 ? 88  ALA B CB  1 
ATOM   1317 N N   . ASP B 1 89 ? 12.364  23.154  1.347   1.00 66.42 ? 89  ASP B N   1 
ATOM   1318 C CA  . ASP B 1 89 ? 13.772  23.187  1.796   1.00 68.45 ? 89  ASP B CA  1 
ATOM   1319 C C   . ASP B 1 89 ? 13.890  23.575  3.263   1.00 68.78 ? 89  ASP B C   1 
ATOM   1320 O O   . ASP B 1 89 ? 14.084  22.703  4.108   1.00 69.90 ? 89  ASP B O   1 
ATOM   1321 C CB  . ASP B 1 89 ? 14.641  24.082  0.902   1.00 68.93 ? 89  ASP B CB  1 
ATOM   1322 C CG  . ASP B 1 89 ? 14.000  25.434  0.619   1.00 71.92 ? 89  ASP B CG  1 
ATOM   1323 O OD1 . ASP B 1 89 ? 12.935  25.492  -0.056  1.00 74.29 ? 89  ASP B OD1 1 
ATOM   1324 O OD2 . ASP B 1 89 ? 14.586  26.449  1.059   1.00 74.38 ? 89  ASP B OD2 1 
HETATM 1325 S S   . SO4 C 2 .  ? 3.763   -12.866 -4.559  0.70 63.25 ? 202 SO4 A S   1 
HETATM 1326 O O1  . SO4 C 2 .  ? 3.957   -13.038 -3.116  0.70 63.58 ? 202 SO4 A O1  1 
HETATM 1327 O O2  . SO4 C 2 .  ? 3.093   -14.028 -5.149  0.70 61.00 ? 202 SO4 A O2  1 
HETATM 1328 O O3  . SO4 C 2 .  ? 2.983   -11.651 -4.778  0.70 61.98 ? 202 SO4 A O3  1 
HETATM 1329 O O4  . SO4 C 2 .  ? 5.066   -12.727 -5.214  0.70 64.12 ? 202 SO4 A O4  1 
HETATM 1330 S S   . SO4 D 2 .  ? -0.215  9.968   -1.537  0.80 39.73 ? 201 SO4 B S   1 
HETATM 1331 O O1  . SO4 D 2 .  ? -0.243  8.660   -0.910  0.80 44.73 ? 201 SO4 B O1  1 
HETATM 1332 O O2  . SO4 D 2 .  ? -0.765  9.825   -2.878  0.80 44.28 ? 201 SO4 B O2  1 
HETATM 1333 O O3  . SO4 D 2 .  ? -0.938  10.990  -0.792  0.80 45.03 ? 201 SO4 B O3  1 
HETATM 1334 O O4  . SO4 D 2 .  ? 1.158   10.324  -1.506  0.80 35.93 ? 201 SO4 B O4  1 
HETATM 1335 S S   . SO4 E 2 .  ? -3.069  6.533   -1.776  0.50 62.49 ? 203 SO4 B S   1 
HETATM 1336 O O1  . SO4 E 2 .  ? -3.312  5.093   -1.955  0.50 60.83 ? 203 SO4 B O1  1 
HETATM 1337 O O2  . SO4 E 2 .  ? -2.739  7.143   -3.080  0.50 58.02 ? 203 SO4 B O2  1 
HETATM 1338 O O3  . SO4 E 2 .  ? -4.260  7.130   -1.174  0.50 62.17 ? 203 SO4 B O3  1 
HETATM 1339 O O4  . SO4 E 2 .  ? -1.958  6.759   -0.868  0.50 58.30 ? 203 SO4 B O4  1 
HETATM 1340 S S   . SO4 F 2 .  ? 0.747   3.078   -24.673 0.70 68.12 ? 204 SO4 B S   1 
HETATM 1341 O O1  . SO4 F 2 .  ? 0.173   4.331   -24.207 0.70 67.83 ? 204 SO4 B O1  1 
HETATM 1342 O O2  . SO4 F 2 .  ? -0.103  1.970   -24.226 0.70 62.61 ? 204 SO4 B O2  1 
HETATM 1343 O O3  . SO4 F 2 .  ? 0.811   3.065   -26.143 0.70 67.18 ? 204 SO4 B O3  1 
HETATM 1344 O O4  . SO4 F 2 .  ? 2.115   3.045   -24.166 0.70 66.78 ? 204 SO4 B O4  1 
HETATM 1345 O O   . HOH G 3 .  ? 8.464   4.123   18.090  1.00 40.20 ? 203 HOH A O   1 
HETATM 1346 O O   . HOH G 3 .  ? 0.127   15.767  0.437   1.00 36.71 ? 204 HOH A O   1 
HETATM 1347 O O   . HOH G 3 .  ? -3.209  6.854   7.319   1.00 41.21 ? 205 HOH A O   1 
HETATM 1348 O O   . HOH G 3 .  ? -7.067  2.623   1.439   1.00 39.72 ? 206 HOH A O   1 
HETATM 1349 O O   . HOH G 3 .  ? 13.819  9.159   0.979   1.00 40.76 ? 207 HOH A O   1 
HETATM 1350 O O   . HOH G 3 .  ? 8.308   12.037  2.686   1.00 39.40 ? 208 HOH A O   1 
HETATM 1351 O O   . HOH G 3 .  ? -12.191 -8.169  1.345   1.00 55.22 ? 209 HOH A O   1 
HETATM 1352 O O   . HOH G 3 .  ? 8.187   13.693  9.259   1.00 49.02 ? 210 HOH A O   1 
HETATM 1353 O O   . HOH G 3 .  ? 17.140  13.325  -1.468  1.00 52.48 ? 211 HOH A O   1 
HETATM 1354 O O   . HOH G 3 .  ? 0.394   -11.743 -6.613  1.00 53.27 ? 212 HOH A O   1 
HETATM 1355 O O   . HOH G 3 .  ? -1.535  10.408  10.050  1.00 38.95 ? 213 HOH A O   1 
HETATM 1356 O O   . HOH G 3 .  ? -1.858  -4.516  18.917  1.00 49.32 ? 214 HOH A O   1 
HETATM 1357 O O   . HOH G 3 .  ? 17.491  2.115   6.190   1.00 50.54 ? 215 HOH A O   1 
HETATM 1358 O O   . HOH G 3 .  ? 6.404   17.016  13.603  1.00 55.09 ? 216 HOH A O   1 
HETATM 1359 O O   . HOH G 3 .  ? 7.835   10.931  16.899  1.00 53.43 ? 217 HOH A O   1 
HETATM 1360 O O   . HOH G 3 .  ? -15.076 -1.521  -2.870  1.00 49.41 ? 218 HOH A O   1 
HETATM 1361 O O   . HOH G 3 .  ? -3.848  1.938   20.967  1.00 46.56 ? 219 HOH A O   1 
HETATM 1362 O O   . HOH G 3 .  ? -10.766 -11.885 -0.473  1.00 53.96 ? 220 HOH A O   1 
HETATM 1363 O O   . HOH G 3 .  ? -5.520  -10.107 0.655   1.00 59.26 ? 221 HOH A O   1 
HETATM 1364 O O   . HOH G 3 .  ? 3.737   17.818  12.780  1.00 56.08 ? 222 HOH A O   1 
HETATM 1365 O O   . HOH G 3 .  ? -1.792  16.559  2.150   1.00 42.42 ? 223 HOH A O   1 
HETATM 1366 O O   . HOH G 3 .  ? -7.683  -2.341  1.680   1.00 54.96 ? 224 HOH A O   1 
HETATM 1367 O O   . HOH G 3 .  ? 7.361   4.745   20.734  1.00 49.00 ? 225 HOH A O   1 
HETATM 1368 O O   . HOH G 3 .  ? -1.082  -9.616  2.115   1.00 46.27 ? 226 HOH A O   1 
HETATM 1369 O O   . HOH G 3 .  ? 5.162   -8.425  18.570  1.00 67.81 ? 227 HOH A O   1 
HETATM 1370 O O   . HOH G 3 .  ? -3.666  -0.297  18.364  1.00 49.75 ? 228 HOH A O   1 
HETATM 1371 O O   . HOH G 3 .  ? -13.647 2.703   2.176   1.00 60.46 ? 229 HOH A O   1 
HETATM 1372 O O   . HOH G 3 .  ? -9.228  4.739   3.376   1.00 59.05 ? 230 HOH A O   1 
HETATM 1373 O O   . HOH G 3 .  ? -3.446  -14.264 -3.239  1.00 61.89 ? 231 HOH A O   1 
HETATM 1374 O O   . HOH G 3 .  ? 16.391  -3.836  9.626   1.00 58.10 ? 232 HOH A O   1 
HETATM 1375 O O   . HOH G 3 .  ? -10.299 8.569   3.210   1.00 60.79 ? 233 HOH A O   1 
HETATM 1376 O O   . HOH G 3 .  ? 1.500   0.819   21.467  1.00 49.52 ? 234 HOH A O   1 
HETATM 1377 O O   . HOH G 3 .  ? -2.347  16.600  16.308  1.00 51.00 ? 235 HOH A O   1 
HETATM 1378 O O   . HOH G 3 .  ? 5.920   -11.078 -2.124  1.00 61.77 ? 236 HOH A O   1 
HETATM 1379 O O   . HOH H 3 .  ? -2.300  9.321   5.750   1.00 35.72 ? 205 HOH B O   1 
HETATM 1380 O O   . HOH H 3 .  ? 3.228   12.929  0.642   1.00 41.58 ? 206 HOH B O   1 
HETATM 1381 O O   . HOH H 3 .  ? -12.617 2.935   -18.569 1.00 41.88 ? 207 HOH B O   1 
HETATM 1382 O O   . HOH H 3 .  ? 9.325   16.664  2.576   1.00 44.88 ? 208 HOH B O   1 
HETATM 1383 O O   . HOH H 3 .  ? 1.040   -8.178  2.894   1.00 45.23 ? 209 HOH B O   1 
HETATM 1384 O O   . HOH H 3 .  ? -9.455  -3.941  -18.292 1.00 36.75 ? 210 HOH B O   1 
HETATM 1385 O O   . HOH H 3 .  ? -6.704  1.727   -20.759 1.00 36.22 ? 211 HOH B O   1 
HETATM 1386 O O   . HOH H 3 .  ? -17.103 -6.638  -7.544  1.00 44.71 ? 212 HOH B O   1 
HETATM 1387 O O   . HOH H 3 .  ? -1.519  -10.872 -5.651  1.00 41.58 ? 213 HOH B O   1 
HETATM 1388 O O   . HOH H 3 .  ? 5.546   17.737  5.764   1.00 46.88 ? 214 HOH B O   1 
HETATM 1389 O O   . HOH H 3 .  ? -8.014  2.337   -18.458 1.00 40.42 ? 215 HOH B O   1 
HETATM 1390 O O   . HOH H 3 .  ? 2.489   -7.877  -16.987 1.00 59.18 ? 216 HOH B O   1 
HETATM 1391 O O   . HOH H 3 .  ? -8.526  4.909   -18.466 1.00 40.88 ? 217 HOH B O   1 
HETATM 1392 O O   . HOH H 3 .  ? -2.913  -2.653  1.958   1.00 43.29 ? 218 HOH B O   1 
HETATM 1393 O O   . HOH H 3 .  ? -9.213  -0.725  12.673  1.00 55.98 ? 219 HOH B O   1 
HETATM 1394 O O   . HOH H 3 .  ? -1.522  6.994   -16.904 1.00 54.94 ? 220 HOH B O   1 
HETATM 1395 O O   . HOH H 3 .  ? -4.294  4.843   -20.395 1.00 39.32 ? 221 HOH B O   1 
HETATM 1396 O O   . HOH H 3 .  ? -8.060  -4.709  10.668  1.00 52.00 ? 222 HOH B O   1 
HETATM 1397 O O   . HOH H 3 .  ? -11.402 9.224   -8.768  1.00 44.37 ? 223 HOH B O   1 
HETATM 1398 O O   . HOH H 3 .  ? 7.483   5.923   3.228   1.00 52.98 ? 224 HOH B O   1 
HETATM 1399 O O   . HOH H 3 .  ? -5.817  7.596   10.259  1.00 50.14 ? 225 HOH B O   1 
HETATM 1400 O O   . HOH H 3 .  ? -1.519  6.226   -19.543 1.00 62.21 ? 226 HOH B O   1 
HETATM 1401 O O   . HOH H 3 .  ? -2.945  -12.486 -9.925  1.00 48.60 ? 227 HOH B O   1 
HETATM 1402 O O   . HOH H 3 .  ? 7.150   23.814  -1.551  1.00 49.05 ? 228 HOH B O   1 
HETATM 1403 O O   . HOH H 3 .  ? -7.616  2.128   3.740   1.00 44.08 ? 229 HOH B O   1 
HETATM 1404 O O   . HOH H 3 .  ? 0.659   4.058   -20.772 1.00 52.04 ? 230 HOH B O   1 
HETATM 1405 O O   . HOH H 3 .  ? 11.361  22.072  -1.762  1.00 60.58 ? 231 HOH B O   1 
HETATM 1406 O O   . HOH H 3 .  ? -15.095 -9.715  -11.388 1.00 48.83 ? 232 HOH B O   1 
HETATM 1407 O O   . HOH H 3 .  ? 1.256   -15.326 -18.305 1.00 57.61 ? 233 HOH B O   1 
HETATM 1408 O O   . HOH H 3 .  ? -8.406  1.270   7.498   1.00 56.12 ? 234 HOH B O   1 
HETATM 1409 O O   . HOH H 3 .  ? -15.746 -7.915  -14.689 1.00 47.78 ? 235 HOH B O   1 
HETATM 1410 O O   . HOH H 3 .  ? -20.945 8.491   -1.887  1.00 59.04 ? 236 HOH B O   1 
HETATM 1411 O O   . HOH H 3 .  ? -4.999  -4.270  1.097   1.00 48.80 ? 237 HOH B O   1 
HETATM 1412 O O   . HOH H 3 .  ? -3.653  9.559   -14.894 1.00 44.95 ? 238 HOH B O   1 
HETATM 1413 O O   . HOH H 3 .  ? 4.826   -7.891  0.634   1.00 50.87 ? 239 HOH B O   1 
HETATM 1414 O O   . HOH H 3 .  ? -6.225  -5.683  -26.795 1.00 59.88 ? 240 HOH B O   1 
HETATM 1415 O O   . HOH H 3 .  ? -16.150 0.515   -16.676 1.00 41.81 ? 241 HOH B O   1 
HETATM 1416 O O   . HOH H 3 .  ? -3.358  8.148   -10.264 1.00 60.51 ? 242 HOH B O   1 
HETATM 1417 O O   . HOH H 3 .  ? 8.935   18.682  5.258   1.00 67.03 ? 243 HOH B O   1 
HETATM 1418 O O   . HOH H 3 .  ? -2.100  5.756   -9.778  1.00 52.79 ? 244 HOH B O   1 
HETATM 1419 O O   . HOH H 3 .  ? 3.033   8.593   -24.195 1.00 71.76 ? 245 HOH B O   1 
# 
